data_1WOK
#
_entry.id   1WOK
#
_cell.length_a   90.050
_cell.length_b   77.080
_cell.length_c   113.720
_cell.angle_alpha   90.00
_cell.angle_beta   117.43
_cell.angle_gamma   90.00
#
_symmetry.space_group_name_H-M   'P 1 21 1'
#
loop_
_entity.id
_entity.type
_entity.pdbx_description
1 polymer 'Poly [ADP-ribose] polymerase-1'
2 non-polymer 3-(4-CHLOROPHENYL)QUINOXALINE-5-CARBOXAMIDE
#
_entity_poly.entity_id   1
_entity_poly.type   'polypeptide(L)'
_entity_poly.pdbx_seq_one_letter_code
;KSKLPKPVQDLIKMIFDVESMKKAMVEYEIDLQKMPLGKLSKRQIQAAYSILSEVQQAVSQGSSDSQILDLSNRFYTLIP
HDFGMKKPPLLNNADSVQAKVEMLDNLLDIEVAYSLLRGGSDDSSKDPIDVNYEKLKTDIKVVDRDSEEAEIIRKYVKNT
HATTHNAYDLEVIDIFKIEREGECQRYKPFKQLHNRRLLWHGSRTTNFAGILSQGLRIAPPEAPVTGYMFGKGIYFADMV
SKSANYCHTSQGDPIGLILLGEVALGNMYELKHASHISKLPKGKHSVKGLGKTTPDPSANISLDGVDVPLGTGISSGVND
TSLLYNEYIVYDIAQVNLKYLLKLKFNFKT
;
_entity_poly.pdbx_strand_id   A,B,C,D
#
loop_
_chem_comp.id
_chem_comp.type
_chem_comp.name
_chem_comp.formula
CNQ non-polymer 3-(4-CHLOROPHENYL)QUINOXALINE-5-CARBOXAMIDE 'C15 H10 Cl N3 O'
#
# COMPACT_ATOMS: atom_id res chain seq x y z
N LYS A 1 -2.28 -55.15 36.71
CA LYS A 1 -2.72 -54.21 35.64
C LYS A 1 -2.79 -52.77 36.15
N SER A 2 -3.39 -51.91 35.34
CA SER A 2 -3.54 -50.50 35.70
C SER A 2 -4.84 -50.28 36.49
N LYS A 3 -4.79 -49.41 37.48
CA LYS A 3 -5.97 -49.12 38.30
C LYS A 3 -6.68 -47.87 37.74
N LEU A 4 -6.14 -47.33 36.65
CA LEU A 4 -6.72 -46.14 36.05
C LEU A 4 -7.90 -46.57 35.20
N PRO A 5 -8.90 -45.69 35.05
CA PRO A 5 -10.05 -46.08 34.23
C PRO A 5 -9.57 -46.33 32.80
N LYS A 6 -10.08 -47.38 32.17
CA LYS A 6 -9.69 -47.72 30.81
C LYS A 6 -9.49 -46.54 29.85
N PRO A 7 -10.46 -45.60 29.81
CA PRO A 7 -10.31 -44.45 28.91
C PRO A 7 -8.97 -43.73 29.07
N VAL A 8 -8.55 -43.54 30.32
CA VAL A 8 -7.29 -42.87 30.58
C VAL A 8 -6.21 -43.78 30.03
N GLN A 9 -6.32 -45.06 30.36
CA GLN A 9 -5.34 -46.04 29.91
C GLN A 9 -5.12 -45.93 28.42
N ASP A 10 -6.19 -45.64 27.70
CA ASP A 10 -6.10 -45.50 26.25
C ASP A 10 -5.31 -44.26 25.88
N LEU A 11 -5.54 -43.13 26.56
CA LEU A 11 -4.80 -41.94 26.18
C LEU A 11 -3.31 -42.05 26.47
N ILE A 12 -2.96 -42.66 27.59
CA ILE A 12 -1.54 -42.83 27.93
C ILE A 12 -0.81 -43.61 26.85
N LYS A 13 -1.34 -44.78 26.53
CA LYS A 13 -0.75 -45.62 25.51
C LYS A 13 -0.72 -44.90 24.16
N MET A 14 -1.82 -44.25 23.83
CA MET A 14 -1.93 -43.51 22.58
C MET A 14 -0.81 -42.46 22.44
N ILE A 15 -0.70 -41.59 23.43
CA ILE A 15 0.32 -40.55 23.40
C ILE A 15 1.70 -41.08 23.76
N PHE A 16 1.91 -42.39 23.62
CA PHE A 16 3.21 -42.97 23.92
C PHE A 16 3.56 -44.06 22.94
N ASP A 17 2.73 -44.21 21.91
CA ASP A 17 2.99 -45.23 20.91
C ASP A 17 4.22 -44.84 20.09
N VAL A 18 5.32 -45.51 20.39
CA VAL A 18 6.60 -45.28 19.73
C VAL A 18 6.52 -45.52 18.22
N GLU A 19 5.46 -46.17 17.78
CA GLU A 19 5.31 -46.42 16.35
C GLU A 19 4.76 -45.14 15.72
N SER A 20 3.70 -44.59 16.31
CA SER A 20 3.11 -43.38 15.78
C SER A 20 4.13 -42.24 15.88
N MET A 21 5.17 -42.47 16.68
CA MET A 21 6.22 -41.47 16.79
C MET A 21 6.99 -41.54 15.50
N LYS A 22 7.45 -42.74 15.15
CA LYS A 22 8.18 -42.95 13.90
C LYS A 22 7.36 -42.53 12.69
N LYS A 23 6.07 -42.82 12.72
CA LYS A 23 5.21 -42.43 11.61
C LYS A 23 5.37 -40.92 11.41
N ALA A 24 5.57 -40.21 12.51
CA ALA A 24 5.75 -38.76 12.45
C ALA A 24 7.02 -38.40 11.70
N MET A 25 8.14 -38.97 12.15
CA MET A 25 9.46 -38.77 11.56
C MET A 25 9.45 -38.95 10.03
N VAL A 26 8.74 -39.97 9.57
CA VAL A 26 8.64 -40.26 8.16
C VAL A 26 7.74 -39.26 7.46
N GLU A 27 6.75 -38.74 8.17
CA GLU A 27 5.81 -37.79 7.60
C GLU A 27 6.60 -36.59 7.07
N TYR A 28 7.74 -36.35 7.69
CA TYR A 28 8.61 -35.24 7.32
C TYR A 28 9.78 -35.68 6.47
N GLU A 29 9.72 -36.91 5.95
CA GLU A 29 10.78 -37.44 5.11
C GLU A 29 12.09 -37.62 5.87
N ILE A 30 12.05 -37.50 7.20
CA ILE A 30 13.25 -37.67 8.01
C ILE A 30 13.79 -39.06 7.80
N ASP A 31 15.09 -39.18 7.56
CA ASP A 31 15.69 -40.48 7.34
C ASP A 31 15.90 -41.24 8.65
N LEU A 32 14.98 -42.15 8.97
CA LEU A 32 15.10 -42.93 10.19
C LEU A 32 16.37 -43.76 10.22
N GLN A 33 16.89 -44.09 9.04
CA GLN A 33 18.11 -44.86 8.94
C GLN A 33 19.23 -44.14 9.67
N LYS A 34 19.53 -42.93 9.21
CA LYS A 34 20.59 -42.12 9.80
C LYS A 34 20.06 -41.12 10.82
N MET A 35 18.79 -41.25 11.21
CA MET A 35 18.20 -40.34 12.19
C MET A 35 17.03 -41.01 12.89
N PRO A 36 17.32 -41.84 13.90
CA PRO A 36 16.35 -42.59 14.70
C PRO A 36 15.96 -41.93 16.02
N LEU A 37 14.70 -42.06 16.40
CA LEU A 37 14.19 -41.50 17.66
C LEU A 37 15.29 -41.40 18.72
N GLY A 38 15.69 -42.56 19.22
CA GLY A 38 16.71 -42.62 20.24
C GLY A 38 17.89 -41.70 20.02
N LYS A 39 18.10 -41.26 18.78
CA LYS A 39 19.22 -40.38 18.51
C LYS A 39 18.87 -38.88 18.57
N LEU A 40 17.57 -38.57 18.58
CA LEU A 40 17.10 -37.18 18.67
C LEU A 40 17.78 -36.50 19.86
N SER A 41 17.71 -35.17 19.91
CA SER A 41 18.35 -34.43 20.99
C SER A 41 17.92 -32.97 21.08
N LYS A 42 17.72 -32.51 22.30
CA LYS A 42 17.30 -31.14 22.52
C LYS A 42 18.24 -30.17 21.80
N ARG A 43 19.55 -30.34 22.04
CA ARG A 43 20.58 -29.50 21.43
C ARG A 43 20.50 -29.50 19.91
N GLN A 44 20.40 -30.68 19.34
CA GLN A 44 20.33 -30.83 17.89
C GLN A 44 19.21 -29.98 17.29
N ILE A 45 17.97 -30.33 17.60
CA ILE A 45 16.82 -29.60 17.07
C ILE A 45 17.02 -28.09 17.20
N GLN A 46 17.42 -27.67 18.39
CA GLN A 46 17.64 -26.26 18.65
C GLN A 46 18.60 -25.65 17.63
N ALA A 47 19.74 -26.29 17.42
CA ALA A 47 20.71 -25.77 16.46
C ALA A 47 20.10 -25.59 15.07
N ALA A 48 19.17 -26.46 14.70
CA ALA A 48 18.54 -26.35 13.39
C ALA A 48 17.61 -25.14 13.39
N TYR A 49 17.09 -24.80 14.58
CA TYR A 49 16.21 -23.64 14.71
C TYR A 49 17.01 -22.40 14.30
N SER A 50 18.21 -22.28 14.85
CA SER A 50 19.07 -21.16 14.54
C SER A 50 19.28 -21.08 13.02
N ILE A 51 19.60 -22.21 12.41
CA ILE A 51 19.80 -22.28 10.97
C ILE A 51 18.53 -21.81 10.28
N LEU A 52 17.40 -22.38 10.65
CA LEU A 52 16.12 -22.00 10.06
C LEU A 52 15.90 -20.50 10.04
N SER A 53 16.27 -19.83 11.12
CA SER A 53 16.09 -18.38 11.16
C SER A 53 17.17 -17.70 10.34
N GLU A 54 18.28 -18.40 10.08
CA GLU A 54 19.36 -17.84 9.29
C GLU A 54 18.85 -17.70 7.89
N VAL A 55 18.00 -18.65 7.49
CA VAL A 55 17.41 -18.65 6.16
C VAL A 55 16.45 -17.47 6.04
N GLN A 56 15.85 -17.12 7.17
CA GLN A 56 14.91 -16.00 7.26
C GLN A 56 15.66 -14.69 7.03
N GLN A 57 16.51 -14.35 7.99
CA GLN A 57 17.28 -13.11 7.89
C GLN A 57 17.93 -12.96 6.52
N ALA A 58 18.68 -13.98 6.10
CA ALA A 58 19.35 -13.95 4.81
C ALA A 58 18.40 -13.83 3.62
N VAL A 59 17.14 -14.21 3.80
CA VAL A 59 16.19 -14.12 2.70
C VAL A 59 15.48 -12.77 2.67
N SER A 60 15.14 -12.24 3.84
CA SER A 60 14.45 -10.96 3.92
C SER A 60 15.43 -9.79 3.86
N GLN A 61 16.71 -10.11 3.92
CA GLN A 61 17.77 -9.10 3.84
C GLN A 61 18.56 -9.33 2.56
N GLY A 62 18.08 -10.26 1.73
CA GLY A 62 18.75 -10.58 0.48
C GLY A 62 20.13 -11.18 0.73
N SER A 63 20.85 -11.50 -0.34
CA SER A 63 22.19 -12.07 -0.21
C SER A 63 22.74 -12.54 -1.54
N SER A 64 22.21 -13.66 -2.02
CA SER A 64 22.61 -14.25 -3.28
C SER A 64 22.08 -15.68 -3.30
N ASP A 65 22.57 -16.48 -4.25
CA ASP A 65 22.12 -17.87 -4.39
C ASP A 65 23.01 -18.85 -3.65
N SER A 66 24.32 -18.67 -3.78
CA SER A 66 25.26 -19.55 -3.14
C SER A 66 25.02 -19.78 -1.66
N GLN A 67 24.59 -18.74 -0.94
CA GLN A 67 24.34 -18.88 0.48
C GLN A 67 23.07 -19.67 0.80
N ILE A 68 21.98 -19.37 0.10
CA ILE A 68 20.77 -20.11 0.37
C ILE A 68 21.05 -21.60 0.26
N LEU A 69 21.84 -21.97 -0.74
CA LEU A 69 22.20 -23.36 -0.97
C LEU A 69 23.01 -23.98 0.18
N ASP A 70 23.92 -23.21 0.76
CA ASP A 70 24.74 -23.71 1.85
C ASP A 70 24.00 -23.93 3.16
N LEU A 71 23.02 -23.07 3.45
CA LEU A 71 22.25 -23.19 4.68
C LEU A 71 21.35 -24.42 4.64
N SER A 72 20.77 -24.69 3.48
CA SER A 72 19.90 -25.86 3.36
C SER A 72 20.77 -27.07 3.62
N ASN A 73 21.90 -27.13 2.92
CA ASN A 73 22.84 -28.23 3.09
C ASN A 73 23.05 -28.41 4.59
N ARG A 74 23.48 -27.35 5.27
CA ARG A 74 23.70 -27.39 6.70
C ARG A 74 22.47 -27.85 7.50
N PHE A 75 21.27 -27.58 6.98
CA PHE A 75 20.05 -27.99 7.69
C PHE A 75 19.86 -29.48 7.50
N TYR A 76 19.87 -29.92 6.25
CA TYR A 76 19.70 -31.33 5.96
C TYR A 76 20.87 -32.14 6.50
N THR A 77 22.05 -31.55 6.53
CA THR A 77 23.23 -32.24 7.03
C THR A 77 23.07 -32.49 8.53
N LEU A 78 22.15 -31.76 9.13
CA LEU A 78 21.88 -31.85 10.57
C LEU A 78 20.74 -32.83 10.81
N ILE A 79 19.59 -32.58 10.18
CA ILE A 79 18.43 -33.44 10.30
C ILE A 79 18.31 -34.26 9.01
N PRO A 80 18.96 -35.43 8.96
CA PRO A 80 18.91 -36.28 7.77
C PRO A 80 17.50 -36.55 7.22
N HIS A 81 17.37 -36.37 5.90
CA HIS A 81 16.12 -36.59 5.18
C HIS A 81 16.35 -37.64 4.07
N ASP A 82 15.28 -38.32 3.67
CA ASP A 82 15.36 -39.29 2.59
C ASP A 82 14.30 -38.90 1.59
N PHE A 83 14.69 -38.11 0.60
CA PHE A 83 13.77 -37.64 -0.42
C PHE A 83 13.66 -38.63 -1.57
N GLY A 84 13.60 -39.92 -1.23
CA GLY A 84 13.49 -40.98 -2.23
C GLY A 84 14.29 -40.78 -3.51
N MET A 85 13.60 -40.38 -4.57
CA MET A 85 14.23 -40.13 -5.86
C MET A 85 13.83 -38.75 -6.39
N LYS A 86 13.25 -37.93 -5.51
CA LYS A 86 12.83 -36.59 -5.90
C LYS A 86 13.94 -35.58 -5.68
N LYS A 87 13.71 -34.36 -6.16
CA LYS A 87 14.67 -33.27 -6.02
C LYS A 87 14.57 -32.65 -4.64
N PRO A 88 15.68 -32.73 -3.88
CA PRO A 88 15.75 -32.19 -2.52
C PRO A 88 15.24 -30.75 -2.44
N PRO A 89 14.08 -30.54 -1.81
CA PRO A 89 13.51 -29.19 -1.68
C PRO A 89 14.49 -28.14 -1.17
N LEU A 90 14.29 -26.91 -1.63
CA LEU A 90 15.12 -25.78 -1.24
C LEU A 90 14.28 -24.91 -0.32
N LEU A 91 14.89 -24.45 0.77
CA LEU A 91 14.18 -23.62 1.73
C LEU A 91 14.51 -22.15 1.54
N ASN A 92 13.51 -21.38 1.11
CA ASN A 92 13.67 -19.94 0.87
C ASN A 92 12.32 -19.26 0.59
N ASN A 93 11.31 -20.09 0.33
CA ASN A 93 9.96 -19.63 0.02
C ASN A 93 9.39 -18.70 1.08
N ALA A 94 10.17 -18.42 2.11
CA ALA A 94 9.74 -17.55 3.21
C ALA A 94 8.61 -18.21 4.00
N ASP A 95 8.16 -19.37 3.53
CA ASP A 95 7.09 -20.13 4.19
C ASP A 95 7.41 -21.62 3.98
N SER A 96 8.51 -21.87 3.28
CA SER A 96 8.99 -23.23 3.01
C SER A 96 9.72 -23.58 4.30
N VAL A 97 9.93 -22.55 5.09
CA VAL A 97 10.59 -22.65 6.38
C VAL A 97 9.51 -22.90 7.42
N GLN A 98 8.34 -22.35 7.18
CA GLN A 98 7.21 -22.51 8.10
C GLN A 98 6.95 -23.99 8.32
N ALA A 99 6.94 -24.75 7.22
CA ALA A 99 6.71 -26.18 7.29
C ALA A 99 7.78 -26.83 8.15
N LYS A 100 8.97 -26.21 8.17
CA LYS A 100 10.08 -26.71 8.97
C LYS A 100 9.92 -26.26 10.42
N VAL A 101 9.24 -25.13 10.63
CA VAL A 101 9.01 -24.65 11.99
C VAL A 101 8.16 -25.72 12.64
N GLU A 102 7.12 -26.12 11.91
CA GLU A 102 6.20 -27.15 12.37
C GLU A 102 6.98 -28.39 12.74
N MET A 103 7.76 -28.91 11.78
CA MET A 103 8.57 -30.11 12.04
C MET A 103 9.35 -29.98 13.35
N LEU A 104 10.28 -29.03 13.40
CA LEU A 104 11.08 -28.86 14.60
C LEU A 104 10.25 -28.74 15.87
N ASP A 105 9.08 -28.12 15.77
CA ASP A 105 8.25 -27.99 16.95
C ASP A 105 7.87 -29.38 17.42
N ASN A 106 7.39 -30.19 16.48
CA ASN A 106 6.97 -31.56 16.76
C ASN A 106 8.14 -32.35 17.35
N LEU A 107 9.27 -32.33 16.66
CA LEU A 107 10.47 -33.03 17.10
C LEU A 107 10.81 -32.83 18.57
N LEU A 108 10.61 -31.62 19.08
CA LEU A 108 10.94 -31.38 20.47
C LEU A 108 10.15 -32.27 21.38
N ASP A 109 8.83 -32.26 21.22
CA ASP A 109 7.98 -33.07 22.07
C ASP A 109 8.20 -34.55 21.83
N ILE A 110 8.14 -34.95 20.57
CA ILE A 110 8.37 -36.34 20.22
C ILE A 110 9.58 -36.83 20.98
N GLU A 111 10.61 -35.98 21.05
CA GLU A 111 11.84 -36.30 21.76
C GLU A 111 11.56 -36.40 23.24
N VAL A 112 10.83 -35.43 23.78
CA VAL A 112 10.48 -35.44 25.19
C VAL A 112 9.82 -36.76 25.58
N ALA A 113 8.76 -37.13 24.87
CA ALA A 113 8.04 -38.36 25.17
C ALA A 113 9.02 -39.51 25.35
N TYR A 114 9.76 -39.79 24.29
CA TYR A 114 10.72 -40.87 24.27
C TYR A 114 11.64 -40.80 25.49
N SER A 115 12.12 -39.61 25.83
CA SER A 115 12.99 -39.45 26.98
C SER A 115 12.30 -39.84 28.27
N LEU A 116 11.06 -39.40 28.48
CA LEU A 116 10.31 -39.73 29.70
C LEU A 116 10.03 -41.22 29.73
N LEU A 117 9.79 -41.76 28.56
CA LEU A 117 9.48 -43.16 28.38
C LEU A 117 10.66 -44.10 28.62
N ARG A 118 11.84 -43.55 28.88
CA ARG A 118 13.02 -44.39 29.12
C ARG A 118 13.70 -44.09 30.45
N GLY A 119 13.29 -43.01 31.11
CA GLY A 119 13.89 -42.66 32.39
C GLY A 119 13.25 -43.47 33.51
N GLY A 120 12.24 -44.25 33.14
CA GLY A 120 11.55 -45.08 34.10
C GLY A 120 10.77 -46.18 33.42
N SER A 121 11.48 -47.10 32.75
CA SER A 121 10.85 -48.21 32.05
C SER A 121 11.14 -49.58 32.66
N ASP A 122 12.38 -49.78 33.13
CA ASP A 122 12.76 -51.05 33.73
C ASP A 122 12.27 -51.19 35.18
N ASP A 123 10.99 -50.91 35.38
CA ASP A 123 10.38 -51.01 36.70
C ASP A 123 9.39 -52.18 36.70
N SER A 124 8.89 -52.54 37.88
CA SER A 124 7.94 -53.63 37.99
C SER A 124 6.91 -53.40 39.09
N SER A 125 5.65 -53.64 38.76
CA SER A 125 4.54 -53.48 39.68
C SER A 125 3.25 -53.61 38.87
N LYS A 126 2.86 -52.52 38.22
CA LYS A 126 1.67 -52.49 37.39
C LYS A 126 2.08 -52.21 35.94
N ASP A 127 1.13 -52.32 35.03
CA ASP A 127 1.41 -52.08 33.61
C ASP A 127 2.16 -50.75 33.47
N PRO A 128 3.14 -50.69 32.53
CA PRO A 128 3.92 -49.47 32.31
C PRO A 128 3.04 -48.23 32.15
N ILE A 129 1.73 -48.44 32.17
CA ILE A 129 0.79 -47.34 32.04
C ILE A 129 0.86 -46.46 33.28
N ASP A 130 0.61 -47.03 34.45
CA ASP A 130 0.64 -46.27 35.69
C ASP A 130 2.03 -45.69 35.85
N VAL A 131 2.98 -46.30 35.16
CA VAL A 131 4.37 -45.88 35.21
C VAL A 131 4.57 -44.62 34.38
N ASN A 132 3.91 -44.55 33.23
CA ASN A 132 4.05 -43.39 32.37
C ASN A 132 3.05 -42.31 32.82
N TYR A 133 1.91 -42.73 33.35
CA TYR A 133 0.92 -41.78 33.83
C TYR A 133 1.53 -40.83 34.85
N GLU A 134 2.27 -41.37 35.81
CA GLU A 134 2.86 -40.54 36.85
C GLU A 134 3.96 -39.62 36.28
N LYS A 135 4.61 -40.05 35.21
CA LYS A 135 5.67 -39.24 34.61
C LYS A 135 5.13 -37.93 34.05
N LEU A 136 3.88 -37.95 33.57
CA LEU A 136 3.22 -36.77 33.02
C LEU A 136 3.08 -35.74 34.14
N LYS A 137 2.99 -36.24 35.36
CA LYS A 137 2.87 -35.37 36.53
C LYS A 137 1.66 -34.47 36.40
N THR A 138 0.55 -35.04 35.95
CA THR A 138 -0.67 -34.28 35.77
C THR A 138 -1.86 -35.16 36.09
N ASP A 139 -2.70 -34.73 37.03
CA ASP A 139 -3.88 -35.51 37.36
C ASP A 139 -4.82 -35.52 36.15
N ILE A 140 -5.33 -36.71 35.80
CA ILE A 140 -6.26 -36.89 34.68
C ILE A 140 -7.52 -37.59 35.20
N LYS A 141 -8.70 -37.03 34.95
CA LYS A 141 -9.94 -37.65 35.40
C LYS A 141 -10.97 -37.57 34.30
N VAL A 142 -11.79 -38.61 34.18
CA VAL A 142 -12.81 -38.65 33.15
C VAL A 142 -14.03 -37.81 33.49
N VAL A 143 -14.52 -37.08 32.50
CA VAL A 143 -15.69 -36.24 32.66
C VAL A 143 -16.87 -37.06 32.18
N ASP A 144 -17.71 -37.47 33.12
CA ASP A 144 -18.87 -38.30 32.80
C ASP A 144 -19.64 -37.79 31.60
N ARG A 145 -19.88 -38.67 30.64
CA ARG A 145 -20.62 -38.31 29.43
C ARG A 145 -21.85 -37.43 29.72
N ASP A 146 -22.66 -37.79 30.72
CA ASP A 146 -23.84 -36.98 31.00
C ASP A 146 -23.60 -36.02 32.15
N SER A 147 -22.35 -35.65 32.33
CA SER A 147 -21.94 -34.69 33.35
C SER A 147 -22.31 -33.31 32.83
N GLU A 148 -22.90 -32.47 33.67
CA GLU A 148 -23.27 -31.13 33.22
C GLU A 148 -22.16 -30.46 32.39
N GLU A 149 -20.92 -30.52 32.85
CA GLU A 149 -19.80 -29.92 32.10
C GLU A 149 -19.78 -30.46 30.67
N ALA A 150 -20.06 -31.75 30.52
CA ALA A 150 -20.07 -32.41 29.22
C ALA A 150 -21.00 -31.73 28.23
N GLU A 151 -22.17 -31.32 28.71
CA GLU A 151 -23.13 -30.67 27.85
C GLU A 151 -22.62 -29.31 27.40
N ILE A 152 -21.78 -28.71 28.22
CA ILE A 152 -21.25 -27.40 27.87
C ILE A 152 -20.10 -27.52 26.88
N ILE A 153 -19.14 -28.40 27.17
CA ILE A 153 -18.03 -28.56 26.27
C ILE A 153 -18.55 -28.93 24.88
N ARG A 154 -19.45 -29.91 24.84
CA ARG A 154 -20.02 -30.35 23.57
C ARG A 154 -20.74 -29.20 22.84
N LYS A 155 -21.53 -28.43 23.58
CA LYS A 155 -22.25 -27.28 23.01
C LYS A 155 -21.22 -26.41 22.26
N TYR A 156 -20.15 -26.04 22.98
CA TYR A 156 -19.04 -25.24 22.46
C TYR A 156 -18.59 -25.75 21.08
N VAL A 157 -18.29 -27.05 21.02
CA VAL A 157 -17.86 -27.67 19.77
C VAL A 157 -18.84 -27.44 18.64
N LYS A 158 -20.01 -28.06 18.76
CA LYS A 158 -21.07 -27.97 17.75
C LYS A 158 -21.38 -26.56 17.31
N ASN A 159 -21.21 -25.61 18.23
CA ASN A 159 -21.49 -24.21 17.95
C ASN A 159 -20.33 -23.51 17.23
N THR A 160 -19.13 -23.64 17.81
CA THR A 160 -17.95 -23.00 17.26
C THR A 160 -17.25 -23.80 16.19
N HIS A 161 -18.03 -24.58 15.45
CA HIS A 161 -17.45 -25.36 14.37
C HIS A 161 -17.66 -24.53 13.09
N ALA A 162 -16.54 -24.05 12.53
CA ALA A 162 -16.56 -23.21 11.34
C ALA A 162 -17.26 -23.81 10.13
N THR A 163 -17.96 -22.96 9.40
CA THR A 163 -18.70 -23.36 8.21
C THR A 163 -17.78 -23.69 7.03
N THR A 164 -16.63 -23.03 6.93
CA THR A 164 -15.70 -23.30 5.84
C THR A 164 -14.96 -24.62 6.06
N HIS A 165 -15.15 -25.22 7.24
CA HIS A 165 -14.50 -26.49 7.55
C HIS A 165 -15.50 -27.63 7.36
N ASN A 166 -16.04 -27.72 6.15
CA ASN A 166 -17.01 -28.73 5.82
C ASN A 166 -16.43 -30.02 5.28
N ALA A 167 -15.13 -30.21 5.47
CA ALA A 167 -14.50 -31.45 4.99
C ALA A 167 -14.42 -32.51 6.08
N TYR A 168 -15.21 -32.35 7.15
CA TYR A 168 -15.25 -33.30 8.24
C TYR A 168 -16.16 -32.88 9.39
N ASP A 169 -16.82 -33.85 9.99
CA ASP A 169 -17.73 -33.61 11.10
C ASP A 169 -16.90 -33.83 12.39
N LEU A 170 -17.53 -33.70 13.55
CA LEU A 170 -16.83 -33.91 14.82
C LEU A 170 -17.67 -34.64 15.86
N GLU A 171 -17.06 -35.62 16.52
CA GLU A 171 -17.73 -36.37 17.58
C GLU A 171 -16.79 -36.50 18.77
N VAL A 172 -17.27 -36.12 19.96
CA VAL A 172 -16.48 -36.19 21.19
C VAL A 172 -16.41 -37.60 21.82
N ILE A 173 -15.39 -38.36 21.43
CA ILE A 173 -15.19 -39.72 21.96
C ILE A 173 -14.92 -39.73 23.46
N ASP A 174 -14.14 -38.76 23.93
CA ASP A 174 -13.82 -38.66 25.34
C ASP A 174 -13.59 -37.25 25.83
N ILE A 175 -13.82 -37.06 27.12
CA ILE A 175 -13.64 -35.77 27.75
C ILE A 175 -12.85 -35.97 29.01
N PHE A 176 -11.79 -35.20 29.19
CA PHE A 176 -10.97 -35.33 30.37
C PHE A 176 -10.80 -33.99 31.06
N LYS A 177 -10.61 -34.04 32.37
CA LYS A 177 -10.39 -32.87 33.20
C LYS A 177 -8.98 -33.01 33.76
N ILE A 178 -8.02 -32.34 33.14
CA ILE A 178 -6.64 -32.48 33.59
C ILE A 178 -6.19 -31.33 34.48
N GLU A 179 -5.17 -31.59 35.29
CA GLU A 179 -4.66 -30.57 36.20
C GLU A 179 -3.13 -30.66 36.39
N ARG A 180 -2.38 -30.09 35.46
CA ARG A 180 -0.92 -30.11 35.55
C ARG A 180 -0.37 -29.63 36.88
N GLU A 181 0.46 -30.45 37.50
CA GLU A 181 1.08 -30.14 38.77
C GLU A 181 1.89 -28.83 38.68
N GLY A 182 1.66 -27.94 39.64
CA GLY A 182 2.37 -26.67 39.68
C GLY A 182 1.73 -25.51 38.95
N GLU A 183 1.13 -25.78 37.80
CA GLU A 183 0.50 -24.75 36.98
C GLU A 183 -0.61 -23.95 37.67
N CYS A 184 -1.17 -24.49 38.74
CA CYS A 184 -2.24 -23.79 39.45
C CYS A 184 -1.77 -22.52 40.16
N GLN A 185 -0.51 -22.47 40.57
CA GLN A 185 -0.02 -21.31 41.28
C GLN A 185 0.86 -20.36 40.49
N ARG A 186 1.53 -20.87 39.45
CA ARG A 186 2.36 -20.01 38.61
C ARG A 186 1.41 -19.17 37.76
N TYR A 187 0.12 -19.50 37.85
CA TYR A 187 -0.91 -18.81 37.11
C TYR A 187 -1.67 -17.83 38.03
N LYS A 188 -1.77 -18.19 39.30
CA LYS A 188 -2.46 -17.38 40.30
C LYS A 188 -2.30 -15.85 40.14
N PRO A 189 -1.06 -15.36 39.95
CA PRO A 189 -0.74 -13.94 39.78
C PRO A 189 -1.43 -13.29 38.60
N PHE A 190 -1.83 -14.11 37.63
CA PHE A 190 -2.50 -13.61 36.45
C PHE A 190 -4.01 -13.79 36.58
N LYS A 191 -4.44 -14.39 37.68
CA LYS A 191 -5.86 -14.62 37.89
C LYS A 191 -6.51 -13.29 38.29
N GLN A 192 -5.69 -12.25 38.38
CA GLN A 192 -6.16 -10.92 38.75
C GLN A 192 -6.49 -10.09 37.52
N LEU A 193 -5.86 -10.47 36.41
CA LEU A 193 -6.08 -9.82 35.13
C LEU A 193 -7.58 -9.91 34.79
N HIS A 194 -7.99 -9.34 33.67
CA HIS A 194 -9.39 -9.42 33.29
C HIS A 194 -9.46 -10.10 31.93
N ASN A 195 -10.62 -10.64 31.60
CA ASN A 195 -10.81 -11.32 30.33
C ASN A 195 -10.15 -12.67 30.27
N ARG A 196 -10.32 -13.44 31.34
CA ARG A 196 -9.81 -14.78 31.41
C ARG A 196 -10.93 -15.59 30.75
N ARG A 197 -10.60 -16.47 29.80
CA ARG A 197 -11.66 -17.22 29.12
C ARG A 197 -11.24 -18.61 28.57
N LEU A 198 -12.23 -19.44 28.26
CA LEU A 198 -11.95 -20.75 27.71
C LEU A 198 -11.69 -20.64 26.22
N LEU A 199 -10.49 -21.03 25.79
CA LEU A 199 -10.12 -20.99 24.37
C LEU A 199 -9.49 -22.30 23.94
N TRP A 200 -9.71 -22.66 22.68
CA TRP A 200 -9.20 -23.90 22.12
C TRP A 200 -7.74 -23.88 21.72
N HIS A 201 -7.15 -25.06 21.66
CA HIS A 201 -5.76 -25.23 21.25
C HIS A 201 -5.67 -26.62 20.68
N GLY A 202 -5.33 -26.71 19.40
CA GLY A 202 -5.20 -28.02 18.76
C GLY A 202 -3.79 -28.34 18.30
N SER A 203 -3.31 -29.53 18.65
CA SER A 203 -1.97 -29.95 18.25
C SER A 203 -1.90 -31.43 17.90
N ARG A 204 -0.70 -31.92 17.61
CA ARG A 204 -0.48 -33.31 17.24
C ARG A 204 -0.59 -34.27 18.43
N THR A 205 -1.03 -35.48 18.14
CA THR A 205 -1.17 -36.50 19.17
C THR A 205 0.22 -36.85 19.70
N THR A 206 1.15 -37.17 18.80
CA THR A 206 2.52 -37.50 19.22
C THR A 206 3.11 -36.31 19.96
N ASN A 207 2.39 -35.20 19.91
CA ASN A 207 2.87 -34.00 20.54
C ASN A 207 2.40 -33.82 21.97
N PHE A 208 1.30 -34.48 22.33
CA PHE A 208 0.75 -34.33 23.66
C PHE A 208 1.53 -34.81 24.89
N ALA A 209 2.35 -35.84 24.73
CA ALA A 209 3.12 -36.32 25.89
C ALA A 209 3.90 -35.19 26.55
N GLY A 210 4.57 -34.38 25.75
CA GLY A 210 5.34 -33.28 26.30
C GLY A 210 4.48 -32.12 26.77
N ILE A 211 3.38 -31.89 26.05
CA ILE A 211 2.47 -30.79 26.37
C ILE A 211 1.91 -30.95 27.77
N LEU A 212 1.55 -32.17 28.16
CA LEU A 212 1.02 -32.37 29.48
C LEU A 212 2.12 -32.34 30.52
N SER A 213 3.34 -32.68 30.12
CA SER A 213 4.42 -32.67 31.09
C SER A 213 5.11 -31.33 31.18
N GLN A 214 5.13 -30.55 30.10
CA GLN A 214 5.79 -29.24 30.12
C GLN A 214 4.78 -28.08 29.96
N GLY A 215 3.53 -28.42 29.68
CA GLY A 215 2.53 -27.39 29.50
C GLY A 215 2.77 -26.77 28.14
N LEU A 216 1.81 -26.00 27.61
CA LEU A 216 1.98 -25.36 26.30
C LEU A 216 3.10 -24.32 26.46
N ARG A 217 4.10 -24.36 25.58
CA ARG A 217 5.25 -23.48 25.64
C ARG A 217 5.50 -22.65 24.38
N ILE A 218 6.32 -21.60 24.47
CA ILE A 218 6.59 -20.77 23.29
C ILE A 218 7.88 -21.17 22.56
N ALA A 219 7.85 -21.09 21.23
CA ALA A 219 9.01 -21.44 20.42
C ALA A 219 10.28 -20.92 21.06
N PRO A 220 11.34 -21.71 21.01
CA PRO A 220 12.64 -21.35 21.57
C PRO A 220 13.18 -20.03 21.06
N PRO A 221 14.28 -19.55 21.67
CA PRO A 221 14.97 -18.30 21.33
C PRO A 221 15.60 -18.46 19.94
N GLU A 222 16.18 -19.63 19.72
CA GLU A 222 16.80 -19.95 18.44
C GLU A 222 15.80 -19.81 17.30
N ALA A 223 14.57 -20.23 17.55
CA ALA A 223 13.49 -20.18 16.56
C ALA A 223 13.19 -18.81 15.95
N PRO A 224 12.83 -18.79 14.66
CA PRO A 224 12.50 -17.63 13.82
C PRO A 224 11.06 -17.09 13.91
N VAL A 225 10.92 -15.78 14.11
CA VAL A 225 9.61 -15.14 14.20
C VAL A 225 8.81 -15.36 12.93
N THR A 226 9.50 -15.33 11.80
CA THR A 226 8.87 -15.52 10.49
C THR A 226 7.97 -16.74 10.42
N GLY A 227 8.18 -17.69 11.32
CA GLY A 227 7.38 -18.90 11.32
C GLY A 227 5.96 -18.68 11.81
N TYR A 228 5.73 -17.56 12.49
CA TYR A 228 4.40 -17.24 13.04
C TYR A 228 3.81 -15.94 12.50
N MET A 229 2.49 -15.83 12.56
CA MET A 229 1.78 -14.65 12.06
C MET A 229 1.82 -13.43 12.98
N PHE A 230 1.83 -13.64 14.29
CA PHE A 230 1.90 -12.53 15.22
C PHE A 230 3.04 -12.71 16.20
N GLY A 231 4.09 -13.39 15.76
CA GLY A 231 5.25 -13.61 16.63
C GLY A 231 5.17 -14.81 17.59
N LYS A 232 6.33 -15.20 18.09
CA LYS A 232 6.41 -16.32 19.00
C LYS A 232 5.57 -16.12 20.26
N GLY A 233 4.57 -16.96 20.42
CA GLY A 233 3.73 -16.89 21.59
C GLY A 233 2.89 -18.14 21.61
N ILE A 234 1.89 -18.20 22.48
CA ILE A 234 1.04 -19.36 22.50
C ILE A 234 -0.26 -18.94 21.83
N TYR A 235 -0.71 -19.72 20.85
CA TYR A 235 -1.93 -19.39 20.13
C TYR A 235 -3.17 -20.15 20.62
N PHE A 236 -4.33 -19.59 20.29
CA PHE A 236 -5.61 -20.17 20.68
C PHE A 236 -6.68 -19.74 19.70
N ALA A 237 -7.79 -20.48 19.69
CA ALA A 237 -8.91 -20.14 18.82
C ALA A 237 -10.20 -20.17 19.66
N ASP A 238 -11.31 -19.77 19.07
CA ASP A 238 -12.62 -19.83 19.74
C ASP A 238 -13.54 -20.52 18.74
N MET A 239 -12.91 -21.13 17.74
CA MET A 239 -13.63 -21.88 16.72
C MET A 239 -12.94 -23.24 16.75
N VAL A 240 -13.52 -24.17 17.50
CA VAL A 240 -12.88 -25.46 17.67
C VAL A 240 -12.33 -26.04 16.38
N SER A 241 -13.05 -25.83 15.28
CA SER A 241 -12.60 -26.30 13.98
C SER A 241 -11.24 -25.70 13.63
N LYS A 242 -11.03 -24.42 13.94
CA LYS A 242 -9.77 -23.76 13.64
C LYS A 242 -8.61 -24.49 14.32
N SER A 243 -8.81 -24.84 15.59
CA SER A 243 -7.82 -25.57 16.36
C SER A 243 -7.78 -27.03 15.92
N ALA A 244 -8.96 -27.56 15.55
CA ALA A 244 -9.04 -28.92 15.07
C ALA A 244 -8.02 -29.09 13.95
N ASN A 245 -8.13 -28.24 12.93
CA ASN A 245 -7.22 -28.30 11.79
C ASN A 245 -5.76 -28.51 12.14
N TYR A 246 -5.36 -28.12 13.33
CA TYR A 246 -3.97 -28.28 13.75
C TYR A 246 -3.64 -29.64 14.33
N CYS A 247 -4.61 -30.56 14.29
CA CYS A 247 -4.40 -31.91 14.81
C CYS A 247 -3.83 -32.77 13.68
N HIS A 248 -3.81 -32.20 12.48
CA HIS A 248 -3.30 -32.87 11.30
C HIS A 248 -3.72 -34.34 11.22
N THR A 249 -5.04 -34.56 11.21
CA THR A 249 -5.60 -35.91 11.10
C THR A 249 -5.93 -36.15 9.64
N SER A 250 -6.07 -37.41 9.27
CA SER A 250 -6.39 -37.77 7.90
C SER A 250 -7.33 -38.96 7.84
N GLN A 251 -7.77 -39.29 6.63
CA GLN A 251 -8.67 -40.40 6.41
C GLN A 251 -8.02 -41.67 6.96
N GLY A 252 -6.70 -41.61 7.17
CA GLY A 252 -5.98 -42.75 7.71
C GLY A 252 -5.95 -42.69 9.22
N ASP A 253 -5.54 -41.55 9.76
CA ASP A 253 -5.48 -41.32 11.21
C ASP A 253 -6.55 -40.27 11.54
N PRO A 254 -7.77 -40.73 11.91
CA PRO A 254 -8.91 -39.85 12.23
C PRO A 254 -9.08 -39.32 13.66
N ILE A 255 -8.41 -39.90 14.63
CA ILE A 255 -8.58 -39.45 16.01
C ILE A 255 -7.55 -38.40 16.38
N GLY A 256 -8.01 -37.35 17.06
CA GLY A 256 -7.11 -36.29 17.47
C GLY A 256 -7.36 -35.77 18.88
N LEU A 257 -6.42 -35.00 19.37
CA LEU A 257 -6.54 -34.40 20.71
C LEU A 257 -6.47 -32.88 20.68
N ILE A 258 -7.45 -32.24 21.33
CA ILE A 258 -7.51 -30.78 21.40
C ILE A 258 -7.70 -30.34 22.85
N LEU A 259 -7.14 -29.19 23.20
CA LEU A 259 -7.24 -28.70 24.57
C LEU A 259 -8.17 -27.50 24.76
N LEU A 260 -8.61 -27.30 26.01
CA LEU A 260 -9.44 -26.17 26.39
C LEU A 260 -8.69 -25.60 27.58
N GLY A 261 -8.25 -24.35 27.47
CA GLY A 261 -7.52 -23.74 28.55
C GLY A 261 -8.09 -22.38 28.87
N GLU A 262 -7.91 -21.91 30.10
CA GLU A 262 -8.42 -20.60 30.43
C GLU A 262 -7.22 -19.67 30.36
N VAL A 263 -7.21 -18.79 29.37
CA VAL A 263 -6.13 -17.85 29.21
C VAL A 263 -6.49 -16.50 29.83
N ALA A 264 -5.48 -15.85 30.41
CA ALA A 264 -5.65 -14.55 31.04
C ALA A 264 -5.16 -13.50 30.03
N LEU A 265 -6.10 -12.94 29.27
CA LEU A 265 -5.78 -11.97 28.23
C LEU A 265 -5.59 -10.53 28.70
N GLY A 266 -6.44 -10.06 29.60
CA GLY A 266 -6.32 -8.70 30.08
C GLY A 266 -6.63 -7.70 28.99
N ASN A 267 -5.72 -6.75 28.80
CA ASN A 267 -5.89 -5.68 27.81
C ASN A 267 -5.29 -6.03 26.45
N MET A 268 -6.17 -6.45 25.53
CA MET A 268 -5.75 -6.86 24.18
C MET A 268 -5.39 -5.78 23.16
N TYR A 269 -4.24 -5.96 22.52
CA TYR A 269 -3.73 -5.08 21.46
C TYR A 269 -4.30 -5.73 20.19
N GLU A 270 -5.54 -5.39 19.86
CA GLU A 270 -6.25 -5.98 18.72
C GLU A 270 -5.80 -5.52 17.36
N LEU A 271 -5.34 -6.47 16.56
CA LEU A 271 -4.87 -6.20 15.21
C LEU A 271 -5.78 -6.90 14.20
N LYS A 272 -5.49 -6.72 12.91
CA LYS A 272 -6.32 -7.32 11.88
C LYS A 272 -5.54 -7.47 10.59
N HIS A 273 -4.22 -7.51 10.73
CA HIS A 273 -3.32 -7.62 9.59
C HIS A 273 -2.02 -8.27 10.08
N ALA A 274 -1.62 -9.36 9.44
CA ALA A 274 -0.39 -10.09 9.81
C ALA A 274 0.74 -9.17 10.26
N SER A 275 1.25 -9.43 11.47
CA SER A 275 2.33 -8.63 12.05
C SER A 275 3.18 -9.42 13.06
N HIS A 276 4.48 -9.48 12.82
CA HIS A 276 5.37 -10.20 13.72
C HIS A 276 5.79 -9.32 14.90
N ILE A 277 4.97 -9.36 15.96
CA ILE A 277 5.20 -8.58 17.18
C ILE A 277 6.52 -8.88 17.87
N SER A 278 7.03 -7.87 18.56
CA SER A 278 8.28 -7.99 19.31
C SER A 278 7.96 -7.46 20.71
N LYS A 279 7.57 -6.19 20.78
CA LYS A 279 7.21 -5.58 22.06
C LYS A 279 5.69 -5.42 22.11
N LEU A 280 5.14 -5.50 23.30
CA LEU A 280 3.69 -5.38 23.45
C LEU A 280 3.35 -3.99 23.99
N PRO A 281 2.68 -3.15 23.17
CA PRO A 281 2.27 -1.80 23.53
C PRO A 281 1.90 -1.70 25.01
N LYS A 282 2.42 -0.67 25.68
CA LYS A 282 2.17 -0.49 27.09
C LYS A 282 0.72 -0.61 27.49
N GLY A 283 0.51 -1.41 28.52
CA GLY A 283 -0.84 -1.64 29.02
C GLY A 283 -1.43 -2.87 28.39
N LYS A 284 -0.83 -3.34 27.30
CA LYS A 284 -1.33 -4.51 26.60
C LYS A 284 -0.76 -5.80 27.17
N HIS A 285 -1.60 -6.82 27.26
CA HIS A 285 -1.24 -8.12 27.82
C HIS A 285 -1.21 -9.19 26.75
N SER A 286 -2.32 -9.29 26.01
CA SER A 286 -2.48 -10.28 24.96
C SER A 286 -2.58 -9.63 23.58
N VAL A 287 -2.96 -10.42 22.58
CA VAL A 287 -3.10 -9.95 21.21
C VAL A 287 -4.30 -10.66 20.63
N LYS A 288 -5.11 -9.96 19.86
CA LYS A 288 -6.31 -10.57 19.29
C LYS A 288 -6.41 -10.36 17.80
N GLY A 289 -6.58 -11.47 17.08
CA GLY A 289 -6.72 -11.41 15.64
C GLY A 289 -8.21 -11.27 15.36
N LEU A 290 -8.59 -10.28 14.56
CA LEU A 290 -9.98 -10.07 14.24
C LEU A 290 -10.36 -10.91 13.02
N GLY A 291 -11.51 -11.56 13.08
CA GLY A 291 -11.95 -12.39 11.97
C GLY A 291 -13.20 -11.87 11.32
N LYS A 292 -13.42 -12.28 10.07
CA LYS A 292 -14.60 -11.86 9.32
C LYS A 292 -15.88 -12.41 9.96
N THR A 293 -15.76 -13.58 10.54
CA THR A 293 -16.89 -14.23 11.21
C THR A 293 -16.46 -14.48 12.66
N THR A 294 -17.38 -14.40 13.61
CA THR A 294 -17.04 -14.60 15.02
C THR A 294 -18.20 -15.08 15.88
N PRO A 295 -17.91 -15.87 16.90
CA PRO A 295 -18.93 -16.41 17.80
C PRO A 295 -19.84 -15.29 18.27
N ASP A 296 -21.13 -15.50 18.08
CA ASP A 296 -22.12 -14.51 18.47
C ASP A 296 -21.75 -13.87 19.82
N PRO A 297 -21.41 -12.57 19.79
CA PRO A 297 -21.04 -11.86 21.01
C PRO A 297 -22.07 -11.84 22.16
N SER A 298 -23.36 -11.83 21.82
CA SER A 298 -24.39 -11.81 22.85
C SER A 298 -24.84 -13.21 23.32
N ALA A 299 -23.97 -14.18 23.11
CA ALA A 299 -24.24 -15.57 23.50
C ALA A 299 -23.26 -16.04 24.58
N ASN A 300 -22.30 -15.18 24.92
CA ASN A 300 -21.30 -15.50 25.92
C ASN A 300 -21.90 -16.17 27.15
N ILE A 301 -21.19 -17.15 27.70
CA ILE A 301 -21.67 -17.87 28.88
C ILE A 301 -20.57 -17.93 29.93
N SER A 302 -20.59 -16.92 30.81
CA SER A 302 -19.60 -16.79 31.88
C SER A 302 -19.72 -17.87 32.94
N LEU A 303 -18.58 -18.20 33.54
CA LEU A 303 -18.51 -19.19 34.61
C LEU A 303 -17.63 -18.60 35.69
N ASP A 304 -18.08 -17.51 36.29
CA ASP A 304 -17.32 -16.84 37.33
C ASP A 304 -16.01 -16.30 36.78
N GLY A 305 -16.02 -15.06 36.31
CA GLY A 305 -14.82 -14.44 35.79
C GLY A 305 -14.36 -14.96 34.44
N VAL A 306 -14.49 -16.27 34.22
CA VAL A 306 -14.07 -16.90 32.97
C VAL A 306 -15.19 -16.92 31.94
N ASP A 307 -15.03 -16.11 30.91
CA ASP A 307 -16.04 -16.03 29.86
C ASP A 307 -15.91 -17.18 28.86
N VAL A 308 -17.04 -17.61 28.32
CA VAL A 308 -17.04 -18.70 27.35
C VAL A 308 -17.84 -18.37 26.09
N PRO A 309 -17.15 -18.31 24.93
CA PRO A 309 -17.64 -18.02 23.58
C PRO A 309 -18.30 -19.23 22.92
N LEU A 310 -19.42 -19.68 23.46
CA LEU A 310 -20.08 -20.82 22.86
C LEU A 310 -21.19 -20.41 21.91
N GLY A 311 -21.28 -19.11 21.65
CA GLY A 311 -22.32 -18.63 20.77
C GLY A 311 -22.01 -18.97 19.33
N THR A 312 -23.02 -19.38 18.55
CA THR A 312 -22.81 -19.70 17.15
C THR A 312 -21.95 -18.60 16.54
N GLY A 313 -21.28 -18.93 15.43
CA GLY A 313 -20.44 -17.94 14.78
C GLY A 313 -21.17 -17.16 13.72
N ILE A 314 -21.17 -15.84 13.84
CA ILE A 314 -21.84 -15.00 12.85
C ILE A 314 -20.81 -13.99 12.34
N SER A 315 -21.28 -12.92 11.71
CA SER A 315 -20.35 -11.92 11.19
C SER A 315 -20.15 -10.67 12.05
N SER A 316 -18.95 -10.11 11.97
CA SER A 316 -18.63 -8.88 12.69
C SER A 316 -18.33 -7.81 11.64
N GLY A 317 -18.54 -6.56 12.02
CA GLY A 317 -18.31 -5.46 11.11
C GLY A 317 -16.99 -5.48 10.35
N VAL A 318 -15.91 -5.88 11.03
CA VAL A 318 -14.60 -5.90 10.40
C VAL A 318 -14.62 -6.54 9.02
N ASN A 319 -14.11 -5.82 8.01
CA ASN A 319 -14.09 -6.33 6.64
C ASN A 319 -12.73 -6.22 5.95
N ASP A 320 -11.83 -5.46 6.56
CA ASP A 320 -10.51 -5.29 5.98
C ASP A 320 -9.48 -6.20 6.64
N THR A 321 -9.90 -6.89 7.68
CA THR A 321 -9.02 -7.81 8.39
C THR A 321 -8.51 -8.87 7.43
N SER A 322 -7.30 -9.36 7.66
CA SER A 322 -6.69 -10.38 6.80
C SER A 322 -7.14 -11.80 7.19
N LEU A 323 -7.70 -11.94 8.38
CA LEU A 323 -8.15 -13.22 8.92
C LEU A 323 -9.60 -13.58 8.62
N LEU A 324 -9.87 -14.88 8.65
CA LEU A 324 -11.19 -15.42 8.41
C LEU A 324 -11.86 -15.71 9.77
N TYR A 325 -11.03 -15.87 10.79
CA TYR A 325 -11.49 -16.19 12.14
C TYR A 325 -10.60 -15.52 13.18
N ASN A 326 -11.13 -15.35 14.38
CA ASN A 326 -10.35 -14.73 15.46
C ASN A 326 -9.09 -15.56 15.78
N GLU A 327 -8.32 -15.08 16.76
CA GLU A 327 -7.08 -15.73 17.17
C GLU A 327 -6.66 -15.11 18.52
N TYR A 328 -5.86 -15.84 19.28
CA TYR A 328 -5.45 -15.36 20.58
C TYR A 328 -4.01 -15.70 20.90
N ILE A 329 -3.28 -14.69 21.36
CA ILE A 329 -1.88 -14.88 21.68
C ILE A 329 -1.47 -14.26 23.01
N VAL A 330 -0.73 -15.04 23.78
CA VAL A 330 -0.21 -14.56 25.05
C VAL A 330 1.27 -14.82 24.90
N TYR A 331 2.09 -13.90 25.40
CA TYR A 331 3.51 -14.04 25.28
C TYR A 331 4.22 -14.39 26.57
N ASP A 332 3.48 -15.05 27.45
CA ASP A 332 4.01 -15.55 28.71
C ASP A 332 3.25 -16.84 28.98
N ILE A 333 3.99 -17.94 29.16
CA ILE A 333 3.38 -19.25 29.39
C ILE A 333 2.59 -19.37 30.69
N ALA A 334 2.97 -18.56 31.69
CA ALA A 334 2.31 -18.62 32.98
C ALA A 334 0.93 -18.02 32.89
N GLN A 335 0.61 -17.48 31.72
CA GLN A 335 -0.67 -16.82 31.48
C GLN A 335 -1.72 -17.78 30.89
N VAL A 336 -1.53 -19.09 31.10
CA VAL A 336 -2.45 -20.12 30.58
C VAL A 336 -2.67 -21.36 31.50
N ASN A 337 -3.90 -21.58 31.93
CA ASN A 337 -4.20 -22.71 32.82
C ASN A 337 -5.07 -23.82 32.15
N LEU A 338 -4.42 -24.89 31.68
CA LEU A 338 -5.14 -25.96 31.02
C LEU A 338 -6.25 -26.49 31.90
N LYS A 339 -7.34 -26.93 31.27
CA LYS A 339 -8.52 -27.40 31.98
C LYS A 339 -9.08 -28.74 31.52
N TYR A 340 -9.36 -28.85 30.23
CA TYR A 340 -9.92 -30.09 29.71
C TYR A 340 -9.15 -30.67 28.52
N LEU A 341 -9.38 -31.95 28.24
CA LEU A 341 -8.72 -32.61 27.13
C LEU A 341 -9.73 -33.52 26.40
N LEU A 342 -10.04 -33.19 25.16
CA LEU A 342 -10.99 -34.01 24.42
C LEU A 342 -10.30 -34.96 23.46
N LYS A 343 -10.88 -36.14 23.32
CA LYS A 343 -10.38 -37.14 22.39
C LYS A 343 -11.53 -37.19 21.42
N LEU A 344 -11.32 -36.75 20.18
CA LEU A 344 -12.44 -36.78 19.26
C LEU A 344 -12.10 -37.30 17.88
N LYS A 345 -13.10 -37.90 17.25
CA LYS A 345 -12.96 -38.48 15.93
C LYS A 345 -13.44 -37.57 14.79
N PHE A 346 -12.61 -37.45 13.76
CA PHE A 346 -12.98 -36.64 12.61
C PHE A 346 -13.75 -37.54 11.66
N ASN A 347 -14.52 -36.94 10.76
CA ASN A 347 -15.28 -37.72 9.80
C ASN A 347 -15.27 -37.12 8.41
N PHE A 348 -14.24 -37.46 7.64
CA PHE A 348 -14.12 -36.95 6.29
C PHE A 348 -14.98 -37.82 5.39
N LYS A 349 -15.34 -37.29 4.23
CA LYS A 349 -16.15 -38.04 3.29
C LYS A 349 -15.34 -38.35 2.03
N THR A 350 -14.01 -38.20 2.13
CA THR A 350 -13.11 -38.47 1.02
C THR A 350 -12.57 -39.89 1.09
N LYS B 1 6.56 55.64 -35.77
CA LYS B 1 5.68 54.99 -34.76
C LYS B 1 6.16 53.57 -34.46
N SER B 2 5.56 52.58 -35.11
CA SER B 2 5.94 51.20 -34.90
C SER B 2 6.14 50.46 -36.22
N LYS B 3 6.97 49.43 -36.21
CA LYS B 3 7.24 48.66 -37.42
C LYS B 3 6.96 47.15 -37.30
N LEU B 4 6.12 46.77 -36.35
CA LEU B 4 5.76 45.36 -36.16
C LEU B 4 4.34 45.12 -36.68
N PRO B 5 4.16 44.09 -37.50
CA PRO B 5 2.83 43.78 -38.03
C PRO B 5 1.79 43.91 -36.93
N LYS B 6 0.82 44.79 -37.14
CA LYS B 6 -0.26 45.06 -36.19
C LYS B 6 -0.38 44.07 -35.02
N PRO B 7 -0.66 42.78 -35.32
CA PRO B 7 -0.80 41.74 -34.29
C PRO B 7 0.38 41.60 -33.33
N VAL B 8 1.59 41.69 -33.86
CA VAL B 8 2.78 41.57 -33.03
C VAL B 8 2.85 42.69 -32.01
N GLN B 9 2.19 43.78 -32.32
CA GLN B 9 2.18 44.95 -31.45
C GLN B 9 1.18 44.76 -30.34
N ASP B 10 -0.02 44.30 -30.70
CA ASP B 10 -1.06 44.07 -29.70
C ASP B 10 -0.53 43.09 -28.67
N LEU B 11 0.52 42.36 -29.06
CA LEU B 11 1.17 41.37 -28.21
C LEU B 11 2.17 42.03 -27.27
N ILE B 12 3.06 42.83 -27.85
CA ILE B 12 4.09 43.54 -27.09
C ILE B 12 3.48 44.27 -25.90
N LYS B 13 2.43 45.04 -26.17
CA LYS B 13 1.77 45.83 -25.15
C LYS B 13 0.99 44.98 -24.15
N MET B 14 0.46 43.85 -24.62
CA MET B 14 -0.33 42.95 -23.78
C MET B 14 0.52 42.33 -22.67
N ILE B 15 1.66 41.76 -23.04
CA ILE B 15 2.54 41.15 -22.05
C ILE B 15 3.32 42.21 -21.26
N PHE B 16 3.68 43.31 -21.93
CA PHE B 16 4.37 44.38 -21.23
C PHE B 16 3.31 45.31 -20.64
N ASP B 17 2.16 44.73 -20.27
CA ASP B 17 1.07 45.54 -19.72
C ASP B 17 1.24 45.91 -18.26
N VAL B 18 1.21 47.21 -18.01
CA VAL B 18 1.38 47.77 -16.67
C VAL B 18 0.29 47.32 -15.68
N GLU B 19 -0.89 47.89 -15.82
CA GLU B 19 -2.03 47.61 -14.95
C GLU B 19 -2.37 46.15 -14.66
N SER B 20 -2.35 45.30 -15.68
CA SER B 20 -2.68 43.90 -15.43
C SER B 20 -1.78 43.29 -14.35
N MET B 21 -0.47 43.54 -14.44
CA MET B 21 0.47 43.01 -13.47
C MET B 21 0.03 43.30 -12.05
N LYS B 22 -0.43 44.53 -11.81
CA LYS B 22 -0.91 44.92 -10.50
C LYS B 22 -2.25 44.25 -10.24
N LYS B 23 -3.02 44.06 -11.30
CA LYS B 23 -4.32 43.43 -11.18
C LYS B 23 -4.12 41.97 -10.79
N ALA B 24 -3.00 41.40 -11.21
CA ALA B 24 -2.66 40.01 -10.93
C ALA B 24 -2.13 39.83 -9.52
N MET B 25 -1.35 40.80 -9.04
CA MET B 25 -0.79 40.71 -7.70
C MET B 25 -1.84 40.90 -6.61
N VAL B 26 -2.72 41.87 -6.78
CA VAL B 26 -3.76 42.10 -5.78
C VAL B 26 -4.54 40.83 -5.49
N GLU B 27 -5.14 40.26 -6.53
CA GLU B 27 -5.94 39.05 -6.38
C GLU B 27 -5.24 37.99 -5.57
N TYR B 28 -3.91 38.01 -5.58
CA TYR B 28 -3.14 37.03 -4.81
C TYR B 28 -3.15 37.36 -3.34
N GLU B 29 -3.97 38.34 -2.95
CA GLU B 29 -4.09 38.75 -1.56
C GLU B 29 -2.83 39.50 -1.12
N ILE B 30 -2.07 39.99 -2.10
CA ILE B 30 -0.85 40.75 -1.80
C ILE B 30 -1.19 42.19 -1.46
N ASP B 31 -0.44 42.78 -0.52
CA ASP B 31 -0.66 44.16 -0.13
C ASP B 31 0.25 45.09 -0.93
N LEU B 32 -0.26 45.56 -2.06
CA LEU B 32 0.49 46.46 -2.92
C LEU B 32 1.21 47.55 -2.15
N GLN B 33 0.57 48.04 -1.09
CA GLN B 33 1.13 49.10 -0.26
C GLN B 33 2.50 48.72 0.25
N LYS B 34 2.54 47.76 1.16
CA LYS B 34 3.81 47.30 1.73
C LYS B 34 4.58 46.50 0.70
N MET B 35 3.90 46.01 -0.33
CA MET B 35 4.54 45.24 -1.39
C MET B 35 4.39 45.96 -2.71
N PRO B 36 5.17 47.04 -2.91
CA PRO B 36 5.12 47.82 -4.15
C PRO B 36 5.67 47.01 -5.31
N LEU B 37 4.90 46.93 -6.39
CA LEU B 37 5.28 46.18 -7.58
C LEU B 37 6.74 46.44 -7.94
N GLY B 38 7.17 47.68 -7.78
CA GLY B 38 8.54 48.04 -8.11
C GLY B 38 9.52 47.70 -7.00
N LYS B 39 9.20 46.67 -6.22
CA LYS B 39 10.09 46.27 -5.13
C LYS B 39 10.33 44.77 -5.15
N LEU B 40 9.79 44.08 -6.14
CA LEU B 40 9.98 42.64 -6.25
C LEU B 40 11.46 42.39 -6.52
N SER B 41 12.01 41.31 -5.97
CA SER B 41 13.43 41.02 -6.17
C SER B 41 13.64 39.53 -6.40
N LYS B 42 14.47 39.17 -7.36
CA LYS B 42 14.74 37.76 -7.66
C LYS B 42 15.14 36.96 -6.42
N ARG B 43 15.96 37.58 -5.58
CA ARG B 43 16.42 36.92 -4.36
C ARG B 43 15.37 37.06 -3.25
N GLN B 44 14.63 38.17 -3.24
CA GLN B 44 13.59 38.40 -2.26
C GLN B 44 12.56 37.27 -2.35
N ILE B 45 12.41 36.71 -3.53
CA ILE B 45 11.47 35.63 -3.74
C ILE B 45 12.04 34.28 -3.32
N GLN B 46 13.26 33.97 -3.77
CA GLN B 46 13.92 32.71 -3.44
C GLN B 46 14.02 32.54 -1.93
N ALA B 47 13.94 33.67 -1.22
CA ALA B 47 13.99 33.64 0.22
C ALA B 47 12.62 33.09 0.66
N ALA B 48 11.57 33.59 0.03
CA ALA B 48 10.23 33.15 0.33
C ALA B 48 10.10 31.64 0.18
N TYR B 49 10.48 31.12 -1.00
CA TYR B 49 10.43 29.67 -1.27
C TYR B 49 10.95 28.83 -0.10
N SER B 50 12.23 29.01 0.23
CA SER B 50 12.85 28.27 1.31
C SER B 50 12.02 28.24 2.59
N ILE B 51 11.27 29.30 2.85
CA ILE B 51 10.44 29.32 4.04
C ILE B 51 9.36 28.25 3.85
N LEU B 52 8.81 28.19 2.64
CA LEU B 52 7.79 27.19 2.34
C LEU B 52 8.33 25.78 2.48
N SER B 53 9.49 25.51 1.87
CA SER B 53 10.08 24.19 1.93
C SER B 53 10.29 23.69 3.36
N GLU B 54 10.58 24.61 4.27
CA GLU B 54 10.79 24.25 5.68
C GLU B 54 9.45 24.05 6.36
N VAL B 55 8.44 24.76 5.86
CA VAL B 55 7.09 24.69 6.38
C VAL B 55 6.39 23.38 6.05
N GLN B 56 6.73 22.80 4.90
CA GLN B 56 6.12 21.53 4.48
C GLN B 56 6.85 20.31 5.03
N GLN B 57 8.14 20.46 5.30
CA GLN B 57 8.93 19.36 5.86
C GLN B 57 8.44 19.04 7.27
N ALA B 58 8.56 20.02 8.16
CA ALA B 58 8.15 19.87 9.54
C ALA B 58 6.68 19.50 9.69
N VAL B 59 5.86 19.88 8.71
CA VAL B 59 4.44 19.57 8.75
C VAL B 59 4.21 18.09 8.42
N SER B 60 5.07 17.54 7.56
CA SER B 60 4.97 16.15 7.17
C SER B 60 5.73 15.27 8.16
N GLN B 61 5.96 15.81 9.35
CA GLN B 61 6.67 15.09 10.40
C GLN B 61 6.08 15.39 11.77
N GLY B 62 4.87 15.95 11.77
CA GLY B 62 4.20 16.29 13.01
C GLY B 62 5.18 16.78 14.07
N SER B 63 6.18 17.52 13.61
CA SER B 63 7.21 18.06 14.49
C SER B 63 6.63 18.94 15.60
N SER B 64 7.05 20.19 15.65
CA SER B 64 6.59 21.13 16.67
C SER B 64 5.54 22.10 16.15
N ASP B 65 4.96 22.86 17.06
CA ASP B 65 3.95 23.84 16.72
C ASP B 65 4.57 25.23 16.64
N SER B 66 5.78 25.36 17.16
CA SER B 66 6.47 26.64 17.11
C SER B 66 7.21 26.80 15.79
N GLN B 67 6.98 25.86 14.88
CA GLN B 67 7.59 25.90 13.56
C GLN B 67 6.65 26.62 12.62
N ILE B 68 5.39 26.20 12.59
CA ILE B 68 4.41 26.84 11.73
C ILE B 68 4.18 28.26 12.20
N LEU B 69 4.13 28.44 13.52
CA LEU B 69 3.91 29.76 14.09
C LEU B 69 4.95 30.72 13.52
N ASP B 70 6.19 30.55 13.94
CA ASP B 70 7.28 31.40 13.48
C ASP B 70 7.39 31.48 11.96
N LEU B 71 7.44 30.33 11.30
CA LEU B 71 7.56 30.25 9.84
C LEU B 71 6.45 30.97 9.10
N SER B 72 5.22 30.85 9.61
CA SER B 72 4.07 31.49 8.97
C SER B 72 4.17 33.01 9.05
N ASN B 73 4.44 33.53 10.24
CA ASN B 73 4.59 34.95 10.44
C ASN B 73 5.65 35.49 9.48
N ARG B 74 6.82 34.86 9.48
CA ARG B 74 7.93 35.27 8.62
C ARG B 74 7.50 35.51 7.17
N PHE B 75 7.03 34.44 6.53
CA PHE B 75 6.57 34.47 5.16
C PHE B 75 5.65 35.66 4.89
N TYR B 76 4.49 35.66 5.52
CA TYR B 76 3.53 36.74 5.33
C TYR B 76 4.19 38.11 5.46
N THR B 77 5.27 38.19 6.23
CA THR B 77 5.96 39.45 6.41
C THR B 77 6.93 39.74 5.26
N LEU B 78 7.70 38.74 4.85
CA LEU B 78 8.61 38.93 3.74
C LEU B 78 7.74 39.32 2.54
N ILE B 79 6.63 38.61 2.35
CA ILE B 79 5.72 38.91 1.25
C ILE B 79 4.46 39.49 1.88
N PRO B 80 4.43 40.83 2.01
CA PRO B 80 3.34 41.59 2.58
C PRO B 80 1.97 41.19 2.08
N HIS B 81 1.18 40.58 2.95
CA HIS B 81 -0.18 40.17 2.59
C HIS B 81 -1.18 41.05 3.32
N ASP B 82 -2.21 41.47 2.59
CA ASP B 82 -3.26 42.31 3.17
C ASP B 82 -4.58 41.56 3.15
N PHE B 83 -4.79 40.75 4.18
CA PHE B 83 -6.01 39.98 4.27
C PHE B 83 -7.20 40.87 4.60
N GLY B 84 -6.94 42.18 4.59
CA GLY B 84 -7.96 43.17 4.86
C GLY B 84 -8.65 43.02 6.20
N MET B 85 -9.75 42.27 6.21
CA MET B 85 -10.52 42.05 7.42
C MET B 85 -10.50 40.57 7.83
N LYS B 86 -9.78 39.76 7.05
CA LYS B 86 -9.68 38.33 7.31
C LYS B 86 -8.53 38.01 8.28
N LYS B 87 -8.54 36.79 8.80
CA LYS B 87 -7.50 36.35 9.74
C LYS B 87 -6.43 35.55 9.00
N PRO B 88 -5.16 35.91 9.22
CA PRO B 88 -3.99 35.27 8.59
C PRO B 88 -4.11 33.75 8.52
N PRO B 89 -4.37 33.22 7.33
CA PRO B 89 -4.53 31.79 7.06
C PRO B 89 -3.25 31.01 7.35
N LEU B 90 -3.14 30.52 8.58
CA LEU B 90 -1.98 29.74 8.98
C LEU B 90 -1.67 28.71 7.89
N LEU B 91 -0.38 28.46 7.67
CA LEU B 91 0.04 27.50 6.66
C LEU B 91 0.37 26.18 7.36
N ASN B 92 -0.60 25.65 8.09
CA ASN B 92 -0.43 24.41 8.83
C ASN B 92 -0.93 23.21 8.05
N ASN B 93 -2.08 23.36 7.42
CA ASN B 93 -2.71 22.31 6.63
C ASN B 93 -1.84 21.73 5.51
N ALA B 94 -0.63 22.26 5.36
CA ALA B 94 0.30 21.80 4.34
C ALA B 94 -0.36 21.66 2.97
N ASP B 95 -1.47 22.38 2.78
CA ASP B 95 -2.19 22.35 1.52
C ASP B 95 -2.25 23.76 0.95
N SER B 96 -2.59 24.73 1.79
CA SER B 96 -2.67 26.13 1.36
C SER B 96 -1.25 26.62 1.14
N VAL B 97 -0.29 25.75 1.43
CA VAL B 97 1.12 26.06 1.25
C VAL B 97 1.47 25.91 -0.23
N GLN B 98 0.70 25.08 -0.92
CA GLN B 98 0.92 24.86 -2.34
C GLN B 98 0.44 26.06 -3.13
N ALA B 99 -0.75 26.56 -2.79
CA ALA B 99 -1.30 27.73 -3.46
C ALA B 99 -0.25 28.83 -3.39
N LYS B 100 0.61 28.74 -2.38
CA LYS B 100 1.67 29.70 -2.15
C LYS B 100 2.83 29.40 -3.09
N VAL B 101 3.19 28.13 -3.19
CA VAL B 101 4.27 27.71 -4.08
C VAL B 101 3.93 28.26 -5.46
N GLU B 102 2.66 28.15 -5.80
CA GLU B 102 2.13 28.64 -7.09
C GLU B 102 2.48 30.10 -7.25
N MET B 103 1.82 30.95 -6.47
CA MET B 103 2.01 32.40 -6.48
C MET B 103 3.45 32.82 -6.75
N LEU B 104 4.37 32.34 -5.93
CA LEU B 104 5.77 32.68 -6.14
C LEU B 104 6.15 32.39 -7.59
N ASP B 105 5.92 31.17 -8.04
CA ASP B 105 6.23 30.77 -9.42
C ASP B 105 5.82 31.93 -10.33
N ASN B 106 4.59 32.42 -10.13
CA ASN B 106 4.07 33.54 -10.92
C ASN B 106 4.98 34.73 -10.73
N LEU B 107 4.93 35.26 -9.51
CA LEU B 107 5.75 36.40 -9.07
C LEU B 107 7.11 36.45 -9.74
N LEU B 108 7.69 35.27 -9.96
CA LEU B 108 8.99 35.15 -10.61
C LEU B 108 9.04 35.87 -11.95
N ASP B 109 8.08 35.60 -12.83
CA ASP B 109 8.10 36.25 -14.13
C ASP B 109 7.64 37.69 -14.06
N ILE B 110 6.64 37.96 -13.24
CA ILE B 110 6.16 39.32 -13.06
C ILE B 110 7.39 40.18 -12.83
N GLU B 111 8.17 39.76 -11.83
CA GLU B 111 9.39 40.42 -11.43
C GLU B 111 10.34 40.66 -12.60
N VAL B 112 10.40 39.73 -13.54
CA VAL B 112 11.29 39.87 -14.68
C VAL B 112 10.77 40.82 -15.76
N ALA B 113 9.46 40.81 -16.00
CA ALA B 113 8.83 41.68 -16.98
C ALA B 113 9.13 43.12 -16.60
N TYR B 114 8.93 43.42 -15.33
CA TYR B 114 9.15 44.75 -14.81
C TYR B 114 10.59 45.22 -15.03
N SER B 115 11.55 44.55 -14.40
CA SER B 115 12.96 44.92 -14.53
C SER B 115 13.30 45.13 -15.99
N LEU B 116 13.04 44.10 -16.80
CA LEU B 116 13.29 44.17 -18.23
C LEU B 116 12.61 45.40 -18.82
N LEU B 117 11.38 45.65 -18.38
CA LEU B 117 10.61 46.80 -18.84
C LEU B 117 11.39 48.07 -18.54
N ARG B 118 11.55 48.34 -17.23
CA ARG B 118 12.25 49.51 -16.73
C ARG B 118 13.77 49.49 -16.96
N GLY B 119 14.19 49.76 -18.19
CA GLY B 119 15.61 49.75 -18.50
C GLY B 119 15.94 50.29 -19.87
N GLY B 120 14.93 50.79 -20.58
CA GLY B 120 15.16 51.32 -21.91
C GLY B 120 14.40 52.60 -22.19
N SER B 121 14.24 53.43 -21.16
CA SER B 121 13.54 54.70 -21.29
C SER B 121 14.46 55.77 -21.87
N ASP B 122 15.65 55.33 -22.29
CA ASP B 122 16.65 56.23 -22.86
C ASP B 122 16.32 56.67 -24.29
N ASP B 123 17.10 56.17 -25.26
CA ASP B 123 16.89 56.52 -26.67
C ASP B 123 15.45 56.31 -27.10
N SER B 124 15.07 57.00 -28.17
CA SER B 124 13.72 56.88 -28.69
C SER B 124 13.74 56.86 -30.21
N SER B 125 14.02 55.68 -30.75
CA SER B 125 14.08 55.50 -32.19
C SER B 125 12.69 55.13 -32.72
N LYS B 126 11.86 54.55 -31.85
CA LYS B 126 10.51 54.16 -32.24
C LYS B 126 9.57 54.20 -31.05
N ASP B 127 8.29 53.92 -31.32
CA ASP B 127 7.24 53.92 -30.31
C ASP B 127 7.74 53.11 -29.12
N PRO B 128 7.22 53.38 -27.92
CA PRO B 128 7.66 52.61 -26.75
C PRO B 128 7.68 51.11 -27.07
N ILE B 129 6.61 50.65 -27.72
CA ILE B 129 6.49 49.27 -28.12
C ILE B 129 7.79 48.72 -28.67
N ASP B 130 8.14 49.10 -29.90
CA ASP B 130 9.34 48.64 -30.58
C ASP B 130 10.58 48.58 -29.71
N VAL B 131 10.64 49.44 -28.70
CA VAL B 131 11.77 49.45 -27.79
C VAL B 131 11.66 48.22 -26.91
N ASN B 132 10.47 48.02 -26.35
CA ASN B 132 10.22 46.88 -25.50
C ASN B 132 10.28 45.59 -26.31
N TYR B 133 10.23 45.72 -27.63
CA TYR B 133 10.29 44.56 -28.52
C TYR B 133 11.72 44.05 -28.68
N GLU B 134 12.68 44.97 -28.74
CA GLU B 134 14.08 44.59 -28.88
C GLU B 134 14.64 44.07 -27.54
N LYS B 135 13.77 44.04 -26.53
CA LYS B 135 14.17 43.58 -25.22
C LYS B 135 13.91 42.09 -24.98
N LEU B 136 12.95 41.53 -25.71
CA LEU B 136 12.62 40.11 -25.58
C LEU B 136 13.63 39.24 -26.30
N LYS B 137 14.68 39.87 -26.85
CA LYS B 137 15.73 39.17 -27.59
C LYS B 137 15.17 38.02 -28.42
N THR B 138 13.98 38.20 -28.97
CA THR B 138 13.35 37.14 -29.73
C THR B 138 12.76 37.62 -31.05
N ASP B 139 12.69 36.73 -32.03
CA ASP B 139 12.15 37.06 -33.34
C ASP B 139 10.70 36.59 -33.45
N ILE B 140 9.77 37.51 -33.30
CA ILE B 140 8.36 37.18 -33.40
C ILE B 140 7.87 37.47 -34.83
N LYS B 141 7.92 36.47 -35.69
CA LYS B 141 7.47 36.64 -37.07
C LYS B 141 6.14 35.94 -37.33
N VAL B 142 5.07 36.73 -37.44
CA VAL B 142 3.74 36.21 -37.71
C VAL B 142 3.72 35.05 -38.71
N VAL B 143 2.70 34.20 -38.58
CA VAL B 143 2.50 33.04 -39.44
C VAL B 143 1.30 33.27 -40.34
N ASP B 144 1.47 33.03 -41.64
CA ASP B 144 0.37 33.21 -42.59
C ASP B 144 -0.86 32.37 -42.23
N ARG B 145 -1.84 33.03 -41.62
CA ARG B 145 -3.08 32.39 -41.24
C ARG B 145 -3.55 31.31 -42.22
N ASP B 146 -3.24 31.48 -43.51
CA ASP B 146 -3.66 30.53 -44.55
C ASP B 146 -2.52 29.75 -45.22
N SER B 147 -2.05 28.72 -44.53
CA SER B 147 -0.97 27.90 -45.06
C SER B 147 -0.94 26.55 -44.35
N GLU B 148 0.02 25.72 -44.71
CA GLU B 148 0.15 24.40 -44.09
C GLU B 148 0.23 24.62 -42.57
N GLU B 149 1.34 25.20 -42.13
CA GLU B 149 1.56 25.49 -40.71
C GLU B 149 0.27 25.82 -39.96
N ALA B 150 -0.42 26.87 -40.37
CA ALA B 150 -1.66 27.27 -39.72
C ALA B 150 -2.62 26.09 -39.68
N GLU B 151 -2.79 25.43 -40.82
CA GLU B 151 -3.67 24.27 -40.89
C GLU B 151 -3.23 23.23 -39.88
N ILE B 152 -1.95 22.85 -39.95
CA ILE B 152 -1.39 21.89 -39.03
C ILE B 152 -1.65 22.41 -37.62
N ILE B 153 -0.98 23.51 -37.28
CA ILE B 153 -1.11 24.11 -35.96
C ILE B 153 -2.56 24.20 -35.48
N ARG B 154 -3.42 24.74 -36.33
CA ARG B 154 -4.81 24.90 -35.94
C ARG B 154 -5.52 23.56 -35.73
N LYS B 155 -5.20 22.57 -36.56
CA LYS B 155 -5.82 21.26 -36.41
C LYS B 155 -5.35 20.61 -35.11
N TYR B 156 -4.10 20.88 -34.75
CA TYR B 156 -3.49 20.37 -33.51
C TYR B 156 -4.31 20.88 -32.33
N VAL B 157 -4.52 22.19 -32.31
CA VAL B 157 -5.29 22.84 -31.24
C VAL B 157 -6.62 22.16 -31.03
N LYS B 158 -7.37 22.03 -32.12
CA LYS B 158 -8.70 21.43 -32.13
C LYS B 158 -8.80 19.95 -31.75
N ASN B 159 -7.89 19.13 -32.25
CA ASN B 159 -7.91 17.71 -31.98
C ASN B 159 -7.59 17.30 -30.54
N THR B 160 -6.58 17.93 -29.94
CA THR B 160 -6.22 17.54 -28.59
C THR B 160 -6.90 18.35 -27.50
N HIS B 161 -8.14 18.73 -27.77
CA HIS B 161 -8.93 19.45 -26.80
C HIS B 161 -9.72 18.35 -26.07
N ALA B 162 -9.47 18.19 -24.77
CA ALA B 162 -10.10 17.14 -23.99
C ALA B 162 -11.48 17.43 -23.48
N THR B 163 -12.31 16.40 -23.51
CA THR B 163 -13.71 16.48 -23.09
C THR B 163 -13.96 16.90 -21.65
N THR B 164 -13.36 16.19 -20.68
CA THR B 164 -13.57 16.54 -19.28
C THR B 164 -13.15 18.00 -19.06
N HIS B 165 -12.52 18.58 -20.07
CA HIS B 165 -12.08 19.95 -20.01
C HIS B 165 -13.11 20.86 -20.67
N ASN B 166 -14.35 20.70 -20.22
CA ASN B 166 -15.46 21.48 -20.74
C ASN B 166 -15.79 22.59 -19.75
N ALA B 167 -15.82 23.81 -20.29
CA ALA B 167 -16.10 25.02 -19.51
C ALA B 167 -15.67 26.15 -20.41
N TYR B 168 -14.83 25.82 -21.38
CA TYR B 168 -14.34 26.81 -22.32
C TYR B 168 -14.06 26.22 -23.70
N ASP B 169 -14.33 27.01 -24.72
CA ASP B 169 -14.12 26.63 -26.11
C ASP B 169 -12.87 27.39 -26.57
N LEU B 170 -12.08 26.82 -27.47
CA LEU B 170 -10.87 27.47 -27.95
C LEU B 170 -10.93 27.82 -29.42
N GLU B 171 -10.38 28.97 -29.78
CA GLU B 171 -10.38 29.43 -31.16
C GLU B 171 -9.09 30.22 -31.38
N VAL B 172 -8.24 29.72 -32.27
CA VAL B 172 -6.97 30.39 -32.57
C VAL B 172 -7.18 31.79 -33.12
N ILE B 173 -6.49 32.76 -32.54
CA ILE B 173 -6.64 34.14 -33.01
C ILE B 173 -5.48 34.57 -33.88
N ASP B 174 -4.29 34.06 -33.57
CA ASP B 174 -3.10 34.39 -34.34
C ASP B 174 -1.94 33.52 -33.90
N ILE B 175 -1.14 33.08 -34.87
CA ILE B 175 0.01 32.23 -34.57
C ILE B 175 1.29 33.00 -34.80
N PHE B 176 2.24 32.82 -33.90
CA PHE B 176 3.52 33.51 -34.01
C PHE B 176 4.66 32.52 -34.01
N LYS B 177 5.54 32.66 -35.00
CA LYS B 177 6.70 31.79 -35.13
C LYS B 177 7.90 32.45 -34.41
N ILE B 178 7.97 32.27 -33.10
CA ILE B 178 9.03 32.85 -32.28
C ILE B 178 10.39 32.16 -32.42
N GLU B 179 11.45 32.90 -32.13
CA GLU B 179 12.80 32.34 -32.23
C GLU B 179 13.71 33.01 -31.21
N ARG B 180 13.76 32.47 -30.01
CA ARG B 180 14.59 33.06 -28.98
C ARG B 180 16.04 33.05 -29.43
N GLU B 181 16.67 34.21 -29.28
CA GLU B 181 18.07 34.38 -29.67
C GLU B 181 18.99 33.40 -28.95
N GLY B 182 19.63 32.54 -29.73
CA GLY B 182 20.56 31.57 -29.18
C GLY B 182 19.98 30.27 -28.70
N GLU B 183 18.67 30.22 -28.46
CA GLU B 183 18.03 29.00 -27.98
C GLU B 183 18.46 27.89 -28.91
N CYS B 184 18.50 28.21 -30.20
CA CYS B 184 18.90 27.24 -31.20
C CYS B 184 20.29 26.69 -30.91
N GLN B 185 21.16 27.56 -30.41
CA GLN B 185 22.53 27.17 -30.10
C GLN B 185 22.74 26.13 -29.01
N ARG B 186 22.03 26.25 -27.88
CA ARG B 186 22.21 25.28 -26.79
C ARG B 186 21.41 24.00 -26.99
N TYR B 187 20.38 24.08 -27.83
CA TYR B 187 19.53 22.94 -28.12
C TYR B 187 20.26 21.99 -29.07
N LYS B 188 21.19 22.54 -29.82
CA LYS B 188 21.99 21.81 -30.82
C LYS B 188 22.38 20.38 -30.42
N PRO B 189 23.10 20.19 -29.29
CA PRO B 189 23.50 18.85 -28.85
C PRO B 189 22.34 17.87 -28.86
N PHE B 190 21.32 18.15 -28.04
CA PHE B 190 20.12 17.34 -27.87
C PHE B 190 19.32 16.92 -29.12
N LYS B 191 19.68 17.43 -30.29
CA LYS B 191 18.96 17.05 -31.49
C LYS B 191 19.43 15.67 -31.98
N GLN B 192 20.54 15.21 -31.39
CA GLN B 192 21.12 13.91 -31.71
C GLN B 192 20.42 12.86 -30.85
N LEU B 193 19.50 13.36 -30.02
CA LEU B 193 18.71 12.56 -29.10
C LEU B 193 17.44 12.19 -29.84
N HIS B 194 17.06 10.92 -29.80
CA HIS B 194 15.85 10.52 -30.50
C HIS B 194 14.63 10.93 -29.69
N ASN B 195 13.45 10.76 -30.26
CA ASN B 195 12.21 11.08 -29.57
C ASN B 195 12.09 12.55 -29.18
N ARG B 196 11.63 13.37 -30.11
CA ARG B 196 11.46 14.79 -29.84
C ARG B 196 10.19 15.21 -30.56
N ARG B 197 9.26 15.76 -29.80
CA ARG B 197 7.99 16.17 -30.35
C ARG B 197 7.42 17.49 -29.81
N LEU B 198 6.52 18.07 -30.60
CA LEU B 198 5.87 19.32 -30.23
C LEU B 198 4.83 19.07 -29.16
N LEU B 199 4.99 19.72 -28.02
CA LEU B 199 4.04 19.60 -26.94
C LEU B 199 3.64 21.03 -26.56
N TRP B 200 2.62 21.16 -25.71
CA TRP B 200 2.13 22.48 -25.28
C TRP B 200 2.67 23.01 -23.96
N HIS B 201 2.42 24.28 -23.71
CA HIS B 201 2.82 24.92 -22.47
C HIS B 201 2.09 26.22 -22.25
N GLY B 202 1.17 26.20 -21.29
CA GLY B 202 0.40 27.39 -20.98
C GLY B 202 1.01 28.17 -19.83
N SER B 203 0.58 29.41 -19.67
CA SER B 203 1.07 30.23 -18.59
C SER B 203 0.32 31.54 -18.58
N ARG B 204 0.37 32.23 -17.44
CA ARG B 204 -0.29 33.53 -17.31
C ARG B 204 0.40 34.49 -18.27
N THR B 205 -0.36 35.43 -18.82
CA THR B 205 0.18 36.40 -19.80
C THR B 205 1.23 37.33 -19.23
N THR B 206 1.22 37.58 -17.93
CA THR B 206 2.23 38.46 -17.35
C THR B 206 3.56 37.74 -17.10
N ASN B 207 3.64 36.49 -17.55
CA ASN B 207 4.84 35.68 -17.40
C ASN B 207 5.55 35.50 -18.74
N PHE B 208 4.80 35.70 -19.82
CA PHE B 208 5.38 35.54 -21.14
C PHE B 208 6.54 36.48 -21.47
N ALA B 209 6.40 37.77 -21.16
CA ALA B 209 7.49 38.69 -21.46
C ALA B 209 8.82 38.14 -20.92
N GLY B 210 8.77 37.49 -19.76
CA GLY B 210 9.98 36.91 -19.17
C GLY B 210 10.33 35.54 -19.73
N ILE B 211 9.34 34.84 -20.27
CA ILE B 211 9.57 33.54 -20.88
C ILE B 211 10.30 33.74 -22.20
N LEU B 212 9.77 34.62 -23.05
CA LEU B 212 10.41 34.88 -24.33
C LEU B 212 11.75 35.53 -24.08
N SER B 213 11.91 36.16 -22.92
CA SER B 213 13.16 36.81 -22.61
C SER B 213 14.20 35.75 -22.22
N GLN B 214 14.06 35.15 -21.04
CA GLN B 214 15.03 34.16 -20.58
C GLN B 214 14.61 32.70 -20.82
N GLY B 215 13.48 32.49 -21.50
CA GLY B 215 13.02 31.13 -21.77
C GLY B 215 12.42 30.37 -20.59
N LEU B 216 11.95 29.15 -20.86
CA LEU B 216 11.37 28.32 -19.80
C LEU B 216 12.45 27.95 -18.78
N ARG B 217 12.09 27.98 -17.50
CA ARG B 217 13.04 27.68 -16.44
C ARG B 217 12.46 26.74 -15.40
N ILE B 218 13.34 25.97 -14.76
CA ILE B 218 12.90 25.03 -13.72
C ILE B 218 12.70 25.83 -12.42
N ALA B 219 12.06 25.22 -11.44
CA ALA B 219 11.84 25.89 -10.17
C ALA B 219 13.24 26.08 -9.58
N PRO B 220 13.44 27.17 -8.84
CA PRO B 220 14.79 27.31 -8.32
C PRO B 220 15.05 26.32 -7.20
N PRO B 221 16.33 26.12 -6.86
CA PRO B 221 16.77 25.22 -5.81
C PRO B 221 16.00 25.47 -4.50
N GLU B 222 15.82 26.75 -4.18
CA GLU B 222 15.12 27.19 -2.98
C GLU B 222 13.72 26.65 -2.83
N ALA B 223 12.98 26.56 -3.94
CA ALA B 223 11.61 26.07 -3.92
C ALA B 223 11.49 24.62 -3.48
N PRO B 224 10.31 24.23 -2.97
CA PRO B 224 10.06 22.86 -2.51
C PRO B 224 10.25 21.81 -3.62
N VAL B 225 10.38 20.54 -3.24
CA VAL B 225 10.56 19.45 -4.20
C VAL B 225 9.26 18.66 -4.33
N THR B 226 8.37 18.88 -3.37
CA THR B 226 7.07 18.24 -3.34
C THR B 226 6.04 19.26 -3.81
N GLY B 227 6.53 20.26 -4.55
CA GLY B 227 5.64 21.27 -5.07
C GLY B 227 5.10 20.84 -6.42
N TYR B 228 5.87 20.04 -7.15
CA TYR B 228 5.47 19.55 -8.47
C TYR B 228 5.37 18.04 -8.56
N MET B 229 4.22 17.53 -9.02
CA MET B 229 3.99 16.08 -9.11
C MET B 229 5.19 15.20 -9.44
N PHE B 230 6.03 15.63 -10.37
CA PHE B 230 7.21 14.85 -10.75
C PHE B 230 8.50 15.63 -10.59
N GLY B 231 8.60 16.41 -9.52
CA GLY B 231 9.82 17.18 -9.29
C GLY B 231 9.94 18.49 -10.06
N LYS B 232 11.08 19.15 -9.88
CA LYS B 232 11.33 20.43 -10.52
C LYS B 232 11.86 20.31 -11.94
N GLY B 233 11.09 20.85 -12.88
CA GLY B 233 11.46 20.81 -14.27
C GLY B 233 10.45 21.56 -15.11
N ILE B 234 10.61 21.45 -16.42
CA ILE B 234 9.74 22.10 -17.39
C ILE B 234 8.68 21.10 -17.82
N TYR B 235 7.42 21.44 -17.58
CA TYR B 235 6.31 20.55 -17.93
C TYR B 235 5.71 20.77 -19.31
N PHE B 236 5.11 19.73 -19.86
CA PHE B 236 4.46 19.79 -21.17
C PHE B 236 3.32 18.77 -21.24
N ALA B 237 2.26 19.14 -21.95
CA ALA B 237 1.12 18.25 -22.16
C ALA B 237 0.92 18.03 -23.68
N ASP B 238 0.30 16.93 -24.08
CA ASP B 238 0.05 16.72 -25.50
C ASP B 238 -1.44 16.97 -25.75
N MET B 239 -2.10 17.41 -24.70
CA MET B 239 -3.51 17.76 -24.76
C MET B 239 -3.59 19.30 -24.69
N VAL B 240 -3.94 19.93 -25.81
CA VAL B 240 -4.02 21.37 -25.84
C VAL B 240 -4.73 21.93 -24.61
N SER B 241 -5.99 21.55 -24.41
CA SER B 241 -6.73 22.06 -23.24
C SER B 241 -5.95 21.91 -21.93
N LYS B 242 -5.51 20.70 -21.61
CA LYS B 242 -4.74 20.51 -20.38
C LYS B 242 -3.73 21.65 -20.11
N SER B 243 -2.94 22.00 -21.12
CA SER B 243 -1.92 23.03 -20.98
C SER B 243 -2.53 24.43 -21.02
N ALA B 244 -3.74 24.52 -21.54
CA ALA B 244 -4.42 25.82 -21.61
C ALA B 244 -4.95 26.16 -20.23
N ASN B 245 -5.27 25.12 -19.48
CA ASN B 245 -5.82 25.27 -18.14
C ASN B 245 -4.87 26.00 -17.23
N TYR B 246 -3.66 26.24 -17.70
CA TYR B 246 -2.67 26.93 -16.91
C TYR B 246 -2.44 28.39 -17.31
N CYS B 247 -3.37 28.92 -18.08
CA CYS B 247 -3.29 30.31 -18.52
C CYS B 247 -4.07 31.17 -17.51
N HIS B 248 -5.09 30.57 -16.91
CA HIS B 248 -5.94 31.27 -15.97
C HIS B 248 -6.52 32.50 -16.65
N THR B 249 -7.34 32.27 -17.67
CA THR B 249 -8.01 33.34 -18.41
C THR B 249 -9.50 33.24 -18.07
N SER B 250 -10.02 34.26 -17.41
CA SER B 250 -11.42 34.26 -16.98
C SER B 250 -12.38 35.01 -17.91
N GLN B 251 -13.60 35.19 -17.42
CA GLN B 251 -14.63 35.91 -18.16
C GLN B 251 -14.14 37.31 -18.46
N GLY B 252 -13.31 37.85 -17.57
CA GLY B 252 -12.79 39.20 -17.74
C GLY B 252 -11.60 39.28 -18.69
N ASP B 253 -10.77 38.24 -18.70
CA ASP B 253 -9.61 38.17 -19.58
C ASP B 253 -9.72 36.87 -20.36
N PRO B 254 -10.68 36.83 -21.31
CA PRO B 254 -11.02 35.72 -22.19
C PRO B 254 -9.96 35.24 -23.19
N ILE B 255 -8.76 35.82 -23.14
CA ILE B 255 -7.70 35.39 -24.04
C ILE B 255 -6.36 35.22 -23.35
N GLY B 256 -5.71 34.11 -23.63
CA GLY B 256 -4.42 33.84 -23.04
C GLY B 256 -3.41 33.46 -24.11
N LEU B 257 -2.22 33.05 -23.68
CA LEU B 257 -1.15 32.65 -24.59
C LEU B 257 -0.67 31.24 -24.29
N ILE B 258 -0.53 30.46 -25.35
CA ILE B 258 -0.08 29.09 -25.25
C ILE B 258 1.21 28.95 -26.05
N LEU B 259 2.18 28.24 -25.49
CA LEU B 259 3.46 28.05 -26.16
C LEU B 259 3.65 26.65 -26.71
N LEU B 260 4.13 26.57 -27.95
CA LEU B 260 4.37 25.29 -28.65
C LEU B 260 5.87 25.21 -28.84
N GLY B 261 6.50 24.26 -28.16
CA GLY B 261 7.95 24.11 -28.27
C GLY B 261 8.41 22.71 -28.66
N GLU B 262 9.67 22.57 -29.09
CA GLU B 262 10.19 21.26 -29.50
C GLU B 262 11.01 20.69 -28.36
N VAL B 263 10.61 19.52 -27.90
CA VAL B 263 11.27 18.90 -26.77
C VAL B 263 12.11 17.66 -27.08
N ALA B 264 13.36 17.71 -26.66
CA ALA B 264 14.28 16.60 -26.85
C ALA B 264 14.05 15.65 -25.67
N LEU B 265 13.19 14.65 -25.87
CA LEU B 265 12.88 13.67 -24.83
C LEU B 265 13.79 12.44 -24.91
N GLY B 266 13.57 11.61 -25.93
CA GLY B 266 14.39 10.44 -26.09
C GLY B 266 13.90 9.29 -25.23
N ASN B 267 14.78 8.81 -24.36
CA ASN B 267 14.45 7.71 -23.48
C ASN B 267 13.63 8.18 -22.29
N MET B 268 12.32 8.05 -22.41
CA MET B 268 11.40 8.47 -21.38
C MET B 268 11.22 7.46 -20.24
N TYR B 269 11.04 7.98 -19.03
CA TYR B 269 10.84 7.17 -17.84
C TYR B 269 9.35 7.18 -17.50
N GLU B 270 8.64 6.13 -17.85
CA GLU B 270 7.19 6.04 -17.59
C GLU B 270 6.88 6.03 -16.09
N LEU B 271 5.70 6.53 -15.73
CA LEU B 271 5.27 6.54 -14.34
C LEU B 271 3.75 6.66 -14.41
N LYS B 272 3.06 6.13 -13.40
CA LYS B 272 1.61 6.19 -13.39
C LYS B 272 1.18 6.83 -12.10
N HIS B 273 2.13 6.90 -11.18
CA HIS B 273 1.93 7.45 -9.84
C HIS B 273 2.85 8.64 -9.65
N ALA B 274 2.35 9.68 -8.98
CA ALA B 274 3.16 10.87 -8.72
C ALA B 274 4.38 10.44 -7.91
N SER B 275 5.55 10.92 -8.30
CA SER B 275 6.77 10.53 -7.61
C SER B 275 7.77 11.65 -7.65
N HIS B 276 7.80 12.44 -6.59
CA HIS B 276 8.71 13.57 -6.45
C HIS B 276 10.15 13.11 -6.45
N ILE B 277 10.76 13.07 -7.64
CA ILE B 277 12.13 12.62 -7.75
C ILE B 277 13.11 13.74 -8.06
N SER B 278 14.39 13.48 -7.78
CA SER B 278 15.44 14.46 -8.01
C SER B 278 16.42 13.97 -9.05
N LYS B 279 16.17 12.79 -9.62
CA LYS B 279 17.05 12.26 -10.64
C LYS B 279 16.47 11.12 -11.47
N LEU B 280 17.00 10.96 -12.68
CA LEU B 280 16.57 9.94 -13.62
C LEU B 280 17.41 8.67 -13.56
N PRO B 281 16.80 7.52 -13.85
CA PRO B 281 17.53 6.25 -13.84
C PRO B 281 18.48 6.27 -15.04
N LYS B 282 19.58 5.53 -14.95
CA LYS B 282 20.57 5.47 -16.01
C LYS B 282 19.85 5.32 -17.34
N GLY B 283 20.43 5.86 -18.40
CA GLY B 283 19.82 5.78 -19.72
C GLY B 283 18.47 6.49 -19.83
N LYS B 284 18.12 7.29 -18.83
CA LYS B 284 16.84 8.01 -18.88
C LYS B 284 17.05 9.53 -19.09
N HIS B 285 16.39 10.09 -20.10
CA HIS B 285 16.54 11.50 -20.40
C HIS B 285 15.33 12.37 -20.08
N SER B 286 14.21 11.73 -19.80
CA SER B 286 13.01 12.46 -19.46
C SER B 286 12.07 11.55 -18.70
N VAL B 287 10.96 12.10 -18.25
CA VAL B 287 9.97 11.35 -17.50
C VAL B 287 8.65 11.56 -18.18
N LYS B 288 7.90 10.49 -18.40
CA LYS B 288 6.58 10.65 -18.98
C LYS B 288 5.46 10.11 -18.06
N GLY B 289 4.55 10.99 -17.66
CA GLY B 289 3.43 10.56 -16.83
C GLY B 289 2.30 10.01 -17.69
N LEU B 290 1.84 8.80 -17.40
CA LEU B 290 0.79 8.17 -18.20
C LEU B 290 -0.62 8.57 -17.88
N GLY B 291 -1.33 9.06 -18.89
CA GLY B 291 -2.72 9.46 -18.69
C GLY B 291 -3.67 8.41 -19.24
N LYS B 292 -4.92 8.42 -18.78
CA LYS B 292 -5.89 7.44 -19.26
C LYS B 292 -6.34 7.80 -20.66
N THR B 293 -6.07 9.03 -21.05
CA THR B 293 -6.46 9.49 -22.37
C THR B 293 -5.16 9.98 -23.02
N THR B 294 -5.04 9.74 -24.31
CA THR B 294 -3.85 10.16 -25.05
C THR B 294 -4.21 10.27 -26.53
N PRO B 295 -3.36 10.97 -27.30
CA PRO B 295 -3.67 11.08 -28.74
C PRO B 295 -3.39 9.75 -29.44
N ASP B 296 -4.32 9.32 -30.29
CA ASP B 296 -4.10 8.09 -31.04
C ASP B 296 -2.76 8.26 -31.75
N PRO B 297 -1.85 7.30 -31.58
CA PRO B 297 -0.57 7.49 -32.27
C PRO B 297 -0.53 7.19 -33.75
N SER B 298 -1.42 6.32 -34.24
CA SER B 298 -1.41 5.97 -35.66
C SER B 298 -1.53 7.22 -36.52
N ALA B 299 -1.75 8.36 -35.89
CA ALA B 299 -1.88 9.65 -36.58
C ALA B 299 -0.78 10.64 -36.21
N ASN B 300 0.40 10.15 -35.86
CA ASN B 300 1.48 11.06 -35.48
C ASN B 300 2.31 11.63 -36.62
N ILE B 301 1.75 12.59 -37.32
CA ILE B 301 2.46 13.27 -38.40
C ILE B 301 3.90 13.58 -37.97
N SER B 302 4.85 13.49 -38.90
CA SER B 302 6.24 13.75 -38.58
C SER B 302 6.79 14.98 -39.28
N LEU B 303 6.76 16.11 -38.59
CA LEU B 303 7.28 17.36 -39.14
C LEU B 303 8.80 17.26 -39.29
N ASP B 304 9.24 16.40 -40.21
CA ASP B 304 10.66 16.19 -40.48
C ASP B 304 11.50 16.11 -39.22
N GLY B 305 11.82 14.88 -38.80
CA GLY B 305 12.63 14.67 -37.60
C GLY B 305 11.98 15.09 -36.28
N VAL B 306 10.68 15.33 -36.33
CA VAL B 306 9.92 15.76 -35.18
C VAL B 306 8.51 15.23 -35.32
N ASP B 307 7.92 14.80 -34.22
CA ASP B 307 6.59 14.25 -34.29
C ASP B 307 5.60 15.26 -33.78
N VAL B 308 4.33 15.00 -34.06
CA VAL B 308 3.27 15.89 -33.64
C VAL B 308 2.09 14.99 -33.36
N PRO B 309 1.69 14.89 -32.07
CA PRO B 309 0.57 14.05 -31.63
C PRO B 309 -0.77 14.72 -31.90
N LEU B 310 -1.03 15.07 -33.16
CA LEU B 310 -2.29 15.72 -33.50
C LEU B 310 -3.44 14.71 -33.49
N GLY B 311 -3.10 13.47 -33.16
CA GLY B 311 -4.08 12.41 -33.10
C GLY B 311 -5.14 12.69 -32.06
N THR B 312 -6.40 12.66 -32.48
CA THR B 312 -7.53 12.90 -31.58
C THR B 312 -7.42 12.08 -30.30
N GLY B 313 -7.89 12.65 -29.19
CA GLY B 313 -7.84 11.96 -27.91
C GLY B 313 -8.42 10.56 -27.97
N ILE B 314 -7.78 9.61 -27.29
CA ILE B 314 -8.23 8.23 -27.29
C ILE B 314 -7.78 7.52 -26.02
N SER B 315 -8.26 6.30 -25.78
CA SER B 315 -7.87 5.54 -24.58
C SER B 315 -6.49 4.89 -24.66
N SER B 316 -5.64 5.21 -23.70
CA SER B 316 -4.26 4.71 -23.65
C SER B 316 -4.13 3.25 -23.24
N GLY B 317 -5.18 2.72 -22.61
CA GLY B 317 -5.15 1.35 -22.16
C GLY B 317 -4.52 1.16 -20.79
N VAL B 318 -4.23 2.27 -20.14
CA VAL B 318 -3.66 2.24 -18.80
C VAL B 318 -4.87 2.66 -17.96
N ASN B 319 -4.99 2.21 -16.72
CA ASN B 319 -6.16 2.62 -15.94
C ASN B 319 -5.94 2.67 -14.43
N ASP B 320 -4.77 2.21 -13.99
CA ASP B 320 -4.44 2.21 -12.58
C ASP B 320 -3.61 3.43 -12.25
N THR B 321 -3.47 4.32 -13.22
CA THR B 321 -2.71 5.54 -13.07
C THR B 321 -3.58 6.65 -12.46
N SER B 322 -2.97 7.70 -11.92
CA SER B 322 -3.76 8.78 -11.32
C SER B 322 -3.79 10.05 -12.17
N LEU B 323 -3.45 9.92 -13.44
CA LEU B 323 -3.44 11.05 -14.40
C LEU B 323 -4.47 10.81 -15.50
N LEU B 324 -5.25 11.82 -15.84
CA LEU B 324 -6.21 11.63 -16.91
C LEU B 324 -5.58 11.91 -18.28
N TYR B 325 -4.43 12.60 -18.27
CA TYR B 325 -3.70 12.97 -19.49
C TYR B 325 -2.19 12.88 -19.29
N ASN B 326 -1.43 12.83 -20.39
CA ASN B 326 0.03 12.73 -20.28
C ASN B 326 0.66 14.05 -19.87
N GLU B 327 1.88 13.94 -19.36
CA GLU B 327 2.69 15.06 -18.96
C GLU B 327 4.10 14.65 -19.38
N TYR B 328 4.89 15.62 -19.79
CA TYR B 328 6.26 15.35 -20.17
C TYR B 328 7.01 16.35 -19.33
N ILE B 329 8.08 15.88 -18.67
CA ILE B 329 8.85 16.73 -17.78
C ILE B 329 10.33 16.57 -18.00
N VAL B 330 10.95 17.56 -18.60
CA VAL B 330 12.39 17.52 -18.81
C VAL B 330 13.10 18.25 -17.67
N TYR B 331 14.36 17.90 -17.42
CA TYR B 331 15.08 18.53 -16.32
C TYR B 331 16.36 19.29 -16.68
N ASP B 332 16.51 19.64 -17.95
CA ASP B 332 17.65 20.41 -18.41
C ASP B 332 17.09 21.51 -19.33
N ILE B 333 17.19 22.77 -18.93
CA ILE B 333 16.62 23.83 -19.76
C ILE B 333 17.10 23.84 -21.21
N ALA B 334 18.10 23.03 -21.52
CA ALA B 334 18.63 22.98 -22.89
C ALA B 334 17.84 22.06 -23.79
N GLN B 335 17.20 21.06 -23.18
CA GLN B 335 16.44 20.10 -23.95
C GLN B 335 15.22 20.73 -24.60
N VAL B 336 15.05 22.04 -24.41
CA VAL B 336 13.90 22.70 -25.00
C VAL B 336 14.29 23.74 -26.06
N ASN B 337 13.35 24.06 -26.94
CA ASN B 337 13.58 25.02 -28.01
C ASN B 337 12.23 25.41 -28.61
N LEU B 338 11.63 26.45 -28.03
CA LEU B 338 10.33 26.93 -28.46
C LEU B 338 10.26 27.19 -29.96
N LYS B 339 9.10 26.94 -30.53
CA LYS B 339 8.92 27.17 -31.95
C LYS B 339 7.71 28.06 -32.26
N TYR B 340 6.64 27.93 -31.48
CA TYR B 340 5.44 28.72 -31.73
C TYR B 340 4.78 29.32 -30.50
N LEU B 341 4.18 30.48 -30.70
CA LEU B 341 3.45 31.20 -29.65
C LEU B 341 2.09 31.42 -30.27
N LEU B 342 1.04 31.37 -29.47
CA LEU B 342 -0.27 31.54 -30.04
C LEU B 342 -1.21 32.33 -29.15
N LYS B 343 -2.10 33.09 -29.77
CA LYS B 343 -3.08 33.85 -29.03
C LYS B 343 -4.39 33.11 -29.20
N LEU B 344 -5.13 32.95 -28.12
CA LEU B 344 -6.39 32.25 -28.21
C LEU B 344 -7.47 32.90 -27.40
N LYS B 345 -8.72 32.65 -27.75
CA LYS B 345 -9.83 33.21 -27.01
C LYS B 345 -10.60 32.05 -26.41
N PHE B 346 -11.05 32.23 -25.17
CA PHE B 346 -11.78 31.21 -24.43
C PHE B 346 -13.28 31.50 -24.38
N ASN B 347 -14.07 30.61 -24.95
CA ASN B 347 -15.52 30.78 -24.95
C ASN B 347 -16.10 29.97 -23.80
N PHE B 348 -16.50 30.64 -22.73
CA PHE B 348 -17.04 29.93 -21.57
C PHE B 348 -18.52 29.55 -21.63
N LYS B 349 -18.83 28.34 -21.18
CA LYS B 349 -20.18 27.79 -21.14
C LYS B 349 -20.65 27.64 -19.68
N THR B 350 -20.20 28.55 -18.82
CA THR B 350 -20.57 28.51 -17.41
C THR B 350 -22.06 28.81 -17.20
N LYS C 1 28.94 -43.39 -40.05
CA LYS C 1 27.64 -43.28 -39.35
C LYS C 1 26.77 -42.22 -40.01
N SER C 2 27.13 -40.95 -39.81
CA SER C 2 26.36 -39.85 -40.40
C SER C 2 27.23 -38.70 -40.90
N LYS C 3 26.69 -37.93 -41.84
CA LYS C 3 27.43 -36.80 -42.41
C LYS C 3 27.17 -35.50 -41.64
N LEU C 4 26.95 -35.63 -40.33
CA LEU C 4 26.70 -34.47 -39.47
C LEU C 4 27.95 -34.20 -38.65
N PRO C 5 28.29 -32.91 -38.46
CA PRO C 5 29.47 -32.58 -37.68
C PRO C 5 29.35 -33.29 -36.36
N LYS C 6 30.44 -33.84 -35.86
CA LYS C 6 30.38 -34.55 -34.59
C LYS C 6 29.51 -33.76 -33.61
N PRO C 7 29.85 -32.48 -33.35
CA PRO C 7 29.10 -31.62 -32.43
C PRO C 7 27.59 -31.65 -32.63
N VAL C 8 27.15 -31.44 -33.86
CA VAL C 8 25.72 -31.46 -34.13
C VAL C 8 25.11 -32.76 -33.64
N GLN C 9 25.85 -33.85 -33.79
CA GLN C 9 25.38 -35.15 -33.34
C GLN C 9 25.20 -35.21 -31.82
N ASP C 10 26.21 -34.78 -31.08
CA ASP C 10 26.13 -34.79 -29.62
C ASP C 10 24.97 -33.96 -29.07
N LEU C 11 24.55 -32.97 -29.84
CA LEU C 11 23.43 -32.12 -29.47
C LEU C 11 22.14 -32.91 -29.59
N ILE C 12 22.11 -33.76 -30.61
CA ILE C 12 20.97 -34.61 -30.92
C ILE C 12 20.88 -35.73 -29.92
N LYS C 13 22.04 -36.31 -29.60
CA LYS C 13 22.10 -37.40 -28.65
C LYS C 13 21.72 -36.85 -27.28
N MET C 14 21.68 -35.54 -27.20
CA MET C 14 21.37 -34.81 -25.99
C MET C 14 19.87 -34.56 -25.85
N ILE C 15 19.31 -33.85 -26.80
CA ILE C 15 17.90 -33.52 -26.77
C ILE C 15 17.07 -34.80 -26.78
N PHE C 16 17.46 -35.76 -27.59
CA PHE C 16 16.72 -37.02 -27.70
C PHE C 16 17.16 -38.11 -26.72
N ASP C 17 17.26 -37.74 -25.45
CA ASP C 17 17.62 -38.70 -24.44
C ASP C 17 16.30 -39.07 -23.77
N VAL C 18 15.81 -40.27 -24.05
CA VAL C 18 14.55 -40.71 -23.47
C VAL C 18 14.69 -40.99 -21.99
N GLU C 19 15.69 -41.76 -21.62
CA GLU C 19 15.85 -42.08 -20.20
C GLU C 19 15.87 -40.81 -19.34
N SER C 20 16.61 -39.79 -19.77
CA SER C 20 16.68 -38.57 -19.00
C SER C 20 15.30 -37.94 -18.85
N MET C 21 14.38 -38.31 -19.75
CA MET C 21 13.03 -37.77 -19.67
C MET C 21 12.38 -38.29 -18.40
N LYS C 22 12.13 -39.58 -18.34
CA LYS C 22 11.53 -40.21 -17.17
C LYS C 22 12.15 -39.66 -15.88
N LYS C 23 13.46 -39.51 -15.88
CA LYS C 23 14.17 -38.99 -14.73
C LYS C 23 13.52 -37.69 -14.25
N ALA C 24 13.25 -36.80 -15.19
CA ALA C 24 12.62 -35.54 -14.85
C ALA C 24 11.35 -35.85 -14.08
N MET C 25 10.36 -36.39 -14.79
CA MET C 25 9.07 -36.74 -14.20
C MET C 25 9.23 -37.30 -12.79
N VAL C 26 10.16 -38.23 -12.63
CA VAL C 26 10.44 -38.82 -11.34
C VAL C 26 10.72 -37.74 -10.30
N GLU C 27 11.71 -36.89 -10.57
CA GLU C 27 12.07 -35.81 -9.65
C GLU C 27 10.83 -35.02 -9.23
N TYR C 28 9.80 -35.07 -10.07
CA TYR C 28 8.55 -34.36 -9.81
C TYR C 28 7.61 -35.16 -8.90
N GLU C 29 7.96 -36.42 -8.66
CA GLU C 29 7.18 -37.32 -7.82
C GLU C 29 5.99 -37.95 -8.55
N ILE C 30 6.09 -38.02 -9.88
CA ILE C 30 5.04 -38.62 -10.73
C ILE C 30 5.14 -40.15 -10.63
N ASP C 31 4.06 -40.87 -10.93
CA ASP C 31 4.12 -42.33 -10.90
C ASP C 31 4.25 -42.90 -12.32
N LEU C 32 5.49 -43.08 -12.77
CA LEU C 32 5.77 -43.62 -14.09
C LEU C 32 5.02 -44.91 -14.33
N GLN C 33 4.89 -45.70 -13.27
CA GLN C 33 4.23 -47.01 -13.33
C GLN C 33 2.71 -46.92 -13.44
N LYS C 34 2.21 -45.70 -13.58
CA LYS C 34 0.78 -45.43 -13.72
C LYS C 34 0.67 -44.38 -14.80
N MET C 35 1.72 -43.57 -14.91
CA MET C 35 1.81 -42.50 -15.89
C MET C 35 3.12 -42.65 -16.64
N PRO C 36 3.27 -43.74 -17.43
CA PRO C 36 4.48 -44.02 -18.22
C PRO C 36 4.75 -42.88 -19.19
N LEU C 37 6.02 -42.63 -19.49
CA LEU C 37 6.33 -41.55 -20.40
C LEU C 37 5.43 -41.65 -21.64
N GLY C 38 5.33 -42.85 -22.21
CA GLY C 38 4.51 -43.03 -23.40
C GLY C 38 3.04 -42.77 -23.21
N LYS C 39 2.64 -42.39 -22.02
CA LYS C 39 1.24 -42.12 -21.74
C LYS C 39 0.88 -40.62 -21.64
N LEU C 40 1.86 -39.74 -21.77
CA LEU C 40 1.57 -38.31 -21.70
C LEU C 40 0.66 -37.83 -22.84
N SER C 41 -0.05 -36.74 -22.60
CA SER C 41 -0.93 -36.14 -23.60
C SER C 41 -1.16 -34.66 -23.29
N LYS C 42 -1.30 -33.86 -24.35
CA LYS C 42 -1.51 -32.43 -24.21
C LYS C 42 -2.83 -32.03 -23.54
N ARG C 43 -3.93 -32.74 -23.84
CA ARG C 43 -5.22 -32.38 -23.25
C ARG C 43 -5.27 -32.75 -21.78
N GLN C 44 -4.53 -33.78 -21.41
CA GLN C 44 -4.47 -34.21 -20.03
C GLN C 44 -3.85 -33.07 -19.23
N ILE C 45 -2.61 -32.75 -19.58
CA ILE C 45 -1.88 -31.67 -18.92
C ILE C 45 -2.67 -30.35 -19.00
N GLN C 46 -3.26 -30.06 -20.15
CA GLN C 46 -4.05 -28.86 -20.27
C GLN C 46 -5.23 -28.91 -19.27
N ALA C 47 -5.97 -30.00 -19.28
CA ALA C 47 -7.08 -30.13 -18.35
C ALA C 47 -6.53 -30.04 -16.90
N ALA C 48 -5.29 -30.44 -16.71
CA ALA C 48 -4.68 -30.34 -15.38
C ALA C 48 -4.47 -28.85 -15.09
N TYR C 49 -4.13 -28.09 -16.13
CA TYR C 49 -3.92 -26.65 -16.01
C TYR C 49 -5.15 -25.94 -15.44
N SER C 50 -6.32 -26.27 -15.97
CA SER C 50 -7.55 -25.62 -15.52
C SER C 50 -7.84 -25.88 -14.04
N ILE C 51 -7.47 -27.05 -13.55
CA ILE C 51 -7.70 -27.34 -12.14
C ILE C 51 -6.95 -26.34 -11.31
N LEU C 52 -5.66 -26.17 -11.59
CA LEU C 52 -4.83 -25.20 -10.86
C LEU C 52 -5.49 -23.81 -10.96
N SER C 53 -5.94 -23.48 -12.16
CA SER C 53 -6.61 -22.21 -12.37
C SER C 53 -7.86 -22.14 -11.53
N GLU C 54 -8.61 -23.22 -11.48
CA GLU C 54 -9.85 -23.26 -10.71
C GLU C 54 -9.60 -23.12 -9.21
N VAL C 55 -8.41 -23.54 -8.76
CA VAL C 55 -8.09 -23.41 -7.36
C VAL C 55 -7.88 -21.93 -7.06
N GLN C 56 -7.23 -21.24 -8.00
CA GLN C 56 -6.98 -19.81 -7.87
C GLN C 56 -8.27 -19.06 -7.63
N GLN C 57 -9.12 -18.97 -8.66
CA GLN C 57 -10.40 -18.28 -8.55
C GLN C 57 -11.33 -19.03 -7.62
N ALA C 58 -10.77 -19.53 -6.52
CA ALA C 58 -11.52 -20.28 -5.54
C ALA C 58 -10.81 -20.18 -4.20
N VAL C 59 -9.62 -20.76 -4.11
CA VAL C 59 -8.82 -20.74 -2.88
C VAL C 59 -8.84 -19.38 -2.15
N SER C 60 -8.26 -18.37 -2.80
CA SER C 60 -8.18 -17.02 -2.25
C SER C 60 -9.49 -16.23 -2.27
N GLN C 61 -10.43 -16.63 -3.11
CA GLN C 61 -11.72 -15.93 -3.19
C GLN C 61 -12.62 -16.45 -2.07
N GLY C 62 -12.02 -17.17 -1.13
CA GLY C 62 -12.76 -17.76 -0.02
C GLY C 62 -13.30 -19.09 -0.50
N SER C 63 -12.99 -20.17 0.21
CA SER C 63 -13.48 -21.48 -0.21
C SER C 63 -14.03 -22.36 0.91
N SER C 64 -14.01 -23.66 0.66
CA SER C 64 -14.48 -24.65 1.62
C SER C 64 -13.52 -25.82 1.57
N ASP C 65 -13.20 -26.37 2.74
CA ASP C 65 -12.29 -27.49 2.76
C ASP C 65 -12.69 -28.50 1.69
N SER C 66 -13.99 -28.78 1.59
CA SER C 66 -14.49 -29.75 0.63
C SER C 66 -13.96 -29.48 -0.77
N GLN C 67 -14.02 -28.23 -1.21
CA GLN C 67 -13.56 -27.85 -2.54
C GLN C 67 -12.07 -28.14 -2.76
N ILE C 68 -11.20 -27.45 -2.02
CA ILE C 68 -9.77 -27.65 -2.15
C ILE C 68 -9.47 -29.13 -2.08
N LEU C 69 -10.14 -29.80 -1.16
CA LEU C 69 -9.96 -31.23 -0.98
C LEU C 69 -10.34 -31.93 -2.28
N ASP C 70 -11.52 -31.59 -2.78
CA ASP C 70 -12.05 -32.14 -4.03
C ASP C 70 -11.17 -31.84 -5.24
N LEU C 71 -10.91 -30.56 -5.50
CA LEU C 71 -10.07 -30.14 -6.62
C LEU C 71 -8.67 -30.77 -6.56
N SER C 72 -8.14 -30.92 -5.35
CA SER C 72 -6.82 -31.52 -5.18
C SER C 72 -6.92 -32.98 -5.60
N ASN C 73 -8.08 -33.57 -5.37
CA ASN C 73 -8.27 -34.96 -5.73
C ASN C 73 -8.31 -35.03 -7.24
N ARG C 74 -9.31 -34.38 -7.82
CA ARG C 74 -9.44 -34.35 -9.28
C ARG C 74 -8.06 -34.24 -9.93
N PHE C 75 -7.22 -33.37 -9.40
CA PHE C 75 -5.87 -33.18 -9.92
C PHE C 75 -4.96 -34.42 -9.82
N TYR C 76 -4.80 -34.92 -8.60
CA TYR C 76 -3.95 -36.09 -8.33
C TYR C 76 -4.36 -37.40 -8.97
N THR C 77 -5.63 -37.52 -9.34
CA THR C 77 -6.09 -38.74 -10.01
C THR C 77 -5.77 -38.59 -11.50
N LEU C 78 -6.01 -37.39 -12.00
CA LEU C 78 -5.78 -37.03 -13.39
C LEU C 78 -4.30 -37.18 -13.74
N ILE C 79 -3.43 -36.83 -12.79
CA ILE C 79 -1.98 -36.93 -12.94
C ILE C 79 -1.43 -37.65 -11.73
N PRO C 80 -1.21 -38.97 -11.87
CA PRO C 80 -0.69 -39.84 -10.81
C PRO C 80 0.57 -39.30 -10.15
N HIS C 81 0.69 -39.57 -8.86
CA HIS C 81 1.85 -39.15 -8.08
C HIS C 81 2.15 -40.24 -7.08
N ASP C 82 3.42 -40.43 -6.80
CA ASP C 82 3.83 -41.44 -5.83
C ASP C 82 4.59 -40.73 -4.73
N PHE C 83 3.98 -40.69 -3.55
CA PHE C 83 4.59 -40.05 -2.39
C PHE C 83 4.97 -41.09 -1.34
N GLY C 84 4.53 -42.33 -1.56
CA GLY C 84 4.82 -43.38 -0.60
C GLY C 84 3.99 -43.17 0.64
N MET C 85 4.41 -43.76 1.76
CA MET C 85 3.68 -43.61 3.02
C MET C 85 3.84 -42.20 3.57
N LYS C 86 3.23 -41.24 2.88
CA LYS C 86 3.28 -39.84 3.28
C LYS C 86 2.08 -39.10 2.66
N LYS C 87 1.11 -38.77 3.51
CA LYS C 87 -0.08 -38.06 3.05
C LYS C 87 0.30 -36.94 2.09
N PRO C 88 -0.10 -37.08 0.83
CA PRO C 88 0.12 -36.16 -0.29
C PRO C 88 -0.27 -34.72 0.03
N PRO C 89 0.52 -33.74 -0.45
CA PRO C 89 0.30 -32.31 -0.25
C PRO C 89 -1.03 -31.78 -0.80
N LEU C 90 -1.64 -30.89 -0.02
CA LEU C 90 -2.92 -30.30 -0.38
C LEU C 90 -2.72 -28.94 -1.03
N LEU C 91 -3.33 -28.75 -2.21
CA LEU C 91 -3.21 -27.52 -2.99
C LEU C 91 -3.95 -26.30 -2.42
N ASN C 92 -3.22 -25.43 -1.72
CA ASN C 92 -3.82 -24.24 -1.14
C ASN C 92 -2.80 -23.34 -0.46
N ASN C 93 -1.55 -23.39 -0.92
CA ASN C 93 -0.50 -22.59 -0.31
C ASN C 93 0.12 -21.58 -1.27
N ALA C 94 -0.49 -21.42 -2.44
CA ALA C 94 0.04 -20.50 -3.44
C ALA C 94 1.41 -20.99 -3.90
N ASP C 95 2.35 -21.10 -2.96
CA ASP C 95 3.69 -21.59 -3.26
C ASP C 95 3.56 -23.04 -3.67
N SER C 96 2.54 -23.69 -3.12
CA SER C 96 2.23 -25.09 -3.39
C SER C 96 1.60 -25.25 -4.77
N VAL C 97 0.48 -24.56 -4.97
CA VAL C 97 -0.21 -24.63 -6.25
C VAL C 97 0.66 -24.02 -7.34
N GLN C 98 1.72 -23.32 -6.94
CA GLN C 98 2.63 -22.68 -7.88
C GLN C 98 3.63 -23.66 -8.50
N ALA C 99 4.12 -24.61 -7.71
CA ALA C 99 5.06 -25.59 -8.20
C ALA C 99 4.40 -26.47 -9.26
N LYS C 100 3.10 -26.72 -9.07
CA LYS C 100 2.36 -27.53 -10.01
C LYS C 100 2.39 -26.86 -11.37
N VAL C 101 2.47 -25.52 -11.35
CA VAL C 101 2.53 -24.73 -12.56
C VAL C 101 3.92 -24.89 -13.18
N GLU C 102 4.93 -24.89 -12.33
CA GLU C 102 6.29 -25.05 -12.81
C GLU C 102 6.39 -26.48 -13.29
N MET C 103 5.62 -27.35 -12.65
CA MET C 103 5.60 -28.77 -12.95
C MET C 103 4.96 -29.04 -14.32
N LEU C 104 3.72 -28.58 -14.46
CA LEU C 104 3.00 -28.77 -15.69
C LEU C 104 3.75 -28.25 -16.90
N ASP C 105 4.37 -27.08 -16.76
CA ASP C 105 5.10 -26.49 -17.88
C ASP C 105 6.15 -27.47 -18.41
N ASN C 106 7.09 -27.86 -17.55
CA ASN C 106 8.11 -28.82 -17.95
C ASN C 106 7.49 -30.06 -18.59
N LEU C 107 6.30 -30.45 -18.15
CA LEU C 107 5.60 -31.63 -18.67
C LEU C 107 5.08 -31.49 -20.10
N LEU C 108 4.48 -30.34 -20.39
CA LEU C 108 3.93 -30.06 -21.71
C LEU C 108 5.04 -30.17 -22.77
N ASP C 109 6.26 -29.87 -22.36
CA ASP C 109 7.40 -29.91 -23.25
C ASP C 109 7.95 -31.30 -23.47
N ILE C 110 7.93 -32.10 -22.42
CA ILE C 110 8.43 -33.46 -22.50
C ILE C 110 7.61 -34.23 -23.52
N GLU C 111 6.29 -34.07 -23.44
CA GLU C 111 5.38 -34.74 -24.35
C GLU C 111 5.68 -34.38 -25.80
N VAL C 112 5.96 -33.12 -26.07
CA VAL C 112 6.27 -32.68 -27.42
C VAL C 112 7.55 -33.30 -27.94
N ALA C 113 8.57 -33.33 -27.10
CA ALA C 113 9.86 -33.91 -27.48
C ALA C 113 9.70 -35.41 -27.62
N TYR C 114 8.71 -35.97 -26.93
CA TYR C 114 8.49 -37.41 -26.99
C TYR C 114 7.76 -37.85 -28.26
N SER C 115 6.56 -37.32 -28.44
CA SER C 115 5.75 -37.63 -29.62
C SER C 115 6.58 -37.41 -30.88
N LEU C 116 7.51 -36.45 -30.80
CA LEU C 116 8.39 -36.15 -31.93
C LEU C 116 9.43 -37.26 -31.98
N LEU C 117 10.18 -37.39 -30.89
CA LEU C 117 11.24 -38.39 -30.79
C LEU C 117 10.87 -39.73 -31.43
N ARG C 118 9.59 -40.08 -31.41
CA ARG C 118 9.16 -41.33 -32.03
C ARG C 118 7.89 -41.16 -32.84
N GLY C 119 8.08 -41.01 -34.14
CA GLY C 119 6.97 -40.86 -35.06
C GLY C 119 7.39 -41.38 -36.42
N GLY C 120 8.66 -41.76 -36.52
CA GLY C 120 9.19 -42.29 -37.78
C GLY C 120 10.68 -42.02 -37.95
N SER C 121 11.50 -42.60 -37.06
CA SER C 121 12.94 -42.40 -37.11
C SER C 121 13.73 -43.70 -37.10
N ASP C 122 13.41 -44.60 -38.04
CA ASP C 122 14.08 -45.89 -38.15
C ASP C 122 14.21 -46.29 -39.62
N ASP C 123 14.91 -45.46 -40.40
CA ASP C 123 15.09 -45.70 -41.82
C ASP C 123 16.50 -46.16 -42.19
N SER C 124 16.62 -46.78 -43.36
CA SER C 124 17.89 -47.27 -43.88
C SER C 124 18.90 -46.12 -44.05
N SER C 125 19.07 -45.67 -45.30
CA SER C 125 20.00 -44.59 -45.65
C SER C 125 20.97 -44.21 -44.53
N LYS C 126 20.54 -43.28 -43.67
CA LYS C 126 21.37 -42.84 -42.55
C LYS C 126 20.79 -43.35 -41.23
N ASP C 127 21.58 -43.25 -40.16
CA ASP C 127 21.15 -43.73 -38.86
C ASP C 127 20.21 -42.76 -38.15
N PRO C 128 19.79 -43.11 -36.91
CA PRO C 128 18.89 -42.28 -36.11
C PRO C 128 19.24 -40.80 -35.96
N ILE C 129 20.45 -40.49 -35.53
CA ILE C 129 20.83 -39.09 -35.38
C ILE C 129 20.42 -38.27 -36.59
N ASP C 130 20.74 -38.76 -37.78
CA ASP C 130 20.39 -38.08 -39.02
C ASP C 130 18.89 -37.98 -39.18
N VAL C 131 18.19 -39.08 -38.94
CA VAL C 131 16.74 -39.09 -39.08
C VAL C 131 16.02 -38.13 -38.13
N ASN C 132 16.46 -38.11 -36.88
CA ASN C 132 15.88 -37.26 -35.86
C ASN C 132 16.25 -35.80 -36.09
N TYR C 133 17.37 -35.58 -36.78
CA TYR C 133 17.77 -34.22 -37.09
C TYR C 133 16.61 -33.57 -37.84
N GLU C 134 16.44 -34.01 -39.09
CA GLU C 134 15.40 -33.47 -39.94
C GLU C 134 14.06 -33.31 -39.21
N LYS C 135 13.80 -34.15 -38.21
CA LYS C 135 12.57 -34.03 -37.44
C LYS C 135 12.51 -32.64 -36.84
N LEU C 136 13.66 -32.14 -36.37
CA LEU C 136 13.76 -30.80 -35.79
C LEU C 136 13.31 -29.72 -36.76
N LYS C 137 13.40 -30.02 -38.05
CA LYS C 137 13.02 -29.06 -39.09
C LYS C 137 13.70 -27.71 -38.79
N THR C 138 15.00 -27.76 -38.62
CA THR C 138 15.75 -26.55 -38.35
C THR C 138 17.21 -26.76 -38.73
N ASP C 139 17.73 -25.82 -39.50
CA ASP C 139 19.12 -25.88 -39.90
C ASP C 139 19.97 -25.62 -38.65
N ILE C 140 21.02 -26.43 -38.49
CA ILE C 140 21.91 -26.28 -37.35
C ILE C 140 23.35 -26.29 -37.87
N LYS C 141 24.10 -25.23 -37.60
CA LYS C 141 25.49 -25.13 -38.04
C LYS C 141 26.45 -24.69 -36.93
N VAL C 142 27.69 -25.17 -37.01
CA VAL C 142 28.72 -24.85 -36.03
C VAL C 142 29.34 -23.49 -36.23
N VAL C 143 29.73 -22.87 -35.13
CA VAL C 143 30.39 -21.56 -35.15
C VAL C 143 31.77 -21.80 -34.56
N ASP C 144 32.79 -21.11 -35.06
CA ASP C 144 34.14 -21.33 -34.55
C ASP C 144 34.54 -20.48 -33.36
N ARG C 145 35.32 -21.10 -32.47
CA ARG C 145 35.81 -20.46 -31.27
C ARG C 145 36.76 -19.31 -31.60
N ASP C 146 36.59 -18.74 -32.79
CA ASP C 146 37.44 -17.63 -33.22
C ASP C 146 36.67 -16.64 -34.10
N SER C 147 35.53 -17.07 -34.61
CA SER C 147 34.68 -16.23 -35.44
C SER C 147 34.24 -15.00 -34.64
N GLU C 148 34.26 -13.82 -35.27
CA GLU C 148 33.84 -12.62 -34.58
C GLU C 148 32.54 -12.92 -33.83
N GLU C 149 31.70 -13.77 -34.41
CA GLU C 149 30.44 -14.14 -33.79
C GLU C 149 30.70 -14.71 -32.41
N ALA C 150 31.41 -15.83 -32.37
CA ALA C 150 31.73 -16.50 -31.10
C ALA C 150 32.27 -15.52 -30.07
N GLU C 151 33.12 -14.61 -30.52
CA GLU C 151 33.71 -13.66 -29.60
C GLU C 151 32.68 -12.71 -29.01
N ILE C 152 31.60 -12.48 -29.74
CA ILE C 152 30.55 -11.61 -29.23
C ILE C 152 29.82 -12.40 -28.13
N ILE C 153 29.35 -13.60 -28.51
CA ILE C 153 28.60 -14.48 -27.63
C ILE C 153 29.34 -14.62 -26.30
N ARG C 154 30.52 -15.21 -26.35
CA ARG C 154 31.33 -15.40 -25.16
C ARG C 154 31.34 -14.11 -24.33
N LYS C 155 31.59 -12.98 -25.00
CA LYS C 155 31.63 -11.69 -24.34
C LYS C 155 30.32 -11.39 -23.62
N TYR C 156 29.22 -11.60 -24.32
CA TYR C 156 27.88 -11.35 -23.82
C TYR C 156 27.63 -12.24 -22.60
N VAL C 157 28.01 -13.51 -22.73
CA VAL C 157 27.86 -14.49 -21.66
C VAL C 157 28.53 -14.10 -20.34
N LYS C 158 29.86 -14.04 -20.32
CA LYS C 158 30.61 -13.72 -19.10
C LYS C 158 30.33 -12.34 -18.48
N ASN C 159 30.08 -11.35 -19.33
CA ASN C 159 29.83 -10.00 -18.86
C ASN C 159 28.52 -9.87 -18.10
N THR C 160 27.47 -10.50 -18.64
CA THR C 160 26.14 -10.41 -18.07
C THR C 160 25.75 -11.50 -17.05
N HIS C 161 26.77 -12.17 -16.51
CA HIS C 161 26.58 -13.20 -15.48
C HIS C 161 26.40 -12.50 -14.15
N ALA C 162 25.16 -12.47 -13.65
CA ALA C 162 24.80 -11.80 -12.41
C ALA C 162 25.71 -12.10 -11.24
N THR C 163 25.53 -11.36 -10.16
CA THR C 163 26.37 -11.53 -8.99
C THR C 163 25.70 -12.35 -7.91
N THR C 164 24.38 -12.40 -7.94
CA THR C 164 23.71 -13.19 -6.91
C THR C 164 23.80 -14.62 -7.37
N HIS C 165 23.86 -14.85 -8.68
CA HIS C 165 23.97 -16.22 -9.19
C HIS C 165 25.41 -16.68 -9.06
N ASN C 166 25.87 -16.87 -7.83
CA ASN C 166 27.24 -17.30 -7.55
C ASN C 166 27.40 -18.80 -7.29
N ALA C 167 26.35 -19.57 -7.53
CA ALA C 167 26.40 -21.01 -7.29
C ALA C 167 26.89 -21.86 -8.47
N TYR C 168 27.49 -21.21 -9.47
CA TYR C 168 28.09 -21.92 -10.62
C TYR C 168 28.88 -21.00 -11.52
N ASP C 169 29.83 -21.58 -12.26
CA ASP C 169 30.65 -20.86 -13.24
C ASP C 169 30.32 -21.40 -14.63
N LEU C 170 30.03 -20.53 -15.59
CA LEU C 170 29.71 -20.99 -16.93
C LEU C 170 30.93 -21.19 -17.84
N GLU C 171 30.71 -21.89 -18.95
CA GLU C 171 31.78 -22.17 -19.89
C GLU C 171 31.16 -22.62 -21.22
N VAL C 172 31.22 -21.76 -22.24
CA VAL C 172 30.63 -22.10 -23.53
C VAL C 172 31.36 -23.24 -24.23
N ILE C 173 30.66 -24.35 -24.48
CA ILE C 173 31.30 -25.48 -25.17
C ILE C 173 31.15 -25.38 -26.66
N ASP C 174 29.90 -25.45 -27.14
CA ASP C 174 29.64 -25.37 -28.56
C ASP C 174 28.56 -24.37 -28.94
N ILE C 175 28.95 -23.33 -29.67
CA ILE C 175 27.96 -22.36 -30.12
C ILE C 175 27.41 -22.91 -31.44
N PHE C 176 26.13 -22.68 -31.70
CA PHE C 176 25.51 -23.15 -32.92
C PHE C 176 24.64 -22.09 -33.57
N LYS C 177 24.60 -22.10 -34.90
CA LYS C 177 23.75 -21.16 -35.64
C LYS C 177 22.52 -21.95 -36.06
N ILE C 178 21.33 -21.39 -35.84
CA ILE C 178 20.14 -22.12 -36.19
C ILE C 178 19.12 -21.30 -36.91
N GLU C 179 18.15 -21.98 -37.51
CA GLU C 179 17.10 -21.30 -38.26
C GLU C 179 15.87 -22.21 -38.51
N ARG C 180 14.80 -21.97 -37.75
CA ARG C 180 13.54 -22.73 -37.89
C ARG C 180 12.90 -22.62 -39.28
N GLU C 181 12.49 -23.76 -39.81
CA GLU C 181 11.87 -23.82 -41.13
C GLU C 181 10.68 -22.88 -41.32
N GLY C 182 10.94 -21.73 -41.92
CA GLY C 182 9.90 -20.76 -42.19
C GLY C 182 9.57 -19.76 -41.09
N GLU C 183 10.55 -19.41 -40.26
CA GLU C 183 10.32 -18.45 -39.18
C GLU C 183 10.58 -17.05 -39.73
N CYS C 184 11.55 -16.94 -40.64
CA CYS C 184 11.85 -15.66 -41.27
C CYS C 184 10.58 -15.10 -41.93
N GLN C 185 9.86 -15.98 -42.63
CA GLN C 185 8.62 -15.59 -43.29
C GLN C 185 7.59 -15.17 -42.26
N ARG C 186 7.72 -15.71 -41.04
CA ARG C 186 6.78 -15.42 -39.93
C ARG C 186 7.18 -14.18 -39.13
N TYR C 187 8.46 -13.83 -39.15
CA TYR C 187 9.00 -12.68 -38.43
C TYR C 187 9.10 -11.45 -39.34
N LYS C 188 9.02 -11.67 -40.65
CA LYS C 188 9.11 -10.58 -41.63
C LYS C 188 8.38 -9.27 -41.27
N PRO C 189 7.13 -9.35 -40.79
CA PRO C 189 6.40 -8.12 -40.44
C PRO C 189 7.09 -7.32 -39.36
N PHE C 190 7.24 -7.96 -38.20
CA PHE C 190 7.88 -7.34 -37.05
C PHE C 190 9.32 -6.99 -37.34
N LYS C 191 9.90 -7.64 -38.36
CA LYS C 191 11.28 -7.37 -38.73
C LYS C 191 11.46 -5.86 -38.91
N GLN C 192 10.33 -5.15 -39.02
CA GLN C 192 10.35 -3.71 -39.22
C GLN C 192 9.65 -3.01 -38.04
N LEU C 193 10.12 -3.26 -36.83
CA LEU C 193 9.58 -2.66 -35.63
C LEU C 193 10.83 -2.04 -34.99
N HIS C 194 10.69 -1.25 -33.93
CA HIS C 194 11.92 -0.70 -33.36
C HIS C 194 12.28 -1.44 -32.08
N ASN C 195 13.51 -1.26 -31.62
CA ASN C 195 13.93 -1.90 -30.38
C ASN C 195 14.00 -3.42 -30.52
N ARG C 196 15.02 -3.92 -31.21
CA ARG C 196 15.22 -5.35 -31.37
C ARG C 196 16.50 -5.77 -30.66
N ARG C 197 16.42 -6.71 -29.73
CA ARG C 197 17.64 -7.12 -29.04
C ARG C 197 17.83 -8.64 -28.88
N LEU C 198 19.08 -9.01 -28.62
CA LEU C 198 19.44 -10.40 -28.42
C LEU C 198 19.23 -10.72 -26.94
N LEU C 199 18.11 -11.34 -26.64
CA LEU C 199 17.80 -11.70 -25.27
C LEU C 199 17.95 -13.20 -25.07
N TRP C 200 18.21 -13.61 -23.84
CA TRP C 200 18.41 -15.02 -23.52
C TRP C 200 17.10 -15.73 -23.25
N HIS C 201 17.21 -17.03 -23.05
CA HIS C 201 16.07 -17.88 -22.75
C HIS C 201 16.61 -19.23 -22.32
N GLY C 202 16.40 -19.56 -21.06
CA GLY C 202 16.89 -20.83 -20.59
C GLY C 202 15.73 -21.81 -20.42
N SER C 203 15.97 -23.08 -20.74
CA SER C 203 14.95 -24.11 -20.60
C SER C 203 15.59 -25.47 -20.41
N ARG C 204 14.82 -26.43 -19.90
CA ARG C 204 15.33 -27.77 -19.65
C ARG C 204 15.63 -28.48 -20.98
N THR C 205 16.88 -28.91 -21.13
CA THR C 205 17.37 -29.59 -22.30
C THR C 205 16.39 -30.56 -22.98
N THR C 206 15.69 -31.40 -22.21
CA THR C 206 14.74 -32.31 -22.84
C THR C 206 13.44 -31.61 -23.19
N ASN C 207 13.56 -30.35 -23.55
CA ASN C 207 12.42 -29.55 -23.96
C ASN C 207 12.76 -29.01 -25.34
N PHE C 208 14.06 -28.91 -25.62
CA PHE C 208 14.47 -28.35 -26.89
C PHE C 208 13.93 -29.02 -28.13
N ALA C 209 13.97 -30.35 -28.17
CA ALA C 209 13.44 -31.07 -29.30
C ALA C 209 12.15 -30.40 -29.78
N GLY C 210 11.29 -30.04 -28.81
CA GLY C 210 10.01 -29.41 -29.11
C GLY C 210 10.08 -27.96 -29.52
N ILE C 211 11.03 -27.25 -28.93
CA ILE C 211 11.27 -25.84 -29.19
C ILE C 211 11.91 -25.68 -30.58
N LEU C 212 12.94 -26.47 -30.86
CA LEU C 212 13.57 -26.36 -32.17
C LEU C 212 12.66 -26.86 -33.25
N SER C 213 11.54 -27.44 -32.83
CA SER C 213 10.58 -27.97 -33.77
C SER C 213 9.34 -27.07 -33.84
N GLN C 214 8.90 -26.60 -32.68
CA GLN C 214 7.71 -25.74 -32.56
C GLN C 214 7.98 -24.28 -32.23
N GLY C 215 9.24 -23.94 -31.95
CA GLY C 215 9.59 -22.58 -31.61
C GLY C 215 9.06 -22.26 -30.22
N LEU C 216 9.67 -21.29 -29.54
CA LEU C 216 9.20 -20.94 -28.21
C LEU C 216 7.71 -20.59 -28.16
N ARG C 217 6.98 -21.35 -27.36
CA ARG C 217 5.54 -21.16 -27.20
C ARG C 217 5.19 -20.46 -25.90
N ILE C 218 3.92 -20.08 -25.82
CA ILE C 218 3.30 -19.38 -24.70
C ILE C 218 2.52 -20.37 -23.84
N ALA C 219 2.64 -20.26 -22.52
CA ALA C 219 1.90 -21.12 -21.61
C ALA C 219 0.44 -21.12 -22.05
N PRO C 220 -0.12 -22.31 -22.30
CA PRO C 220 -1.52 -22.40 -22.73
C PRO C 220 -2.49 -21.57 -21.91
N PRO C 221 -3.55 -21.09 -22.55
CA PRO C 221 -4.57 -20.28 -21.91
C PRO C 221 -4.98 -20.83 -20.55
N GLU C 222 -5.41 -22.09 -20.50
CA GLU C 222 -5.85 -22.75 -19.26
C GLU C 222 -4.91 -22.65 -18.05
N ALA C 223 -3.86 -21.86 -18.14
CA ALA C 223 -2.95 -21.72 -17.02
C ALA C 223 -3.37 -20.51 -16.22
N PRO C 224 -3.36 -20.60 -14.89
CA PRO C 224 -3.76 -19.41 -14.13
C PRO C 224 -2.83 -18.22 -14.44
N VAL C 225 -3.42 -17.05 -14.67
CA VAL C 225 -2.63 -15.85 -14.99
C VAL C 225 -1.63 -15.57 -13.87
N THR C 226 -2.06 -15.84 -12.64
CA THR C 226 -1.26 -15.61 -11.46
C THR C 226 -0.08 -16.55 -11.36
N GLY C 227 -0.07 -17.57 -12.21
CA GLY C 227 1.05 -18.48 -12.18
C GLY C 227 2.23 -17.87 -12.89
N TYR C 228 2.03 -16.67 -13.44
CA TYR C 228 3.06 -15.94 -14.19
C TYR C 228 3.12 -14.44 -13.80
N MET C 229 4.33 -13.96 -13.53
CA MET C 229 4.54 -12.58 -13.10
C MET C 229 4.00 -11.45 -13.97
N PHE C 230 4.06 -11.63 -15.28
CA PHE C 230 3.59 -10.60 -16.22
C PHE C 230 2.68 -11.22 -17.27
N GLY C 231 1.67 -11.96 -16.81
CA GLY C 231 0.75 -12.58 -17.73
C GLY C 231 1.43 -13.69 -18.52
N LYS C 232 0.65 -14.38 -19.33
CA LYS C 232 1.19 -15.47 -20.11
C LYS C 232 1.79 -14.99 -21.42
N GLY C 233 3.10 -15.18 -21.55
CA GLY C 233 3.84 -14.79 -22.74
C GLY C 233 5.24 -15.39 -22.66
N ILE C 234 6.09 -15.08 -23.63
CA ILE C 234 7.46 -15.58 -23.62
C ILE C 234 8.34 -14.61 -22.81
N TYR C 235 9.25 -15.17 -22.00
CA TYR C 235 10.14 -14.38 -21.14
C TYR C 235 11.62 -14.50 -21.55
N PHE C 236 12.32 -13.37 -21.48
CA PHE C 236 13.74 -13.29 -21.84
C PHE C 236 14.46 -12.44 -20.78
N ALA C 237 15.79 -12.40 -20.85
CA ALA C 237 16.56 -11.63 -19.88
C ALA C 237 17.79 -11.00 -20.57
N ASP C 238 18.51 -10.11 -19.87
CA ASP C 238 19.73 -9.57 -20.47
C ASP C 238 20.96 -10.06 -19.67
N MET C 239 20.67 -10.83 -18.61
CA MET C 239 21.67 -11.43 -17.75
C MET C 239 21.71 -12.94 -18.07
N VAL C 240 22.66 -13.39 -18.87
CA VAL C 240 22.69 -14.79 -19.24
C VAL C 240 22.30 -15.71 -18.07
N SER C 241 22.90 -15.49 -16.91
CA SER C 241 22.61 -16.33 -15.75
C SER C 241 21.15 -16.29 -15.23
N LYS C 242 20.38 -15.26 -15.55
CA LYS C 242 19.02 -15.24 -15.07
C LYS C 242 18.19 -16.28 -15.79
N SER C 243 18.42 -16.44 -17.09
CA SER C 243 17.67 -17.42 -17.85
C SER C 243 18.39 -18.77 -17.76
N ALA C 244 19.68 -18.76 -17.42
CA ALA C 244 20.41 -20.00 -17.30
C ALA C 244 19.92 -20.78 -16.07
N ASN C 245 19.50 -20.06 -15.04
CA ASN C 245 18.98 -20.72 -13.83
C ASN C 245 17.76 -21.57 -14.13
N TYR C 246 17.39 -21.63 -15.41
CA TYR C 246 16.24 -22.41 -15.87
C TYR C 246 16.62 -23.59 -16.77
N CYS C 247 17.85 -24.08 -16.69
CA CYS C 247 18.25 -25.20 -17.51
C CYS C 247 18.16 -26.49 -16.71
N HIS C 248 17.82 -26.35 -15.43
CA HIS C 248 17.67 -27.48 -14.53
C HIS C 248 18.79 -28.48 -14.68
N THR C 249 20.00 -28.02 -14.39
CA THR C 249 21.19 -28.86 -14.47
C THR C 249 21.63 -29.20 -13.05
N SER C 250 22.03 -30.45 -12.86
CA SER C 250 22.51 -30.92 -11.55
C SER C 250 23.94 -31.31 -11.81
N GLN C 251 24.60 -31.93 -10.84
CA GLN C 251 25.97 -32.35 -11.11
C GLN C 251 25.88 -33.54 -12.06
N GLY C 252 24.84 -34.35 -11.89
CA GLY C 252 24.63 -35.48 -12.77
C GLY C 252 24.63 -35.02 -14.21
N ASP C 253 23.85 -33.98 -14.47
CA ASP C 253 23.74 -33.37 -15.79
C ASP C 253 24.22 -31.91 -15.69
N PRO C 254 25.53 -31.69 -15.83
CA PRO C 254 26.18 -30.38 -15.75
C PRO C 254 26.36 -29.64 -17.08
N ILE C 255 25.78 -30.17 -18.16
CA ILE C 255 25.88 -29.52 -19.47
C ILE C 255 24.48 -29.21 -20.01
N GLY C 256 24.22 -27.92 -20.26
CA GLY C 256 22.92 -27.49 -20.73
C GLY C 256 22.87 -26.67 -22.00
N LEU C 257 21.65 -26.30 -22.38
CA LEU C 257 21.41 -25.50 -23.58
C LEU C 257 20.68 -24.19 -23.25
N ILE C 258 21.07 -23.10 -23.91
CA ILE C 258 20.40 -21.82 -23.69
C ILE C 258 20.21 -21.10 -25.03
N LEU C 259 19.15 -20.30 -25.13
CA LEU C 259 18.85 -19.60 -26.39
C LEU C 259 19.13 -18.09 -26.46
N LEU C 260 19.51 -17.65 -27.67
CA LEU C 260 19.76 -16.24 -28.01
C LEU C 260 18.85 -15.98 -29.19
N GLY C 261 17.72 -15.34 -28.94
CA GLY C 261 16.78 -15.05 -30.02
C GLY C 261 16.66 -13.58 -30.32
N GLU C 262 16.05 -13.26 -31.45
CA GLU C 262 15.88 -11.85 -31.79
C GLU C 262 14.42 -11.51 -31.52
N VAL C 263 14.19 -10.67 -30.52
CA VAL C 263 12.83 -10.28 -30.11
C VAL C 263 12.46 -8.85 -30.55
N ALA C 264 11.29 -8.69 -31.16
CA ALA C 264 10.83 -7.38 -31.60
C ALA C 264 10.01 -6.66 -30.51
N LEU C 265 10.70 -6.01 -29.57
CA LEU C 265 10.07 -5.31 -28.45
C LEU C 265 9.14 -4.12 -28.72
N GLY C 266 9.46 -3.27 -29.70
CA GLY C 266 8.62 -2.11 -30.00
C GLY C 266 8.52 -1.14 -28.85
N ASN C 267 7.29 -0.76 -28.46
CA ASN C 267 7.08 0.15 -27.34
C ASN C 267 6.91 -0.68 -26.09
N MET C 268 7.91 -0.67 -25.21
CA MET C 268 7.84 -1.46 -23.99
C MET C 268 6.93 -0.81 -22.92
N TYR C 269 6.36 -1.64 -22.05
CA TYR C 269 5.50 -1.16 -20.97
C TYR C 269 6.28 -1.34 -19.66
N GLU C 270 7.04 -0.30 -19.31
CA GLU C 270 7.88 -0.28 -18.12
C GLU C 270 7.13 -0.50 -16.81
N LEU C 271 7.18 -1.74 -16.31
CA LEU C 271 6.52 -2.10 -15.07
C LEU C 271 7.61 -2.49 -14.07
N LYS C 272 7.43 -2.07 -12.81
CA LYS C 272 8.41 -2.35 -11.77
C LYS C 272 7.77 -3.24 -10.72
N HIS C 273 6.46 -3.32 -10.77
CA HIS C 273 5.68 -4.13 -9.84
C HIS C 273 5.15 -5.30 -10.67
N ALA C 274 4.47 -6.25 -10.03
CA ALA C 274 3.92 -7.39 -10.75
C ALA C 274 2.43 -7.24 -11.02
N SER C 275 2.01 -7.67 -12.20
CA SER C 275 0.63 -7.60 -12.59
C SER C 275 0.40 -8.71 -13.60
N HIS C 276 -0.81 -9.22 -13.65
CA HIS C 276 -1.10 -10.31 -14.54
C HIS C 276 -1.78 -9.92 -15.85
N ILE C 277 -0.99 -9.28 -16.71
CA ILE C 277 -1.41 -8.78 -18.01
C ILE C 277 -2.31 -9.75 -18.78
N SER C 278 -3.37 -9.20 -19.35
CA SER C 278 -4.34 -9.96 -20.14
C SER C 278 -4.50 -9.24 -21.47
N LYS C 279 -4.40 -7.92 -21.40
CA LYS C 279 -4.50 -7.04 -22.56
C LYS C 279 -3.35 -6.05 -22.42
N LEU C 280 -2.95 -5.45 -23.53
CA LEU C 280 -1.83 -4.52 -23.53
C LEU C 280 -2.33 -3.10 -23.79
N PRO C 281 -1.59 -2.09 -23.30
CA PRO C 281 -1.99 -0.70 -23.53
C PRO C 281 -1.72 -0.32 -24.98
N LYS C 282 -2.48 0.64 -25.49
CA LYS C 282 -2.33 1.08 -26.86
C LYS C 282 -0.88 1.38 -27.19
N GLY C 283 -0.53 1.22 -28.45
CA GLY C 283 0.81 1.52 -28.90
C GLY C 283 1.90 0.59 -28.38
N LYS C 284 1.63 -0.04 -27.23
CA LYS C 284 2.55 -0.97 -26.60
C LYS C 284 2.71 -2.29 -27.38
N HIS C 285 3.92 -2.81 -27.44
CA HIS C 285 4.19 -4.04 -28.18
C HIS C 285 4.99 -5.03 -27.34
N SER C 286 4.88 -4.92 -26.02
CA SER C 286 5.63 -5.80 -25.13
C SER C 286 5.54 -5.25 -23.72
N VAL C 287 6.44 -5.72 -22.85
CA VAL C 287 6.51 -5.27 -21.46
C VAL C 287 7.95 -5.55 -21.01
N LYS C 288 8.51 -4.65 -20.22
CA LYS C 288 9.85 -4.82 -19.66
C LYS C 288 9.81 -4.61 -18.15
N GLY C 289 10.05 -5.66 -17.40
CA GLY C 289 10.09 -5.52 -15.97
C GLY C 289 11.37 -4.80 -15.58
N LEU C 290 11.26 -3.84 -14.69
CA LEU C 290 12.43 -3.10 -14.27
C LEU C 290 13.07 -3.78 -13.07
N GLY C 291 14.41 -3.83 -13.05
CA GLY C 291 15.12 -4.44 -11.94
C GLY C 291 16.17 -3.53 -11.32
N LYS C 292 16.63 -3.87 -10.13
CA LYS C 292 17.64 -3.07 -9.46
C LYS C 292 18.90 -2.94 -10.30
N THR C 293 19.27 -4.01 -11.00
CA THR C 293 20.49 -4.01 -11.80
C THR C 293 20.18 -4.10 -13.29
N THR C 294 21.16 -3.78 -14.14
CA THR C 294 20.98 -3.83 -15.59
C THR C 294 22.29 -3.58 -16.35
N PRO C 295 22.39 -4.05 -17.61
CA PRO C 295 23.63 -3.81 -18.35
C PRO C 295 23.87 -2.33 -18.51
N ASP C 296 25.14 -1.93 -18.51
CA ASP C 296 25.50 -0.52 -18.68
C ASP C 296 25.00 -0.15 -20.05
N PRO C 297 24.17 0.88 -20.15
CA PRO C 297 23.63 1.31 -21.44
C PRO C 297 24.65 1.83 -22.47
N SER C 298 25.62 2.62 -22.04
CA SER C 298 26.62 3.16 -22.95
C SER C 298 27.60 2.08 -23.42
N ALA C 299 27.31 0.84 -23.05
CA ALA C 299 28.16 -0.29 -23.42
C ALA C 299 27.53 -1.15 -24.52
N ASN C 300 26.28 -0.85 -24.84
CA ASN C 300 25.57 -1.58 -25.87
C ASN C 300 26.24 -1.57 -27.24
N ILE C 301 26.58 -2.76 -27.73
CA ILE C 301 27.20 -2.94 -29.03
C ILE C 301 26.12 -3.43 -29.99
N SER C 302 26.53 -3.83 -31.19
CA SER C 302 25.61 -4.30 -32.21
C SER C 302 26.20 -5.32 -33.20
N LEU C 303 25.46 -6.40 -33.38
CA LEU C 303 25.85 -7.47 -34.29
C LEU C 303 24.77 -7.48 -35.37
N ASP C 304 25.14 -7.15 -36.61
CA ASP C 304 24.20 -7.12 -37.73
C ASP C 304 23.06 -6.12 -37.51
N GLY C 305 23.25 -5.20 -36.57
CA GLY C 305 22.24 -4.21 -36.31
C GLY C 305 21.66 -4.37 -34.91
N VAL C 306 20.90 -5.43 -34.72
CA VAL C 306 20.27 -5.74 -33.43
C VAL C 306 21.07 -5.22 -32.24
N ASP C 307 20.42 -4.43 -31.40
CA ASP C 307 21.09 -3.93 -30.21
C ASP C 307 21.29 -5.12 -29.29
N VAL C 308 22.54 -5.33 -28.89
CA VAL C 308 22.90 -6.40 -27.98
C VAL C 308 23.42 -5.70 -26.72
N PRO C 309 22.74 -5.92 -25.58
CA PRO C 309 23.05 -5.35 -24.27
C PRO C 309 24.18 -6.10 -23.53
N LEU C 310 25.36 -6.18 -24.14
CA LEU C 310 26.49 -6.87 -23.54
C LEU C 310 27.28 -6.00 -22.56
N GLY C 311 26.68 -4.91 -22.12
CA GLY C 311 27.37 -4.02 -21.20
C GLY C 311 27.37 -4.53 -19.78
N THR C 312 28.56 -4.68 -19.21
CA THR C 312 28.70 -5.13 -17.83
C THR C 312 27.59 -4.54 -16.95
N GLY C 313 27.09 -5.38 -16.04
CA GLY C 313 26.03 -5.00 -15.11
C GLY C 313 26.22 -3.69 -14.39
N ILE C 314 25.13 -2.94 -14.28
CA ILE C 314 25.11 -1.62 -13.65
C ILE C 314 23.88 -1.45 -12.77
N SER C 315 23.95 -0.55 -11.80
CA SER C 315 22.78 -0.33 -10.95
C SER C 315 21.82 0.64 -11.63
N SER C 316 20.57 0.24 -11.82
CA SER C 316 19.61 1.15 -12.44
C SER C 316 19.03 2.13 -11.39
N GLY C 317 18.52 3.26 -11.85
CA GLY C 317 17.97 4.21 -10.91
C GLY C 317 16.53 3.92 -10.53
N VAL C 318 16.19 2.63 -10.43
CA VAL C 318 14.83 2.23 -10.07
C VAL C 318 14.93 1.24 -8.91
N ASN C 319 15.11 1.73 -7.69
CA ASN C 319 15.21 0.78 -6.58
C ASN C 319 14.07 0.79 -5.56
N ASP C 320 13.17 -0.16 -5.76
CA ASP C 320 11.99 -0.39 -4.94
C ASP C 320 11.26 -1.52 -5.63
N THR C 321 11.33 -1.51 -6.95
CA THR C 321 10.72 -2.53 -7.78
C THR C 321 11.06 -3.94 -7.26
N SER C 322 10.14 -4.87 -7.46
CA SER C 322 10.30 -6.26 -7.01
C SER C 322 11.52 -6.97 -7.61
N LEU C 323 11.56 -7.08 -8.94
CA LEU C 323 12.65 -7.71 -9.70
C LEU C 323 14.08 -7.21 -9.41
N LEU C 324 15.01 -8.15 -9.20
CA LEU C 324 16.42 -7.81 -8.97
C LEU C 324 17.12 -7.59 -10.31
N TYR C 325 16.49 -8.05 -11.39
CA TYR C 325 17.03 -7.94 -12.73
C TYR C 325 15.89 -7.79 -13.73
N ASN C 326 16.23 -7.30 -14.93
CA ASN C 326 15.28 -7.08 -16.03
C ASN C 326 14.61 -8.32 -16.57
N GLU C 327 13.60 -8.10 -17.39
CA GLU C 327 12.82 -9.14 -18.02
C GLU C 327 12.10 -8.58 -19.23
N TYR C 328 11.81 -9.44 -20.20
CA TYR C 328 11.09 -9.03 -21.38
C TYR C 328 10.08 -10.11 -21.74
N ILE C 329 8.87 -9.70 -22.05
CA ILE C 329 7.82 -10.65 -22.38
C ILE C 329 7.06 -10.13 -23.58
N VAL C 330 6.90 -10.96 -24.59
CA VAL C 330 6.12 -10.55 -25.74
C VAL C 330 4.89 -11.47 -25.70
N TYR C 331 3.79 -11.05 -26.30
CA TYR C 331 2.59 -11.88 -26.24
C TYR C 331 2.10 -12.46 -27.54
N ASP C 332 2.93 -12.36 -28.58
CA ASP C 332 2.60 -12.92 -29.89
C ASP C 332 3.84 -13.73 -30.18
N ILE C 333 3.67 -14.99 -30.59
CA ILE C 333 4.83 -15.85 -30.86
C ILE C 333 5.72 -15.46 -32.04
N ALA C 334 5.19 -14.63 -32.96
CA ALA C 334 5.94 -14.20 -34.14
C ALA C 334 6.94 -13.05 -33.92
N GLN C 335 7.06 -12.57 -32.68
CA GLN C 335 8.00 -11.48 -32.42
C GLN C 335 9.38 -12.05 -32.12
N VAL C 336 9.50 -13.36 -32.14
CA VAL C 336 10.78 -14.00 -31.83
C VAL C 336 11.39 -14.77 -32.99
N ASN C 337 12.71 -14.69 -33.08
CA ASN C 337 13.45 -15.37 -34.12
C ASN C 337 14.79 -15.90 -33.58
N LEU C 338 14.79 -17.19 -33.25
CA LEU C 338 15.98 -17.87 -32.72
C LEU C 338 17.11 -17.80 -33.72
N LYS C 339 18.31 -17.47 -33.22
CA LYS C 339 19.50 -17.37 -34.06
C LYS C 339 20.54 -18.34 -33.55
N TYR C 340 20.99 -18.09 -32.32
CA TYR C 340 22.03 -18.92 -31.71
C TYR C 340 21.58 -19.80 -30.55
N LEU C 341 22.05 -21.03 -30.57
CA LEU C 341 21.77 -22.02 -29.54
C LEU C 341 23.11 -22.39 -28.94
N LEU C 342 23.28 -22.15 -27.65
CA LEU C 342 24.56 -22.47 -27.01
C LEU C 342 24.55 -23.86 -26.39
N LYS C 343 25.74 -24.33 -26.02
CA LYS C 343 25.90 -25.62 -25.39
C LYS C 343 27.02 -25.40 -24.38
N LEU C 344 26.62 -25.00 -23.17
CA LEU C 344 27.56 -24.69 -22.10
C LEU C 344 27.49 -25.62 -20.90
N LYS C 345 28.58 -25.70 -20.14
CA LYS C 345 28.63 -26.58 -18.99
C LYS C 345 28.84 -25.91 -17.64
N PHE C 346 27.84 -26.05 -16.79
CA PHE C 346 27.87 -25.47 -15.47
C PHE C 346 28.92 -26.15 -14.63
N ASN C 347 29.49 -25.40 -13.70
CA ASN C 347 30.52 -25.88 -12.80
C ASN C 347 29.95 -25.49 -11.44
N PHE C 348 29.20 -26.41 -10.84
CA PHE C 348 28.50 -26.16 -9.59
C PHE C 348 29.27 -26.04 -8.30
N LYS C 349 28.59 -25.42 -7.35
CA LYS C 349 29.10 -25.20 -6.01
C LYS C 349 28.00 -25.67 -5.04
N THR C 350 27.49 -26.88 -5.28
CA THR C 350 26.42 -27.49 -4.46
C THR C 350 26.99 -28.53 -3.48
N LYS D 1 -30.62 42.36 39.34
CA LYS D 1 -29.98 42.33 37.99
C LYS D 1 -29.05 41.12 37.84
N SER D 2 -28.37 40.75 38.92
CA SER D 2 -27.47 39.62 38.87
C SER D 2 -26.92 39.24 40.23
N LYS D 3 -26.10 38.18 40.24
CA LYS D 3 -25.49 37.68 41.46
C LYS D 3 -24.35 36.71 41.17
N LEU D 4 -24.42 36.06 40.01
CA LEU D 4 -23.42 35.10 39.59
C LEU D 4 -22.02 35.62 39.87
N PRO D 5 -21.15 34.76 40.41
CA PRO D 5 -19.77 35.14 40.72
C PRO D 5 -19.11 35.80 39.51
N LYS D 6 -18.03 36.55 39.73
CA LYS D 6 -17.35 37.22 38.63
C LYS D 6 -17.01 36.26 37.49
N PRO D 7 -16.43 35.10 37.82
CA PRO D 7 -16.08 34.13 36.78
C PRO D 7 -17.27 33.68 35.92
N VAL D 8 -18.45 33.63 36.52
CA VAL D 8 -19.65 33.22 35.80
C VAL D 8 -20.07 34.30 34.81
N GLN D 9 -19.92 35.56 35.22
CA GLN D 9 -20.27 36.70 34.39
C GLN D 9 -19.35 36.71 33.17
N ASP D 10 -18.04 36.72 33.44
CA ASP D 10 -17.02 36.74 32.40
C ASP D 10 -17.28 35.59 31.43
N LEU D 11 -18.31 34.79 31.70
CA LEU D 11 -18.66 33.65 30.86
C LEU D 11 -19.97 33.85 30.12
N ILE D 12 -21.05 34.11 30.85
CA ILE D 12 -22.37 34.29 30.25
C ILE D 12 -22.35 35.23 29.04
N LYS D 13 -21.44 36.21 29.09
CA LYS D 13 -21.31 37.19 28.03
C LYS D 13 -20.62 36.62 26.80
N MET D 14 -19.44 36.05 27.00
CA MET D 14 -18.65 35.44 25.93
C MET D 14 -19.53 34.55 25.08
N ILE D 15 -20.47 33.88 25.74
CA ILE D 15 -21.38 32.98 25.07
C ILE D 15 -22.35 33.74 24.14
N PHE D 16 -22.79 34.92 24.56
CA PHE D 16 -23.73 35.68 23.76
C PHE D 16 -23.16 36.95 23.13
N ASP D 17 -21.85 37.14 23.24
CA ASP D 17 -21.17 38.30 22.68
C ASP D 17 -21.45 38.34 21.18
N VAL D 18 -22.55 39.00 20.80
CA VAL D 18 -22.97 39.12 19.41
C VAL D 18 -21.89 39.83 18.59
N GLU D 19 -21.02 40.55 19.29
CA GLU D 19 -19.94 41.26 18.63
C GLU D 19 -19.00 40.26 18.00
N SER D 20 -18.32 39.48 18.83
CA SER D 20 -17.37 38.48 18.37
C SER D 20 -17.97 37.59 17.28
N MET D 21 -19.19 37.10 17.51
CA MET D 21 -19.86 36.25 16.54
C MET D 21 -19.77 36.78 15.11
N LYS D 22 -19.51 38.08 14.97
CA LYS D 22 -19.38 38.72 13.66
C LYS D 22 -17.95 38.62 13.17
N LYS D 23 -17.02 39.04 14.04
CA LYS D 23 -15.61 39.00 13.71
C LYS D 23 -15.24 37.58 13.28
N ALA D 24 -16.08 36.62 13.66
CA ALA D 24 -15.86 35.21 13.32
C ALA D 24 -16.34 34.89 11.92
N MET D 25 -17.56 35.32 11.60
CA MET D 25 -18.10 35.09 10.27
C MET D 25 -17.21 35.81 9.26
N VAL D 26 -16.50 36.83 9.76
CA VAL D 26 -15.59 37.62 8.94
C VAL D 26 -14.38 36.78 8.61
N GLU D 27 -13.84 36.09 9.61
CA GLU D 27 -12.66 35.24 9.45
C GLU D 27 -12.76 34.27 8.28
N TYR D 28 -13.99 33.86 7.97
CA TYR D 28 -14.25 32.93 6.88
C TYR D 28 -14.51 33.63 5.55
N GLU D 29 -14.34 34.96 5.56
CA GLU D 29 -14.51 35.79 4.37
C GLU D 29 -15.95 35.92 3.92
N ILE D 30 -16.87 36.11 4.85
CA ILE D 30 -18.27 36.24 4.49
C ILE D 30 -18.64 37.69 4.23
N ASP D 31 -19.56 37.90 3.29
CA ASP D 31 -20.05 39.24 2.96
C ASP D 31 -21.16 39.54 3.94
N LEU D 32 -20.77 39.93 5.16
CA LEU D 32 -21.70 40.24 6.22
C LEU D 32 -22.72 41.31 5.82
N GLN D 33 -22.74 41.63 4.53
CA GLN D 33 -23.67 42.62 4.00
C GLN D 33 -24.79 41.93 3.24
N LYS D 34 -24.84 40.60 3.35
CA LYS D 34 -25.86 39.78 2.71
C LYS D 34 -26.07 38.49 3.50
N MET D 35 -25.22 38.26 4.48
CA MET D 35 -25.30 37.06 5.31
C MET D 35 -24.95 37.38 6.77
N PRO D 36 -25.77 38.20 7.43
CA PRO D 36 -25.55 38.58 8.83
C PRO D 36 -26.11 37.54 9.80
N LEU D 37 -25.68 37.62 11.07
CA LEU D 37 -26.15 36.70 12.10
C LEU D 37 -27.67 36.58 12.04
N GLY D 38 -28.31 37.66 11.61
CA GLY D 38 -29.76 37.70 11.54
C GLY D 38 -30.41 36.80 10.52
N LYS D 39 -29.69 36.41 9.49
CA LYS D 39 -30.27 35.53 8.46
C LYS D 39 -29.56 34.18 8.36
N LEU D 40 -29.01 33.73 9.47
CA LEU D 40 -28.33 32.44 9.56
C LEU D 40 -29.39 31.37 9.80
N SER D 41 -28.99 30.11 9.71
CA SER D 41 -29.93 29.01 9.92
C SER D 41 -29.31 27.64 9.66
N LYS D 42 -29.70 26.67 10.47
CA LYS D 42 -29.22 25.31 10.31
C LYS D 42 -29.60 24.88 8.91
N ARG D 43 -30.90 24.88 8.65
CA ARG D 43 -31.43 24.47 7.36
C ARG D 43 -30.71 25.09 6.16
N GLN D 44 -30.06 26.23 6.36
CA GLN D 44 -29.33 26.86 5.26
C GLN D 44 -27.93 26.26 5.19
N ILE D 45 -27.25 26.30 6.32
CA ILE D 45 -25.90 25.76 6.41
C ILE D 45 -25.97 24.33 5.90
N GLN D 46 -27.03 23.64 6.26
CA GLN D 46 -27.22 22.26 5.83
C GLN D 46 -27.15 22.13 4.32
N ALA D 47 -27.78 23.07 3.62
CA ALA D 47 -27.78 23.05 2.16
C ALA D 47 -26.36 23.29 1.70
N ALA D 48 -25.63 24.06 2.49
CA ALA D 48 -24.24 24.37 2.17
C ALA D 48 -23.46 23.06 2.28
N TYR D 49 -23.64 22.38 3.41
CA TYR D 49 -22.99 21.09 3.67
C TYR D 49 -23.23 20.08 2.56
N SER D 50 -24.49 19.99 2.13
CA SER D 50 -24.88 19.07 1.08
C SER D 50 -24.20 19.39 -0.25
N ILE D 51 -24.05 20.67 -0.56
CA ILE D 51 -23.39 21.04 -1.81
C ILE D 51 -21.98 20.48 -1.78
N LEU D 52 -21.35 20.57 -0.60
CA LEU D 52 -19.99 20.10 -0.38
C LEU D 52 -19.79 18.62 -0.66
N SER D 53 -20.80 17.82 -0.39
CA SER D 53 -20.71 16.38 -0.61
C SER D 53 -20.88 16.05 -2.09
N GLU D 54 -21.74 16.81 -2.74
CA GLU D 54 -21.99 16.62 -4.17
C GLU D 54 -20.76 17.05 -4.94
N VAL D 55 -19.73 17.48 -4.21
CA VAL D 55 -18.48 17.91 -4.78
C VAL D 55 -17.40 16.88 -4.45
N GLN D 56 -17.65 16.05 -3.43
CA GLN D 56 -16.70 15.01 -3.07
C GLN D 56 -16.87 13.92 -4.13
N GLN D 57 -18.12 13.55 -4.39
CA GLN D 57 -18.44 12.53 -5.38
C GLN D 57 -18.10 13.09 -6.76
N ALA D 58 -17.86 14.40 -6.81
CA ALA D 58 -17.54 15.06 -8.06
C ALA D 58 -16.13 14.67 -8.51
N VAL D 59 -15.13 15.21 -7.84
CA VAL D 59 -13.74 14.91 -8.19
C VAL D 59 -13.48 13.42 -8.20
N SER D 60 -13.84 12.75 -7.11
CA SER D 60 -13.64 11.31 -6.98
C SER D 60 -14.06 10.54 -8.21
N GLN D 61 -15.33 10.66 -8.62
CA GLN D 61 -15.81 9.96 -9.81
C GLN D 61 -15.23 10.60 -11.07
N GLY D 62 -14.55 11.73 -10.90
CA GLY D 62 -13.99 12.42 -12.03
C GLY D 62 -15.14 13.11 -12.75
N SER D 63 -15.22 14.43 -12.60
CA SER D 63 -16.30 15.20 -13.21
C SER D 63 -15.78 16.32 -14.11
N SER D 64 -16.56 16.65 -15.14
CA SER D 64 -16.23 17.70 -16.09
C SER D 64 -16.01 19.03 -15.38
N ASP D 65 -15.01 19.78 -15.82
CA ASP D 65 -14.74 21.08 -15.21
C ASP D 65 -16.03 21.88 -15.13
N SER D 66 -16.92 21.66 -16.10
CA SER D 66 -18.21 22.34 -16.11
C SER D 66 -18.92 22.04 -14.80
N GLN D 67 -19.10 20.76 -14.51
CA GLN D 67 -19.77 20.36 -13.28
C GLN D 67 -19.01 20.87 -12.05
N ILE D 68 -17.69 20.65 -12.03
CA ILE D 68 -16.90 21.11 -10.91
C ILE D 68 -17.14 22.59 -10.72
N LEU D 69 -17.19 23.33 -11.83
CA LEU D 69 -17.41 24.75 -11.80
C LEU D 69 -18.79 25.16 -11.30
N ASP D 70 -19.85 24.60 -11.88
CA ASP D 70 -21.20 24.95 -11.47
C ASP D 70 -21.30 24.85 -9.95
N LEU D 71 -21.04 23.65 -9.45
CA LEU D 71 -21.11 23.35 -8.02
C LEU D 71 -20.49 24.47 -7.20
N SER D 72 -19.20 24.73 -7.44
CA SER D 72 -18.49 25.76 -6.72
C SER D 72 -19.23 27.09 -6.77
N ASN D 73 -19.93 27.35 -7.86
CA ASN D 73 -20.67 28.60 -7.98
C ASN D 73 -21.92 28.65 -7.11
N ARG D 74 -22.66 27.54 -7.06
CA ARG D 74 -23.85 27.52 -6.23
C ARG D 74 -23.45 27.73 -4.76
N PHE D 75 -22.39 27.04 -4.36
CA PHE D 75 -21.91 27.14 -2.99
C PHE D 75 -21.61 28.58 -2.61
N TYR D 76 -20.95 29.29 -3.50
CA TYR D 76 -20.59 30.68 -3.22
C TYR D 76 -21.78 31.61 -3.41
N THR D 77 -22.95 31.04 -3.69
CA THR D 77 -24.16 31.83 -3.87
C THR D 77 -25.03 31.67 -2.64
N LEU D 78 -25.24 30.43 -2.21
CA LEU D 78 -26.07 30.17 -1.04
C LEU D 78 -25.31 30.57 0.22
N ILE D 79 -24.03 30.84 0.05
CA ILE D 79 -23.15 31.26 1.14
C ILE D 79 -22.24 32.32 0.57
N PRO D 80 -22.70 33.57 0.53
CA PRO D 80 -21.92 34.70 0.02
C PRO D 80 -20.56 34.86 0.67
N HIS D 81 -19.58 35.27 -0.12
CA HIS D 81 -18.23 35.48 0.37
C HIS D 81 -17.74 36.88 -0.04
N ASP D 82 -16.89 37.47 0.79
CA ASP D 82 -16.36 38.80 0.51
C ASP D 82 -14.85 38.68 0.42
N PHE D 83 -14.37 38.44 -0.80
CA PHE D 83 -12.94 38.29 -1.04
C PHE D 83 -12.24 39.65 -1.25
N GLY D 84 -12.93 40.56 -1.94
CA GLY D 84 -12.36 41.86 -2.21
C GLY D 84 -12.30 42.07 -3.71
N MET D 85 -11.09 41.94 -4.28
CA MET D 85 -10.90 42.06 -5.72
C MET D 85 -9.98 40.92 -6.11
N LYS D 86 -10.07 39.84 -5.35
CA LYS D 86 -9.27 38.64 -5.58
C LYS D 86 -10.17 37.51 -6.08
N LYS D 87 -9.61 36.70 -6.97
CA LYS D 87 -10.33 35.56 -7.57
C LYS D 87 -10.76 34.54 -6.53
N PRO D 88 -12.07 34.20 -6.51
CA PRO D 88 -12.62 33.22 -5.58
C PRO D 88 -11.93 31.87 -5.72
N PRO D 89 -11.38 31.35 -4.61
CA PRO D 89 -10.68 30.06 -4.61
C PRO D 89 -11.48 28.94 -5.28
N LEU D 90 -10.80 27.83 -5.56
CA LEU D 90 -11.42 26.70 -6.22
C LEU D 90 -11.82 25.63 -5.20
N LEU D 91 -12.86 24.87 -5.51
CA LEU D 91 -13.34 23.81 -4.63
C LEU D 91 -13.32 22.44 -5.32
N ASN D 92 -12.11 21.94 -5.58
CA ASN D 92 -11.93 20.65 -6.23
C ASN D 92 -10.55 20.12 -5.87
N ASN D 93 -10.14 20.36 -4.63
CA ASN D 93 -8.83 19.94 -4.16
C ASN D 93 -8.87 19.11 -2.88
N ALA D 94 -10.07 18.72 -2.46
CA ALA D 94 -10.23 17.91 -1.24
C ALA D 94 -9.80 18.69 0.00
N ASP D 95 -8.64 19.34 -0.10
CA ASP D 95 -8.10 20.16 0.99
C ASP D 95 -8.97 21.39 1.00
N SER D 96 -9.22 21.91 -0.19
CA SER D 96 -10.05 23.08 -0.41
C SER D 96 -11.39 22.90 0.28
N VAL D 97 -12.11 21.85 -0.10
CA VAL D 97 -13.42 21.56 0.49
C VAL D 97 -13.35 21.38 2.00
N GLN D 98 -12.38 20.58 2.47
CA GLN D 98 -12.21 20.33 3.90
C GLN D 98 -12.14 21.64 4.66
N ALA D 99 -11.56 22.65 4.02
CA ALA D 99 -11.44 23.96 4.63
C ALA D 99 -12.85 24.47 4.86
N LYS D 100 -13.69 24.31 3.83
CA LYS D 100 -15.09 24.74 3.88
C LYS D 100 -15.86 23.95 4.93
N VAL D 101 -15.59 22.66 5.02
CA VAL D 101 -16.27 21.84 6.01
C VAL D 101 -15.97 22.40 7.39
N GLU D 102 -14.70 22.67 7.67
CA GLU D 102 -14.38 23.22 8.97
C GLU D 102 -15.18 24.49 9.17
N MET D 103 -15.27 25.30 8.10
CA MET D 103 -16.00 26.55 8.18
C MET D 103 -17.46 26.31 8.48
N LEU D 104 -18.12 25.60 7.57
CA LEU D 104 -19.54 25.32 7.75
C LEU D 104 -19.83 24.75 9.12
N ASP D 105 -18.88 23.97 9.64
CA ASP D 105 -19.02 23.35 10.94
C ASP D 105 -19.08 24.35 12.07
N ASN D 106 -18.05 25.19 12.19
CA ASN D 106 -18.01 26.17 13.27
C ASN D 106 -19.19 27.13 13.21
N LEU D 107 -19.84 27.18 12.06
CA LEU D 107 -21.00 28.04 11.86
C LEU D 107 -22.21 27.50 12.62
N LEU D 108 -22.60 26.27 12.30
CA LEU D 108 -23.75 25.61 12.92
C LEU D 108 -24.07 26.16 14.30
N ASP D 109 -23.11 26.12 15.20
CA ASP D 109 -23.30 26.63 16.54
C ASP D 109 -23.74 28.08 16.55
N ILE D 110 -23.05 28.92 15.80
CA ILE D 110 -23.37 30.34 15.75
C ILE D 110 -24.84 30.62 15.52
N GLU D 111 -25.43 30.00 14.51
CA GLU D 111 -26.84 30.19 14.21
C GLU D 111 -27.69 30.05 15.47
N VAL D 112 -27.20 29.27 16.43
CA VAL D 112 -27.93 29.06 17.67
C VAL D 112 -27.91 30.27 18.60
N ALA D 113 -26.77 30.50 19.25
CA ALA D 113 -26.62 31.61 20.19
C ALA D 113 -27.40 32.87 19.80
N TYR D 114 -27.49 33.15 18.52
CA TYR D 114 -28.23 34.33 18.07
C TYR D 114 -29.73 34.07 18.07
N SER D 115 -30.19 33.23 17.14
CA SER D 115 -31.61 32.88 17.04
C SER D 115 -32.16 32.50 18.41
N LEU D 116 -31.29 31.97 19.25
CA LEU D 116 -31.64 31.55 20.60
C LEU D 116 -31.73 32.77 21.51
N LEU D 117 -31.01 33.82 21.14
CA LEU D 117 -30.99 35.04 21.94
C LEU D 117 -31.82 36.17 21.34
N ARG D 118 -32.11 36.08 20.05
CA ARG D 118 -32.90 37.11 19.37
C ARG D 118 -34.33 37.18 19.93
N GLY D 119 -34.48 36.78 21.19
CA GLY D 119 -35.78 36.79 21.83
C GLY D 119 -35.72 36.33 23.27
N GLY D 120 -36.89 36.32 23.92
CA GLY D 120 -36.96 35.89 25.31
C GLY D 120 -36.77 37.04 26.28
N SER D 121 -36.60 38.23 25.74
CA SER D 121 -36.40 39.44 26.55
C SER D 121 -37.67 40.27 26.70
N ASP D 122 -38.49 39.92 27.67
CA ASP D 122 -39.74 40.64 27.92
C ASP D 122 -40.00 40.75 29.42
N ASP D 123 -40.25 39.61 30.05
CA ASP D 123 -40.50 39.57 31.49
C ASP D 123 -39.30 40.20 32.19
N SER D 124 -39.37 41.49 32.45
CA SER D 124 -38.29 42.20 33.12
C SER D 124 -37.78 41.44 34.34
N SER D 125 -36.72 40.65 34.13
CA SER D 125 -36.13 39.85 35.19
C SER D 125 -34.93 40.59 35.80
N LYS D 126 -33.74 40.14 35.43
CA LYS D 126 -32.49 40.72 35.91
C LYS D 126 -31.61 41.13 34.74
N ASP D 127 -30.38 41.57 35.03
CA ASP D 127 -29.43 41.99 34.00
C ASP D 127 -29.41 40.98 32.86
N PRO D 128 -29.17 41.45 31.64
CA PRO D 128 -29.13 40.60 30.43
C PRO D 128 -28.64 39.17 30.65
N ILE D 129 -27.58 39.00 31.44
CA ILE D 129 -27.03 37.69 31.73
C ILE D 129 -28.06 36.69 32.28
N ASP D 130 -28.81 37.11 33.29
CA ASP D 130 -29.82 36.26 33.91
C ASP D 130 -30.88 35.77 32.93
N VAL D 131 -31.33 36.65 32.04
CA VAL D 131 -32.36 36.27 31.07
C VAL D 131 -31.82 35.27 30.06
N ASN D 132 -30.50 35.23 29.88
CA ASN D 132 -29.89 34.30 28.95
C ASN D 132 -29.45 33.06 29.73
N TYR D 133 -28.62 33.27 30.74
CA TYR D 133 -28.14 32.19 31.58
C TYR D 133 -29.31 31.25 31.86
N GLU D 134 -30.47 31.82 32.17
CA GLU D 134 -31.65 31.02 32.47
C GLU D 134 -32.03 30.07 31.33
N LYS D 135 -31.91 30.53 30.09
CA LYS D 135 -32.26 29.69 28.95
C LYS D 135 -31.18 28.67 28.62
N LEU D 136 -30.04 28.77 29.30
CA LEU D 136 -28.94 27.83 29.07
C LEU D 136 -29.40 26.43 29.43
N LYS D 137 -30.36 26.36 30.35
CA LYS D 137 -30.86 25.08 30.79
C LYS D 137 -29.65 24.27 31.23
N THR D 138 -28.72 24.95 31.88
CA THR D 138 -27.50 24.30 32.35
C THR D 138 -27.05 24.92 33.68
N ASP D 139 -27.33 24.21 34.78
CA ASP D 139 -26.95 24.67 36.10
C ASP D 139 -25.44 24.83 36.11
N ILE D 140 -24.96 26.02 35.78
CA ILE D 140 -23.51 26.26 35.76
C ILE D 140 -22.95 26.22 37.18
N LYS D 141 -23.20 25.12 37.88
CA LYS D 141 -22.72 24.93 39.24
C LYS D 141 -21.29 25.46 39.35
N VAL D 142 -20.93 26.00 40.50
CA VAL D 142 -19.60 26.54 40.70
C VAL D 142 -18.70 25.57 41.45
N VAL D 143 -17.42 25.60 41.12
CA VAL D 143 -16.44 24.74 41.77
C VAL D 143 -15.36 25.61 42.39
N ASP D 144 -14.77 25.12 43.48
CA ASP D 144 -13.71 25.84 44.19
C ASP D 144 -12.36 25.27 43.77
N ARG D 145 -11.36 26.14 43.62
CA ARG D 145 -10.05 25.67 43.20
C ARG D 145 -9.24 25.14 44.39
N ASP D 146 -9.86 25.09 45.56
CA ASP D 146 -9.22 24.59 46.77
C ASP D 146 -10.18 23.81 47.66
N SER D 147 -10.72 22.72 47.12
CA SER D 147 -11.66 21.88 47.86
C SER D 147 -11.34 20.40 47.68
N GLU D 148 -11.87 19.82 46.61
CA GLU D 148 -11.63 18.41 46.32
C GLU D 148 -11.72 18.10 44.82
N GLU D 149 -12.91 18.18 44.25
CA GLU D 149 -13.09 17.91 42.83
C GLU D 149 -12.01 18.57 41.98
N ALA D 150 -11.96 19.90 42.02
CA ALA D 150 -10.99 20.65 41.25
C ALA D 150 -9.57 20.15 41.49
N GLU D 151 -9.26 19.79 42.73
CA GLU D 151 -7.92 19.32 43.09
C GLU D 151 -7.39 18.38 42.01
N ILE D 152 -8.22 17.45 41.58
CA ILE D 152 -7.82 16.49 40.55
C ILE D 152 -7.71 17.14 39.18
N ILE D 153 -8.77 17.86 38.79
CA ILE D 153 -8.80 18.55 37.50
C ILE D 153 -7.49 19.28 37.25
N ARG D 154 -6.86 19.70 38.34
CA ARG D 154 -5.58 20.41 38.26
C ARG D 154 -4.59 19.49 37.57
N LYS D 155 -4.42 18.29 38.13
CA LYS D 155 -3.50 17.28 37.60
C LYS D 155 -3.70 17.00 36.12
N TYR D 156 -4.94 16.79 35.72
CA TYR D 156 -5.26 16.50 34.34
C TYR D 156 -4.52 17.43 33.37
N VAL D 157 -5.03 18.66 33.23
CA VAL D 157 -4.44 19.66 32.35
C VAL D 157 -2.92 19.59 32.28
N LYS D 158 -2.28 19.75 33.42
CA LYS D 158 -0.82 19.74 33.52
C LYS D 158 -0.10 18.61 32.80
N ASN D 159 -0.60 17.40 32.99
CA ASN D 159 0.04 16.24 32.38
C ASN D 159 -0.38 15.90 30.96
N THR D 160 -1.68 15.94 30.68
CA THR D 160 -2.17 15.61 29.35
C THR D 160 -1.81 16.65 28.29
N HIS D 161 -0.61 17.21 28.36
CA HIS D 161 -0.21 18.20 27.37
C HIS D 161 1.01 17.76 26.55
N ALA D 162 0.77 17.46 25.29
CA ALA D 162 1.79 16.99 24.35
C ALA D 162 3.06 17.81 24.19
N THR D 163 4.15 17.12 23.88
CA THR D 163 5.46 17.72 23.67
C THR D 163 5.52 18.47 22.32
N THR D 164 4.66 18.09 21.38
CA THR D 164 4.67 18.74 20.08
C THR D 164 3.90 20.05 20.02
N HIS D 165 3.22 20.39 21.10
CA HIS D 165 2.45 21.62 21.13
C HIS D 165 3.15 22.67 22.01
N ASN D 166 4.43 22.90 21.74
CA ASN D 166 5.20 23.86 22.51
C ASN D 166 5.24 25.22 21.83
N ALA D 167 4.12 25.61 21.23
CA ALA D 167 4.01 26.91 20.57
C ALA D 167 3.24 27.86 21.49
N TYR D 168 2.88 27.33 22.67
CA TYR D 168 2.15 28.09 23.68
C TYR D 168 2.09 27.27 24.96
N ASP D 169 1.34 27.75 25.94
CA ASP D 169 1.22 27.03 27.19
C ASP D 169 -0.09 27.38 27.90
N LEU D 170 -0.50 26.53 28.84
CA LEU D 170 -1.74 26.73 29.56
C LEU D 170 -1.57 27.38 30.93
N GLU D 171 -2.71 27.62 31.60
CA GLU D 171 -2.73 28.23 32.92
C GLU D 171 -4.15 28.18 33.49
N VAL D 172 -4.44 27.14 34.25
CA VAL D 172 -5.75 26.94 34.86
C VAL D 172 -6.31 28.24 35.44
N ILE D 173 -7.58 28.52 35.15
CA ILE D 173 -8.21 29.72 35.66
C ILE D 173 -9.61 29.51 36.20
N ASP D 174 -10.50 28.93 35.39
CA ASP D 174 -11.87 28.72 35.84
C ASP D 174 -12.47 27.33 35.60
N ILE D 175 -12.98 26.75 36.68
CA ILE D 175 -13.60 25.43 36.65
C ILE D 175 -15.06 25.62 37.06
N PHE D 176 -15.99 25.11 36.26
CA PHE D 176 -17.40 25.25 36.57
C PHE D 176 -18.15 23.95 36.33
N LYS D 177 -18.72 23.38 37.39
CA LYS D 177 -19.46 22.12 37.27
C LYS D 177 -20.74 22.28 36.46
N ILE D 178 -20.57 22.42 35.15
CA ILE D 178 -21.72 22.57 34.26
C ILE D 178 -22.56 21.30 34.26
N GLU D 179 -23.87 21.47 34.19
CA GLU D 179 -24.80 20.35 34.18
C GLU D 179 -25.99 20.63 33.27
N ARG D 180 -25.98 20.03 32.09
CA ARG D 180 -27.03 20.21 31.10
C ARG D 180 -28.46 20.14 31.64
N GLU D 181 -29.43 20.28 30.74
CA GLU D 181 -30.84 20.25 31.10
C GLU D 181 -31.43 18.86 31.17
N GLY D 182 -30.98 18.07 32.15
CA GLY D 182 -31.50 16.73 32.31
C GLY D 182 -30.92 15.70 31.34
N GLU D 183 -29.69 15.95 30.90
CA GLU D 183 -29.04 15.02 29.99
C GLU D 183 -28.70 13.79 30.81
N CYS D 184 -29.12 13.82 32.07
CA CYS D 184 -28.92 12.73 33.03
C CYS D 184 -29.75 11.52 32.63
N GLN D 185 -31.06 11.69 32.59
CA GLN D 185 -31.95 10.59 32.21
C GLN D 185 -31.57 10.02 30.84
N ARG D 186 -30.73 10.75 30.11
CA ARG D 186 -30.30 10.33 28.77
C ARG D 186 -29.05 9.46 28.80
N TYR D 187 -28.07 9.87 29.60
CA TYR D 187 -26.81 9.16 29.71
C TYR D 187 -26.82 8.02 30.73
N LYS D 188 -27.98 7.75 31.32
CA LYS D 188 -28.09 6.67 32.31
C LYS D 188 -28.16 5.27 31.69
N PRO D 189 -29.07 5.06 30.72
CA PRO D 189 -29.13 3.73 30.11
C PRO D 189 -27.77 3.37 29.49
N PHE D 190 -26.90 4.38 29.40
CA PHE D 190 -25.57 4.18 28.82
C PHE D 190 -24.50 4.04 29.89
N LYS D 191 -24.85 3.28 30.93
CA LYS D 191 -23.96 2.99 32.03
C LYS D 191 -23.68 1.50 31.90
N GLN D 192 -24.64 0.79 31.33
CA GLN D 192 -24.58 -0.65 31.10
C GLN D 192 -23.28 -1.11 30.42
N LEU D 193 -22.36 -0.18 30.22
CA LEU D 193 -21.08 -0.49 29.58
C LEU D 193 -19.88 -0.06 30.38
N HIS D 194 -18.80 -0.84 30.28
CA HIS D 194 -17.56 -0.51 30.98
C HIS D 194 -16.93 0.64 30.22
N ASN D 195 -15.73 1.06 30.62
CA ASN D 195 -15.03 2.15 29.94
C ASN D 195 -15.65 3.55 30.13
N ARG D 196 -15.61 4.06 31.34
CA ARG D 196 -16.13 5.39 31.64
C ARG D 196 -14.89 6.21 31.95
N ARG D 197 -14.59 7.20 31.13
CA ARG D 197 -13.42 8.01 31.38
C ARG D 197 -13.54 9.44 30.88
N LEU D 198 -12.95 10.36 31.64
CA LEU D 198 -12.96 11.76 31.31
C LEU D 198 -11.89 12.10 30.28
N LEU D 199 -12.32 12.69 29.17
CA LEU D 199 -11.43 13.10 28.09
C LEU D 199 -11.72 14.59 27.80
N TRP D 200 -10.91 15.24 26.97
CA TRP D 200 -11.14 16.65 26.70
C TRP D 200 -12.19 16.92 25.63
N HIS D 201 -12.00 18.01 24.91
CA HIS D 201 -12.87 18.45 23.83
C HIS D 201 -12.93 19.97 23.73
N GLY D 202 -11.96 20.54 23.02
CA GLY D 202 -11.89 21.99 22.85
C GLY D 202 -12.68 22.50 21.66
N SER D 203 -12.89 23.80 21.63
CA SER D 203 -13.65 24.43 20.55
C SER D 203 -13.39 25.93 20.52
N ARG D 204 -14.23 26.65 19.77
CA ARG D 204 -14.11 28.09 19.65
C ARG D 204 -15.09 28.72 20.63
N THR D 205 -14.62 29.68 21.41
CA THR D 205 -15.45 30.37 22.39
C THR D 205 -16.84 30.73 21.87
N THR D 206 -16.91 31.10 20.60
CA THR D 206 -18.17 31.47 19.98
C THR D 206 -19.11 30.27 19.89
N ASN D 207 -18.55 29.09 20.07
CA ASN D 207 -19.33 27.87 19.99
C ASN D 207 -19.94 27.40 21.32
N PHE D 208 -19.18 27.51 22.41
CA PHE D 208 -19.66 27.06 23.71
C PHE D 208 -21.04 27.56 24.13
N ALA D 209 -21.77 28.14 23.18
CA ALA D 209 -23.11 28.66 23.46
C ALA D 209 -24.11 27.52 23.33
N GLY D 210 -24.26 27.01 22.12
CA GLY D 210 -25.20 25.93 21.86
C GLY D 210 -24.71 24.58 22.35
N ILE D 211 -23.47 24.55 22.84
CA ILE D 211 -22.90 23.33 23.35
C ILE D 211 -23.64 23.05 24.64
N LEU D 212 -24.36 24.07 25.13
CA LEU D 212 -25.11 23.92 26.37
C LEU D 212 -26.59 23.83 26.08
N SER D 213 -27.05 24.57 25.07
CA SER D 213 -28.47 24.52 24.72
C SER D 213 -28.87 23.08 24.39
N GLN D 214 -27.99 22.36 23.69
CA GLN D 214 -28.23 20.95 23.36
C GLN D 214 -26.92 20.25 23.03
N GLY D 215 -26.04 20.22 24.03
CA GLY D 215 -24.74 19.60 23.95
C GLY D 215 -24.12 19.06 22.68
N LEU D 216 -22.84 18.67 22.81
CA LEU D 216 -22.08 18.11 21.71
C LEU D 216 -22.96 17.34 20.73
N ARG D 217 -22.95 17.79 19.48
CA ARG D 217 -23.74 17.16 18.43
C ARG D 217 -22.81 16.55 17.40
N ILE D 218 -23.34 15.75 16.50
CA ILE D 218 -22.51 15.14 15.46
C ILE D 218 -22.85 15.71 14.08
N ALA D 219 -21.80 15.95 13.31
CA ALA D 219 -21.95 16.47 11.96
C ALA D 219 -23.28 16.01 11.35
N PRO D 220 -24.21 16.95 11.13
CA PRO D 220 -25.49 16.56 10.55
C PRO D 220 -25.31 15.63 9.35
N PRO D 221 -26.40 14.97 8.93
CA PRO D 221 -26.41 14.03 7.80
C PRO D 221 -25.78 14.54 6.51
N GLU D 222 -26.22 15.71 6.06
CA GLU D 222 -25.73 16.30 4.81
C GLU D 222 -24.24 16.61 4.78
N ALA D 223 -23.53 16.25 5.84
CA ALA D 223 -22.09 16.51 5.91
C ALA D 223 -21.33 15.54 5.02
N PRO D 224 -20.21 16.00 4.43
CA PRO D 224 -19.39 15.16 3.55
C PRO D 224 -18.84 13.96 4.31
N VAL D 225 -18.87 12.80 3.67
CA VAL D 225 -18.40 11.55 4.27
C VAL D 225 -16.93 11.58 4.70
N THR D 226 -16.05 11.89 3.75
CA THR D 226 -14.62 11.96 3.99
C THR D 226 -14.28 13.19 4.83
N GLY D 227 -15.30 13.76 5.47
CA GLY D 227 -15.10 14.95 6.27
C GLY D 227 -14.38 14.67 7.58
N TYR D 228 -14.50 13.45 8.09
CA TYR D 228 -13.86 13.09 9.37
C TYR D 228 -13.00 11.82 9.31
N MET D 229 -11.90 11.79 10.05
CA MET D 229 -11.00 10.63 10.01
C MET D 229 -11.64 9.31 10.46
N PHE D 230 -12.61 9.38 11.36
CA PHE D 230 -13.27 8.17 11.82
C PHE D 230 -14.77 8.30 11.67
N GLY D 231 -15.17 9.26 10.86
CA GLY D 231 -16.57 9.46 10.60
C GLY D 231 -17.25 10.51 11.44
N LYS D 232 -18.50 10.77 11.09
CA LYS D 232 -19.30 11.74 11.79
C LYS D 232 -19.61 11.20 13.19
N GLY D 233 -19.14 11.93 14.21
CA GLY D 233 -19.36 11.51 15.58
C GLY D 233 -18.68 12.50 16.50
N ILE D 234 -18.82 12.30 17.81
CA ILE D 234 -18.24 13.20 18.78
C ILE D 234 -16.81 12.73 19.08
N TYR D 235 -15.85 13.63 18.91
CA TYR D 235 -14.42 13.34 19.08
C TYR D 235 -13.80 13.77 20.41
N PHE D 236 -13.02 12.88 21.03
CA PHE D 236 -12.36 13.18 22.31
C PHE D 236 -10.86 12.85 22.36
N ALA D 237 -10.16 13.52 23.26
CA ALA D 237 -8.72 13.29 23.42
C ALA D 237 -8.30 13.10 24.89
N ASP D 238 -7.19 12.41 25.08
CA ASP D 238 -6.66 12.19 26.42
C ASP D 238 -5.36 13.00 26.51
N MET D 239 -5.33 14.07 25.73
CA MET D 239 -4.20 15.00 25.67
C MET D 239 -4.79 16.41 25.53
N VAL D 240 -4.80 17.16 26.64
CA VAL D 240 -5.35 18.51 26.65
C VAL D 240 -4.91 19.37 25.46
N SER D 241 -3.60 19.54 25.30
CA SER D 241 -3.04 20.32 24.22
C SER D 241 -3.70 20.03 22.88
N LYS D 242 -3.68 18.78 22.46
CA LYS D 242 -4.31 18.35 21.20
C LYS D 242 -5.73 18.91 21.10
N SER D 243 -6.52 18.74 22.16
CA SER D 243 -7.89 19.22 22.15
C SER D 243 -7.93 20.75 22.24
N ALA D 244 -6.86 21.33 22.76
CA ALA D 244 -6.75 22.78 22.87
C ALA D 244 -6.56 23.32 21.46
N ASN D 245 -5.78 22.59 20.67
CA ASN D 245 -5.51 22.93 19.29
C ASN D 245 -6.80 23.15 18.53
N TYR D 246 -7.93 22.86 19.16
CA TYR D 246 -9.21 23.07 18.50
C TYR D 246 -9.94 24.29 19.04
N CYS D 247 -9.18 25.15 19.71
CA CYS D 247 -9.73 26.39 20.26
C CYS D 247 -9.41 27.53 19.30
N HIS D 248 -8.31 27.38 18.57
CA HIS D 248 -7.88 28.37 17.61
C HIS D 248 -7.84 29.75 18.25
N THR D 249 -6.65 30.12 18.74
CA THR D 249 -6.44 31.40 19.40
C THR D 249 -5.15 32.04 18.90
N SER D 250 -5.15 33.36 18.75
CA SER D 250 -3.97 34.08 18.27
C SER D 250 -3.34 34.93 19.38
N GLN D 251 -2.17 35.50 19.08
CA GLN D 251 -1.43 36.32 20.04
C GLN D 251 -2.34 37.34 20.73
N GLY D 252 -3.34 37.82 20.01
CA GLY D 252 -4.25 38.80 20.58
C GLY D 252 -5.53 38.20 21.12
N ASP D 253 -5.42 36.99 21.66
CA ASP D 253 -6.57 36.30 22.22
C ASP D 253 -6.17 34.98 22.88
N PRO D 254 -5.12 35.02 23.73
CA PRO D 254 -4.67 33.80 24.41
C PRO D 254 -5.58 33.50 25.59
N ILE D 255 -6.87 33.37 25.32
CA ILE D 255 -7.84 33.11 26.37
C ILE D 255 -9.13 32.49 25.85
N GLY D 256 -9.07 31.18 25.56
CA GLY D 256 -10.23 30.45 25.09
C GLY D 256 -10.65 29.43 26.14
N LEU D 257 -11.81 28.82 25.96
CA LEU D 257 -12.29 27.84 26.93
C LEU D 257 -12.31 26.42 26.38
N ILE D 258 -12.14 25.45 27.28
CA ILE D 258 -12.14 24.03 26.94
C ILE D 258 -13.24 23.33 27.74
N LEU D 259 -13.39 22.03 27.52
CA LEU D 259 -14.41 21.27 28.21
C LEU D 259 -13.93 19.86 28.57
N LEU D 260 -14.57 19.26 29.58
CA LEU D 260 -14.23 17.93 30.04
C LEU D 260 -15.50 17.12 30.31
N GLY D 261 -15.51 15.87 29.85
CA GLY D 261 -16.67 15.03 30.05
C GLY D 261 -16.39 13.55 29.85
N GLU D 262 -17.30 12.70 30.33
CA GLU D 262 -17.16 11.26 30.21
C GLU D 262 -18.15 10.66 29.23
N VAL D 263 -17.69 9.71 28.44
CA VAL D 263 -18.53 9.03 27.45
C VAL D 263 -18.58 7.52 27.74
N ALA D 264 -19.71 6.91 27.37
CA ALA D 264 -19.88 5.49 27.56
C ALA D 264 -19.19 4.77 26.42
N LEU D 265 -17.87 4.64 26.54
CA LEU D 265 -17.04 3.99 25.52
C LEU D 265 -17.35 2.53 25.27
N GLY D 266 -17.83 1.82 26.28
CA GLY D 266 -18.14 0.40 26.15
C GLY D 266 -16.94 -0.34 25.59
N ASN D 267 -17.18 -1.20 24.60
CA ASN D 267 -16.11 -1.97 23.98
C ASN D 267 -15.62 -1.26 22.74
N MET D 268 -14.50 -0.54 22.89
CA MET D 268 -13.92 0.24 21.82
C MET D 268 -13.19 -0.52 20.74
N TYR D 269 -13.40 -0.07 19.51
CA TYR D 269 -12.80 -0.65 18.30
C TYR D 269 -11.67 0.28 17.86
N GLU D 270 -10.43 -0.05 18.23
CA GLU D 270 -9.27 0.78 17.92
C GLU D 270 -8.56 0.57 16.58
N LEU D 271 -8.50 1.64 15.79
CA LEU D 271 -7.85 1.63 14.49
C LEU D 271 -6.58 2.45 14.60
N LYS D 272 -5.66 2.27 13.66
CA LYS D 272 -4.42 3.02 13.70
C LYS D 272 -4.19 3.65 12.34
N HIS D 273 -5.22 3.56 11.50
CA HIS D 273 -5.19 4.11 10.16
C HIS D 273 -6.55 4.76 9.91
N ALA D 274 -6.58 5.79 9.08
CA ALA D 274 -7.82 6.49 8.79
C ALA D 274 -8.92 5.62 8.19
N SER D 275 -10.14 5.79 8.69
CA SER D 275 -11.28 5.03 8.18
C SER D 275 -12.56 5.81 8.44
N HIS D 276 -13.40 5.92 7.40
CA HIS D 276 -14.66 6.64 7.51
C HIS D 276 -15.77 5.69 7.91
N ILE D 277 -15.70 5.23 9.16
CA ILE D 277 -16.65 4.28 9.73
C ILE D 277 -18.12 4.67 9.59
N SER D 278 -18.94 3.69 9.23
CA SER D 278 -20.38 3.90 9.06
C SER D 278 -21.14 3.08 10.11
N LYS D 279 -20.81 1.80 10.21
CA LYS D 279 -21.44 0.92 11.18
C LYS D 279 -20.35 0.31 12.07
N LEU D 280 -20.62 0.20 13.36
CA LEU D 280 -19.65 -0.37 14.28
C LEU D 280 -19.72 -1.90 14.22
N PRO D 281 -18.58 -2.58 14.35
CA PRO D 281 -18.66 -4.04 14.29
C PRO D 281 -19.59 -4.50 15.43
N LYS D 282 -20.44 -5.50 15.16
CA LYS D 282 -21.35 -6.00 16.19
C LYS D 282 -20.56 -6.30 17.44
N GLY D 283 -21.02 -5.76 18.57
CA GLY D 283 -20.35 -5.98 19.83
C GLY D 283 -19.57 -4.76 20.25
N LYS D 284 -19.18 -3.95 19.28
CA LYS D 284 -18.41 -2.74 19.54
C LYS D 284 -19.33 -1.57 19.88
N HIS D 285 -18.80 -0.60 20.62
CA HIS D 285 -19.61 0.54 21.05
C HIS D 285 -18.98 1.90 20.71
N SER D 286 -17.66 1.99 20.83
CA SER D 286 -16.94 3.21 20.50
C SER D 286 -15.76 2.88 19.57
N VAL D 287 -14.94 3.88 19.26
CA VAL D 287 -13.77 3.68 18.42
C VAL D 287 -12.63 4.48 19.01
N LYS D 288 -11.49 3.84 19.19
CA LYS D 288 -10.30 4.50 19.74
C LYS D 288 -9.25 4.55 18.61
N GLY D 289 -8.45 5.59 18.58
CA GLY D 289 -7.42 5.71 17.56
C GLY D 289 -6.06 5.75 18.21
N LEU D 290 -5.39 4.63 18.22
CA LEU D 290 -4.07 4.52 18.84
C LEU D 290 -3.01 5.46 18.25
N GLY D 291 -2.58 6.42 19.08
CA GLY D 291 -1.57 7.37 18.66
C GLY D 291 -0.19 6.88 19.02
N LYS D 292 0.85 7.63 18.64
CA LYS D 292 2.24 7.24 18.91
C LYS D 292 2.71 7.50 20.35
N THR D 293 1.91 8.25 21.10
CA THR D 293 2.23 8.58 22.48
C THR D 293 0.91 8.52 23.25
N THR D 294 0.96 8.21 24.54
CA THR D 294 -0.27 8.09 25.30
C THR D 294 -0.10 8.23 26.81
N PRO D 295 -1.15 8.71 27.50
CA PRO D 295 -1.09 8.88 28.95
C PRO D 295 -0.63 7.55 29.53
N ASP D 296 0.56 7.55 30.13
CA ASP D 296 1.13 6.35 30.73
C ASP D 296 0.07 5.57 31.51
N PRO D 297 -0.31 4.39 31.00
CA PRO D 297 -1.31 3.50 31.60
C PRO D 297 -0.94 3.03 32.99
N SER D 298 0.37 2.85 33.21
CA SER D 298 0.88 2.39 34.51
C SER D 298 0.37 3.25 35.65
N ALA D 299 0.03 4.50 35.35
CA ALA D 299 -0.45 5.40 36.37
C ALA D 299 -1.64 6.19 35.85
N ASN D 300 -2.75 6.15 36.58
CA ASN D 300 -3.95 6.89 36.21
C ASN D 300 -5.07 6.61 37.20
N ILE D 301 -5.49 7.66 37.90
CA ILE D 301 -6.55 7.57 38.89
C ILE D 301 -7.87 7.06 38.32
N SER D 302 -8.93 7.25 39.11
CA SER D 302 -10.30 6.85 38.75
C SER D 302 -11.14 7.05 40.00
N LEU D 303 -12.43 6.73 39.91
CA LEU D 303 -13.36 6.85 41.03
C LEU D 303 -14.74 7.17 40.47
N ASP D 304 -15.77 6.95 41.27
CA ASP D 304 -17.13 7.22 40.84
C ASP D 304 -17.44 6.46 39.55
N GLY D 305 -16.50 5.62 39.14
CA GLY D 305 -16.66 4.83 37.94
C GLY D 305 -15.75 5.33 36.82
N VAL D 306 -15.84 6.62 36.52
CA VAL D 306 -15.04 7.24 35.48
C VAL D 306 -13.55 7.02 35.67
N ASP D 307 -12.78 7.22 34.61
CA ASP D 307 -11.33 7.02 34.65
C ASP D 307 -10.61 8.26 34.12
N VAL D 308 -9.37 8.47 34.56
CA VAL D 308 -8.59 9.63 34.11
C VAL D 308 -7.15 9.30 33.79
N PRO D 309 -6.78 9.39 32.51
CA PRO D 309 -5.42 9.12 32.01
C PRO D 309 -4.47 10.28 32.32
N LEU D 310 -4.23 10.56 33.61
CA LEU D 310 -3.35 11.66 33.96
C LEU D 310 -1.94 11.26 34.35
N GLY D 311 -1.31 10.44 33.52
CA GLY D 311 0.05 10.01 33.80
C GLY D 311 0.94 10.58 32.71
N THR D 312 2.15 10.99 33.05
CA THR D 312 3.06 11.53 32.06
C THR D 312 2.97 10.72 30.77
N GLY D 313 2.24 11.26 29.81
CA GLY D 313 2.08 10.57 28.53
C GLY D 313 3.41 10.12 27.98
N ILE D 314 3.59 8.80 27.88
CA ILE D 314 4.83 8.24 27.37
C ILE D 314 4.55 7.60 26.01
N SER D 315 5.56 6.94 25.44
CA SER D 315 5.39 6.29 24.16
C SER D 315 4.85 4.86 24.27
N SER D 316 3.75 4.64 23.56
CA SER D 316 3.09 3.34 23.51
C SER D 316 3.88 2.46 22.54
N GLY D 317 3.47 1.21 22.41
CA GLY D 317 4.18 0.32 21.51
C GLY D 317 3.86 0.53 20.03
N VAL D 318 2.64 0.94 19.75
CA VAL D 318 2.17 1.14 18.38
C VAL D 318 3.10 2.06 17.60
N ASN D 319 3.63 1.60 16.46
CA ASN D 319 4.51 2.46 15.66
C ASN D 319 4.22 2.45 14.15
N ASP D 320 3.05 1.95 13.77
CA ASP D 320 2.64 1.89 12.37
C ASP D 320 1.31 2.63 12.25
N THR D 321 1.09 3.57 13.15
CA THR D 321 -0.13 4.36 13.17
C THR D 321 0.08 5.69 12.47
N SER D 322 -1.02 6.33 12.09
CA SER D 322 -0.96 7.61 11.41
C SER D 322 -1.08 8.74 12.43
N LEU D 323 -1.89 8.54 13.45
CA LEU D 323 -2.07 9.56 14.47
C LEU D 323 -0.81 9.70 15.34
N LEU D 324 -0.71 10.86 15.97
CA LEU D 324 0.43 11.15 16.83
C LEU D 324 -0.02 11.02 18.28
N TYR D 325 -1.33 11.19 18.48
CA TYR D 325 -1.95 11.11 19.79
C TYR D 325 -3.30 10.40 19.68
N ASN D 326 -3.83 9.96 20.82
CA ASN D 326 -5.11 9.22 20.82
C ASN D 326 -6.35 10.03 20.46
N GLU D 327 -7.40 9.31 20.12
CA GLU D 327 -8.69 9.88 19.78
C GLU D 327 -9.79 8.90 20.19
N TYR D 328 -10.93 9.43 20.60
CA TYR D 328 -12.05 8.59 21.02
C TYR D 328 -13.28 9.13 20.32
N ILE D 329 -14.04 8.25 19.66
CA ILE D 329 -15.21 8.70 18.96
C ILE D 329 -16.41 7.80 19.22
N VAL D 330 -17.47 8.35 19.80
CA VAL D 330 -18.70 7.60 20.04
C VAL D 330 -19.68 8.14 19.03
N TYR D 331 -20.71 7.36 18.70
CA TYR D 331 -21.68 7.78 17.70
C TYR D 331 -23.14 7.87 18.19
N ASP D 332 -23.34 8.20 19.46
CA ASP D 332 -24.70 8.33 19.97
C ASP D 332 -24.73 9.43 21.01
N ILE D 333 -25.31 10.57 20.66
CA ILE D 333 -25.40 11.71 21.56
C ILE D 333 -25.74 11.30 22.99
N ALA D 334 -26.66 10.33 23.10
CA ALA D 334 -27.12 9.83 24.40
C ALA D 334 -26.09 8.96 25.08
N GLN D 335 -24.87 8.99 24.58
CA GLN D 335 -23.79 8.19 25.11
C GLN D 335 -22.75 9.15 25.68
N VAL D 336 -23.22 10.26 26.23
CA VAL D 336 -22.31 11.26 26.78
C VAL D 336 -23.00 12.30 27.67
N ASN D 337 -22.26 12.79 28.66
CA ASN D 337 -22.75 13.82 29.55
C ASN D 337 -21.57 14.68 29.99
N LEU D 338 -21.76 16.00 29.95
CA LEU D 338 -20.71 16.96 30.32
C LEU D 338 -20.64 17.20 31.82
N LYS D 339 -19.43 17.17 32.37
CA LYS D 339 -19.25 17.37 33.81
C LYS D 339 -18.62 18.69 34.21
N TYR D 340 -17.48 19.03 33.62
CA TYR D 340 -16.83 20.29 33.96
C TYR D 340 -16.46 21.10 32.71
N LEU D 341 -16.42 22.42 32.88
CA LEU D 341 -16.12 23.33 31.77
C LEU D 341 -15.03 24.30 32.16
N LEU D 342 -13.78 23.94 31.92
CA LEU D 342 -12.66 24.80 32.28
C LEU D 342 -12.62 26.09 31.47
N LYS D 343 -11.43 26.70 31.47
CA LYS D 343 -11.15 27.95 30.76
C LYS D 343 -9.83 28.48 31.31
N LEU D 344 -8.86 28.68 30.42
CA LEU D 344 -7.55 29.19 30.82
C LEU D 344 -6.92 29.97 29.68
N LYS D 345 -5.79 30.62 29.96
CA LYS D 345 -5.11 31.40 28.93
C LYS D 345 -4.12 30.58 28.12
N PHE D 346 -3.74 31.11 26.96
CA PHE D 346 -2.81 30.42 26.07
C PHE D 346 -1.46 31.13 25.88
N ASN D 347 -1.16 32.10 26.74
CA ASN D 347 0.09 32.86 26.65
C ASN D 347 1.12 32.18 25.75
N PHE D 348 1.01 32.49 24.45
CA PHE D 348 1.86 31.92 23.42
C PHE D 348 3.33 32.26 23.52
N LYS D 349 4.02 32.04 22.40
CA LYS D 349 5.45 32.31 22.27
C LYS D 349 5.65 33.13 20.98
N THR D 350 5.14 34.36 20.99
CA THR D 350 5.25 35.26 19.85
C THR D 350 6.70 35.43 19.39
C1 CNQ E . -5.22 -20.37 16.32
C2 CNQ E . -4.12 -19.87 15.59
C3 CNQ E . -2.94 -20.63 15.43
C4 CNQ E . -2.84 -21.97 16.04
C5 CNQ E . -3.96 -22.49 16.78
C6 CNQ E . -5.14 -21.68 16.91
N7 CNQ E . -1.86 -20.14 14.71
C8 CNQ E . -0.71 -20.85 14.55
C9 CNQ E . -0.58 -22.14 15.11
N10 CNQ E . -1.65 -22.67 15.84
C11 CNQ E . -3.94 -23.83 17.42
N12 CNQ E . -2.76 -24.20 17.94
O13 CNQ E . -4.88 -24.61 17.50
C14 CNQ E . 0.64 -23.01 14.99
C15 CNQ E . 1.30 -23.08 13.73
C16 CNQ E . 2.46 -23.89 13.55
C17 CNQ E . 2.94 -24.63 14.66
C18 CNQ E . 2.29 -24.59 15.91
C19 CNQ E . 1.14 -23.77 16.06
CL24 CNQ E . 4.32 -25.61 14.47
C1 CNQ F . 1.55 19.87 -18.06
C2 CNQ F . 1.73 19.63 -16.67
C3 CNQ F . 1.88 20.73 -15.77
C4 CNQ F . 1.85 22.11 -16.27
C5 CNQ F . 1.66 22.34 -17.70
C6 CNQ F . 1.52 21.20 -18.55
N7 CNQ F . 2.05 20.49 -14.42
C8 CNQ F . 2.19 21.51 -13.53
C9 CNQ F . 2.18 22.86 -13.96
N10 CNQ F . 2.00 23.12 -15.32
C11 CNQ F . 1.61 23.70 -18.32
N12 CNQ F . 1.69 24.74 -17.47
O13 CNQ F . 1.50 23.96 -19.51
C14 CNQ F . 2.33 24.05 -13.06
C15 CNQ F . 1.31 25.01 -13.05
C16 CNQ F . 1.38 26.18 -12.23
C17 CNQ F . 2.49 26.34 -11.39
C18 CNQ F . 3.54 25.38 -11.35
C19 CNQ F . 3.45 24.22 -12.21
CL24 CNQ F . 2.58 27.73 -10.38
C1 CNQ G . 13.48 -14.22 -17.79
C2 CNQ G . 12.42 -14.25 -16.85
C3 CNQ G . 11.72 -15.45 -16.60
C4 CNQ G . 12.08 -16.68 -17.35
C5 CNQ G . 13.16 -16.64 -18.31
C6 CNQ G . 13.84 -15.40 -18.52
N7 CNQ G . 10.69 -15.50 -15.67
C8 CNQ G . 10.00 -16.66 -15.41
C9 CNQ G . 10.32 -17.86 -16.11
N10 CNQ G . 11.36 -17.83 -17.06
C11 CNQ G . 13.57 -17.85 -19.09
N12 CNQ G . 12.58 -18.70 -19.34
O13 CNQ G . 14.70 -18.12 -19.49
C14 CNQ G . 9.66 -19.17 -15.91
C15 CNQ G . 10.48 -20.33 -15.86
C16 CNQ G . 9.93 -21.62 -15.68
C17 CNQ G . 8.53 -21.75 -15.55
C18 CNQ G . 7.68 -20.61 -15.59
C19 CNQ G . 8.26 -19.32 -15.78
CL24 CNQ G . 7.84 -23.32 -15.33
C1 CNQ H . -9.68 14.89 19.47
C2 CNQ H . -9.75 14.73 18.07
C3 CNQ H . -10.53 15.62 17.30
C4 CNQ H . -11.29 16.70 17.94
C5 CNQ H . -11.21 16.86 19.38
C6 CNQ H . -10.41 15.94 20.11
N7 CNQ H . -10.60 15.47 15.92
C8 CNQ H . -11.34 16.30 15.14
C9 CNQ H . -12.08 17.36 15.73
N10 CNQ H . -12.02 17.54 17.11
C11 CNQ H . -11.92 17.92 20.14
N12 CNQ H . -13.08 18.32 19.60
O13 CNQ H . -11.54 18.44 21.18
C14 CNQ H . -12.91 18.34 14.96
C15 CNQ H . -12.85 19.70 15.33
C16 CNQ H . -13.60 20.69 14.66
C17 CNQ H . -14.43 20.29 13.58
C18 CNQ H . -14.51 18.93 13.18
C19 CNQ H . -13.74 17.96 13.88
CL24 CNQ H . -15.34 21.48 12.75
#